data_7UCF
#
_entry.id   7UCF
#
_cell.length_a   208.958
_cell.length_b   208.958
_cell.length_c   155.914
_cell.angle_alpha   90.000
_cell.angle_beta   90.000
_cell.angle_gamma   120.000
#
_symmetry.space_group_name_H-M   'H 3'
#
loop_
_entity.id
_entity.type
_entity.pdbx_description
1 polymer 'Envelope glycoprotein gp41'
2 polymer 'BG24 Fab heavy chain'
3 polymer 'BG24 light chain'
4 polymer 'Envelope glycoprotein gp120'
5 polymer '10-1074 Fab heavy chain'
6 polymer '10-1074 Fab light chain'
7 branched alpha-L-fucopyranose-(1-6)-2-acetamido-2-deoxy-beta-D-glucopyranose
8 branched 2-acetamido-2-deoxy-beta-D-glucopyranose-(1-4)-2-acetamido-2-deoxy-beta-D-glucopyranose
9 branched alpha-D-mannopyranose-(1-3)-[alpha-D-mannopyranose-(1-6)]beta-D-mannopyranose-(1-4)-2-acetamido-2-deoxy-beta-D-glucopyranose-(1-4)-2-acetamido-2-deoxy-beta-D-glucopyranose
10 branched beta-D-galactopyranose-(1-4)-2-acetamido-2-deoxy-beta-D-glucopyranose-(1-2)-alpha-D-mannopyranose-(1-6)-[alpha-D-mannopyranose-(1-3)]beta-D-mannopyranose-(1-4)-2-acetamido-2-deoxy-beta-D-glucopyranose-(1-4)-2-acetamido-2-deoxy-beta-D-glucopyranose
11 branched alpha-D-mannopyranose-(1-6)-beta-D-mannopyranose-(1-4)-2-acetamido-2-deoxy-beta-D-glucopyranose-(1-4)-2-acetamido-2-deoxy-beta-D-glucopyranose
12 branched alpha-D-mannopyranose-(1-6)-alpha-D-mannopyranose-(1-6)-alpha-D-mannopyranose-(1-6)-beta-D-mannopyranose-(1-4)-2-acetamido-2-deoxy-beta-D-glucopyranose-(1-4)-2-acetamido-2-deoxy-beta-D-glucopyranose
13 branched alpha-D-mannopyranose-(1-2)-alpha-D-mannopyranose
14 branched beta-D-mannopyranose-(1-4)-2-acetamido-2-deoxy-beta-D-glucopyranose-(1-4)-2-acetamido-2-deoxy-beta-D-glucopyranose
15 branched alpha-D-mannopyranose-(1-3)-beta-D-mannopyranose-(1-4)-2-acetamido-2-deoxy-beta-D-glucopyranose-(1-4)-2-acetamido-2-deoxy-beta-D-glucopyranose
16 branched 2-acetamido-2-deoxy-beta-D-glucopyranose-(1-4)-2-acetamido-2-deoxy-beta-D-glucopyranose-(1-4)-2-acetamido-2-deoxy-beta-D-glucopyranose
17 branched alpha-D-mannopyranose-(1-3)-[alpha-D-mannopyranose-(1-6)]alpha-D-mannopyranose-(1-6)-beta-D-mannopyranose-(1-4)-2-acetamido-2-deoxy-beta-D-glucopyranose-(1-4)-2-acetamido-2-deoxy-beta-D-glucopyranose
18 branched alpha-D-mannopyranose-(1-3)-[alpha-D-mannopyranose-(1-6)]alpha-D-mannopyranose-(1-6)-[alpha-D-mannopyranose-(1-3)]beta-D-mannopyranose-(1-4)-2-acetamido-2-deoxy-beta-D-glucopyranose-(1-4)-2-acetamido-2-deoxy-beta-D-glucopyranose
19 branched beta-D-mannopyranose-(1-4)-alpha-D-mannopyranose-(1-6)-[alpha-D-mannopyranose-(1-3)]beta-D-mannopyranose-(1-4)-2-acetamido-2-deoxy-beta-D-glucopyranose-(1-4)-2-acetamido-2-deoxy-beta-D-glucopyranose
20 branched beta-D-mannopyranose-(1-4)-2-acetamido-2-deoxy-beta-D-glucopyranose-(1-4)-[alpha-L-fucopyranose-(1-6)]2-acetamido-2-deoxy-beta-D-glucopyranose
21 non-polymer 2-acetamido-2-deoxy-beta-D-glucopyranose
22 non-polymer alpha-L-fucopyranose
#
loop_
_entity_poly.entity_id
_entity_poly.type
_entity_poly.pdbx_seq_one_letter_code
_entity_poly.pdbx_strand_id
1 'polypeptide(L)'
;AVGIGAVFLGFLGAAGSTMGAASMTLTVQARNLLSGIVQQQSNLLRAPEAQQHLLKLTVWGIKQLQARVLAVERYLRDQQ
LLGIWGCSGKLICCTNVPWNSSWSNRNLSEIWDNMTWLQWDKEISNYTQIIYGLLEESQNQQEKNEQDLLALD
;
B
2 'polypeptide(L)'
;QVQLVQSRAEVKKPGASVKVSCEASGYNFVDHYIHWVRQAPGQRPQWVGWMNPRGGGVNYSQRFQGRVTMTRDTSIDTAY
MQLNRLTSGDTAVYYCATQVKLDSSAGYPFDIWGQGTMVTVSSASTKGPSVFPLAPSSKSTSGGTAALGCLVKDYFPEPV
TVSWNSGALTSGVHTFPAVLQSSGLYSLSSVVTVPSSSLGTQTYICNVNHKPSNTKVDKKVEPKSCDKHHHHHH
;
D
3 'polypeptide(L)'
;QSALTQPRSVSGSPGQSVNISCTGAYSGLGWYQQHPGRAPKLIIYEVNRRPSGVSDRFSGSKSGNTASLTISGLRTEDEA
DYFCSAFEYFGEGTKLTVLSQPKAAPSVTLFPPSSEELQANKATLVCLISDFYPGAVTVAWKADSSPVKAGVETTTPSKQ
SNNKYAASSYLSLTPEQWKSHKSYSCQVTHEGSTVEKTVAPTECS
;
E
4 'polypeptide(L)'
;MDAMKRGLCCVLLLCGAVFVSPAGAGENLWVTVYYGVPVWKDAETTLFCASDAKAYETEKHNVWATHACVPTDPNPQEIH
LENVTEEFNMWKNNMVEQMHTDIISLWDQSLKPCVKLTPLCVTLQCTNVTNNITDDMRGELKNCSFNMTTELRDKKQKVY
SLFYRLDVVQINENQGNRSNNSNKEYRLINCNTSAITQACPKVSFEPIPIHYCAPAGFAILKCKDKKFNGTGPCPSVSTV
QCTHGIKPVVSTQLLLNGSLAEEEVMIRSENITNNAKNILVQFNTPVQINCTRPNNNTRKSIRIGPGQAFYATGDIIGDI
RQAHCNVSKATWNETLGKVVKQLRKHFGNNTIIRFANSSGGDLEVTTHSFNCGGEFFYCNTSGLFNSTWISNTSVQGSNS
TGSNDSITLPCRIKQIINMWQRIGQAMYAPPIQGVIRCVSNITGLILTRDGGSTNSTTETFRPGGGDMRDNWRSELYKYK
VVKIEPLGVAPTRCKRRVVGR
;
G
5 'polypeptide(L)'
;QVQLQESGPGLVKPSETLSVTCSVSGDSMNNYYWTWIRQSPGKGLEWIGYISDRESATYNPSLNSRVVISRDTSKNQLSL
KLNSVTPADTAVYYCATARRGQRIYGVVSFGEFFYYYSMDVWGKGTTVTVSSASTKGPSVFPLAPSSKSTSGGTAALGCL
VKDYFPEPVTVSWNSGALTSGVHTFPAVLQSSGLYSLSSVVTVPSSSLGTQTYICNVNHKPSNTKVDKRVEPKSCDKHHH
HHH
;
H
6 'polypeptide(L)'
;SYVRPLSVALGETARISCGRQALGSRAVQWYQHRPGQAPILLIYNNQDRPSGIPERFSGTPDINFGTRATLTISGVEAGD
EADYYCHMWDSRSGFSWSFGGATRLTVLGQPKAAPSVTLFPPSSEELQANKATLVCLISDFYPGAVTVAWKADSSPVKAG
VETTTPSKQSNNKYAASSYLSLTPEQWKSHRSYSCQVTHEGSTVEKTVAPTECS
;
L
#
# COMPACT_ATOMS: atom_id res chain seq x y z
N VAL A 7 -16.51 61.11 -5.30
CA VAL A 7 -16.89 59.72 -5.52
C VAL A 7 -16.67 58.90 -4.31
N PHE A 8 -17.54 57.94 -4.08
CA PHE A 8 -17.53 57.32 -2.77
C PHE A 8 -17.20 55.85 -2.96
N LEU A 9 -16.14 55.38 -2.32
CA LEU A 9 -15.51 54.15 -2.77
C LEU A 9 -15.66 53.02 -1.79
N GLY A 10 -15.68 53.34 -0.51
CA GLY A 10 -15.83 52.36 0.55
C GLY A 10 -15.44 52.73 1.98
N PHE A 11 -14.67 51.84 2.64
CA PHE A 11 -14.24 51.95 4.05
C PHE A 11 -12.71 51.80 4.15
N LEU A 12 -12.04 52.74 4.83
CA LEU A 12 -10.57 52.77 5.00
C LEU A 12 -9.72 52.92 3.74
N GLY A 13 -10.22 53.51 2.65
CA GLY A 13 -9.42 53.59 1.44
C GLY A 13 -8.12 54.38 1.62
N ALA A 14 -8.14 55.45 2.41
CA ALA A 14 -6.98 56.30 2.61
C ALA A 14 -6.10 55.89 3.80
N ALA A 15 -6.10 54.62 4.19
CA ALA A 15 -5.31 54.23 5.35
C ALA A 15 -3.79 54.35 5.12
N GLY A 16 -3.33 54.25 3.88
CA GLY A 16 -1.94 54.46 3.52
C GLY A 16 -1.56 55.82 2.96
N SER A 17 -2.49 56.75 2.94
CA SER A 17 -2.26 58.10 2.45
C SER A 17 -1.73 58.93 3.61
N THR A 18 -1.34 60.16 3.28
CA THR A 18 -0.87 61.05 4.30
C THR A 18 -1.98 61.35 5.32
N MET A 19 -1.52 61.66 6.53
CA MET A 19 -2.34 61.91 7.74
C MET A 19 -3.38 63.01 7.61
N GLY A 20 -3.11 64.06 6.86
CA GLY A 20 -4.09 65.12 6.73
C GLY A 20 -5.35 64.67 6.00
N ALA A 21 -5.18 63.89 4.94
CA ALA A 21 -6.31 63.39 4.16
C ALA A 21 -7.18 62.39 4.94
N ALA A 22 -6.58 61.50 5.72
CA ALA A 22 -7.35 60.49 6.46
C ALA A 22 -8.28 61.06 7.54
N SER A 23 -7.88 62.16 8.20
CA SER A 23 -8.66 62.76 9.29
C SER A 23 -10.03 63.31 8.88
N MET A 24 -10.31 63.44 7.57
CA MET A 24 -11.53 63.97 6.94
C MET A 24 -12.75 63.04 6.82
N THR A 25 -12.56 61.72 6.75
CA THR A 25 -13.67 60.76 6.60
C THR A 25 -13.87 59.95 7.87
N LEU A 26 -14.04 60.64 8.99
CA LEU A 26 -14.33 59.98 10.25
C LEU A 26 -15.76 59.49 10.42
N THR A 27 -16.77 60.05 9.71
CA THR A 27 -18.11 59.48 9.79
C THR A 27 -18.19 58.04 9.25
N VAL A 28 -17.40 57.73 8.20
CA VAL A 28 -17.44 56.41 7.59
C VAL A 28 -16.92 55.34 8.54
N GLN A 29 -15.78 55.61 9.21
CA GLN A 29 -15.22 54.70 10.21
C GLN A 29 -16.04 54.64 11.48
N ALA A 30 -16.80 55.69 11.77
CA ALA A 30 -17.61 55.77 12.97
C ALA A 30 -18.82 54.84 12.86
N ARG A 31 -19.33 54.69 11.64
CA ARG A 31 -20.50 53.88 11.30
C ARG A 31 -20.31 52.40 11.62
N ASN A 32 -19.26 51.79 11.07
CA ASN A 32 -18.93 50.37 11.14
C ASN A 32 -18.30 49.85 12.47
N LEU A 33 -18.25 50.60 13.57
CA LEU A 33 -17.59 50.10 14.79
C LEU A 33 -18.49 49.19 15.62
N LEU A 34 -19.80 49.30 15.47
CA LEU A 34 -20.81 48.60 16.25
C LEU A 34 -21.61 47.57 15.48
N SER A 35 -21.96 47.85 14.23
CA SER A 35 -22.83 46.97 13.45
C SER A 35 -22.08 45.91 12.67
N GLY A 36 -22.32 44.64 13.03
CA GLY A 36 -23.15 44.28 14.19
C GLY A 36 -24.56 43.72 13.96
N ILE A 37 -25.58 44.56 14.15
CA ILE A 37 -26.98 44.10 14.08
C ILE A 37 -27.62 44.31 12.71
N VAL A 38 -27.06 45.16 11.84
CA VAL A 38 -27.48 45.06 10.44
C VAL A 38 -26.93 43.76 9.85
N GLN A 39 -25.67 43.42 10.15
CA GLN A 39 -25.02 42.20 9.66
C GLN A 39 -25.42 40.88 10.37
N GLN A 40 -25.75 40.91 11.67
CA GLN A 40 -26.08 39.69 12.42
C GLN A 40 -26.87 39.88 13.71
N GLN A 41 -28.20 40.05 13.67
CA GLN A 41 -28.94 39.96 14.93
C GLN A 41 -28.79 38.58 15.57
N SER A 42 -29.16 37.49 14.86
CA SER A 42 -28.82 36.15 15.34
C SER A 42 -28.43 35.11 14.27
N ASN A 43 -29.19 34.96 13.18
CA ASN A 43 -30.42 35.70 12.90
C ASN A 43 -31.67 34.94 13.40
N LEU A 44 -32.59 35.68 14.01
CA LEU A 44 -33.81 35.05 14.50
C LEU A 44 -34.87 35.22 13.42
N LEU A 45 -34.53 34.66 12.27
CA LEU A 45 -35.46 34.57 11.17
C LEU A 45 -35.72 33.11 10.81
N ARG A 46 -34.88 32.19 11.28
CA ARG A 46 -35.12 30.76 11.16
C ARG A 46 -35.52 30.17 12.50
N ALA A 47 -34.70 30.44 13.51
CA ALA A 47 -34.87 29.94 14.86
C ALA A 47 -34.76 28.42 14.82
N THR A 58 -25.11 26.71 18.71
CA THR A 58 -24.02 25.77 18.54
C THR A 58 -22.67 26.49 18.47
N VAL A 59 -21.67 25.88 17.85
CA VAL A 59 -20.37 26.53 17.71
C VAL A 59 -20.49 27.89 17.03
N TRP A 60 -21.35 28.02 16.02
CA TRP A 60 -21.44 29.33 15.37
C TRP A 60 -22.07 30.32 16.33
N GLY A 61 -22.96 29.84 17.18
CA GLY A 61 -23.61 30.70 18.12
C GLY A 61 -22.60 31.26 19.10
N ILE A 62 -21.67 30.41 19.56
CA ILE A 62 -20.66 30.87 20.50
C ILE A 62 -19.71 31.86 19.86
N LYS A 63 -19.25 31.54 18.66
CA LYS A 63 -18.39 32.46 17.93
C LYS A 63 -19.10 33.79 17.69
N GLN A 64 -20.34 33.72 17.24
CA GLN A 64 -21.12 34.92 17.01
C GLN A 64 -21.22 35.74 18.27
N LEU A 65 -21.64 35.10 19.34
CA LEU A 65 -21.83 35.85 20.56
C LEU A 65 -20.52 36.46 21.05
N GLN A 66 -19.42 35.69 21.02
CA GLN A 66 -18.12 36.20 21.44
C GLN A 66 -17.66 37.31 20.54
N ALA A 67 -18.04 37.26 19.26
CA ALA A 67 -17.71 38.35 18.35
C ALA A 67 -18.53 39.60 18.67
N ARG A 68 -19.84 39.44 18.97
CA ARG A 68 -20.66 40.61 19.31
C ARG A 68 -20.21 41.28 20.60
N VAL A 69 -19.87 40.51 21.63
CA VAL A 69 -19.36 41.10 22.85
C VAL A 69 -18.03 41.79 22.60
N LEU A 70 -17.15 41.17 21.82
CA LEU A 70 -15.86 41.82 21.61
C LEU A 70 -16.05 43.15 20.91
N ALA A 71 -17.05 43.27 20.01
CA ALA A 71 -17.25 44.52 19.28
C ALA A 71 -17.77 45.67 20.17
N VAL A 72 -18.84 45.44 20.93
CA VAL A 72 -19.34 46.49 21.82
C VAL A 72 -18.38 46.74 22.97
N GLU A 73 -17.58 45.77 23.37
CA GLU A 73 -16.65 45.99 24.48
C GLU A 73 -15.52 46.89 24.03
N ARG A 74 -15.01 46.69 22.82
CA ARG A 74 -13.98 47.57 22.27
C ARG A 74 -14.54 48.96 21.95
N TYR A 75 -15.75 49.00 21.37
CA TYR A 75 -16.38 50.27 21.04
C TYR A 75 -16.66 51.13 22.26
N LEU A 76 -17.20 50.54 23.34
CA LEU A 76 -17.54 51.34 24.52
C LEU A 76 -16.33 51.83 25.27
N ARG A 77 -15.20 51.17 25.15
CA ARG A 77 -14.03 51.69 25.83
C ARG A 77 -13.57 52.98 25.15
N ASP A 78 -13.60 53.03 23.80
CA ASP A 78 -13.22 54.24 23.04
C ASP A 78 -14.16 55.44 23.27
N GLN A 79 -15.48 55.22 23.26
CA GLN A 79 -16.49 56.24 23.59
C GLN A 79 -16.40 56.71 25.04
N GLN A 80 -15.93 55.83 25.93
CA GLN A 80 -15.67 56.20 27.32
C GLN A 80 -14.57 57.25 27.40
N LEU A 81 -13.52 57.10 26.60
CA LEU A 81 -12.44 58.09 26.61
C LEU A 81 -12.91 59.48 26.13
N LEU A 82 -13.70 59.52 25.04
CA LEU A 82 -14.27 60.79 24.57
C LEU A 82 -15.24 61.43 25.57
N GLY A 83 -15.95 60.65 26.37
CA GLY A 83 -16.88 61.25 27.32
C GLY A 83 -16.17 62.03 28.41
N ILE A 84 -15.17 61.42 29.06
CA ILE A 84 -14.43 62.13 30.10
C ILE A 84 -13.49 63.19 29.53
N TRP A 85 -13.32 63.20 28.21
CA TRP A 85 -12.61 64.25 27.48
C TRP A 85 -13.54 65.27 26.83
N GLY A 86 -14.84 65.18 27.13
CA GLY A 86 -15.78 66.12 26.55
C GLY A 86 -15.92 66.05 25.05
N CYS A 87 -15.80 64.87 24.46
CA CYS A 87 -15.87 64.84 23.01
C CYS A 87 -16.93 63.85 22.56
N SER A 88 -17.96 63.70 23.39
CA SER A 88 -18.94 62.64 23.17
C SER A 88 -19.65 62.86 21.84
N GLY A 89 -20.14 64.09 21.62
CA GLY A 89 -20.97 64.47 20.50
C GLY A 89 -20.19 64.73 19.25
N LYS A 90 -18.87 64.88 19.36
CA LYS A 90 -18.04 65.38 18.27
C LYS A 90 -17.12 64.30 17.77
N LEU A 91 -16.82 64.41 16.48
CA LEU A 91 -15.78 63.58 15.89
C LEU A 91 -14.38 64.19 16.02
N ILE A 92 -14.27 65.54 16.07
CA ILE A 92 -13.00 66.29 16.28
C ILE A 92 -13.01 67.28 17.45
N CYS A 93 -12.10 67.10 18.40
CA CYS A 93 -11.97 68.09 19.48
C CYS A 93 -10.49 68.42 19.67
N CYS A 94 -10.24 69.71 19.93
CA CYS A 94 -8.93 70.30 20.21
C CYS A 94 -8.73 70.50 21.71
N THR A 95 -7.47 70.47 22.13
CA THR A 95 -7.22 70.51 23.56
C THR A 95 -6.30 71.67 23.95
N ASN A 96 -5.96 71.67 25.24
CA ASN A 96 -5.03 72.58 25.89
C ASN A 96 -3.69 71.95 26.22
N VAL A 97 -3.56 70.63 26.06
CA VAL A 97 -2.32 69.96 26.42
C VAL A 97 -1.36 70.42 25.34
N PRO A 98 -0.25 71.03 25.71
CA PRO A 98 0.71 71.43 24.69
C PRO A 98 1.49 70.27 24.17
N TRP A 99 1.91 70.44 22.97
CA TRP A 99 2.65 69.36 22.39
C TRP A 99 4.05 69.61 22.89
N ASN A 100 4.49 68.85 23.87
CA ASN A 100 5.84 68.94 24.34
C ASN A 100 6.54 68.41 23.15
N SER A 101 7.52 69.16 22.63
CA SER A 101 8.08 68.83 21.33
C SER A 101 8.89 67.56 21.33
N SER A 102 9.37 67.09 22.49
CA SER A 102 10.17 65.88 22.63
C SER A 102 9.42 64.62 22.18
N TRP A 103 8.09 64.67 22.16
CA TRP A 103 7.29 63.53 21.75
C TRP A 103 7.61 63.21 20.30
N SER A 104 7.51 64.19 19.44
CA SER A 104 7.98 63.95 18.09
C SER A 104 8.56 65.29 17.70
N ASN A 105 9.70 65.23 17.02
CA ASN A 105 10.37 66.45 16.63
C ASN A 105 10.02 66.87 15.22
N ARG A 106 9.15 66.13 14.55
CA ARG A 106 8.90 66.46 13.18
C ARG A 106 8.01 67.70 13.26
N ASN A 107 8.22 68.63 12.33
CA ASN A 107 7.44 69.85 12.24
C ASN A 107 6.07 69.58 11.65
N LEU A 108 5.22 70.60 11.64
CA LEU A 108 3.85 70.39 11.22
C LEU A 108 3.78 70.00 9.74
N SER A 109 4.90 70.01 9.02
CA SER A 109 4.83 69.61 7.62
C SER A 109 5.24 68.14 7.45
N GLU A 110 6.27 67.68 8.19
CA GLU A 110 6.72 66.29 8.09
C GLU A 110 5.70 65.34 8.72
N ILE A 111 4.95 65.83 9.71
CA ILE A 111 4.02 64.96 10.39
C ILE A 111 2.80 64.72 9.52
N TRP A 112 2.16 65.79 9.03
CA TRP A 112 0.89 65.60 8.38
C TRP A 112 0.99 65.32 6.90
N ASP A 113 2.12 65.59 6.30
CA ASP A 113 2.20 65.38 4.88
C ASP A 113 3.45 64.54 4.63
N ASN A 114 3.32 63.52 3.78
CA ASN A 114 4.38 62.58 3.45
C ASN A 114 4.67 61.65 4.66
N MET A 115 3.60 61.14 5.25
CA MET A 115 3.52 60.20 6.38
C MET A 115 2.06 59.81 6.49
N THR A 116 1.83 58.56 6.89
CA THR A 116 0.55 57.93 7.23
C THR A 116 0.31 57.85 8.72
N TRP A 117 -0.97 57.72 9.07
CA TRP A 117 -1.29 57.62 10.47
C TRP A 117 -0.56 56.46 11.08
N LEU A 118 -0.29 55.49 10.22
CA LEU A 118 0.43 54.29 10.59
C LEU A 118 1.86 54.63 10.99
N GLN A 119 2.65 55.24 10.08
CA GLN A 119 4.03 55.57 10.44
C GLN A 119 4.12 56.57 11.55
N TRP A 120 3.07 57.38 11.71
CA TRP A 120 2.97 58.25 12.86
C TRP A 120 2.69 57.49 14.14
N ASP A 121 1.66 56.63 14.13
CA ASP A 121 1.30 55.83 15.31
C ASP A 121 2.47 54.93 15.72
N LYS A 122 3.29 54.52 14.74
CA LYS A 122 4.47 53.75 15.04
C LYS A 122 5.55 54.60 15.70
N GLU A 123 5.64 55.84 15.26
CA GLU A 123 6.61 56.79 15.81
C GLU A 123 6.20 57.28 17.19
N ILE A 124 4.88 57.30 17.49
CA ILE A 124 4.20 57.84 18.67
C ILE A 124 3.73 56.70 19.56
N SER A 125 4.05 55.49 19.14
CA SER A 125 3.72 54.30 19.95
C SER A 125 4.19 54.53 21.41
N ASN A 126 5.12 55.42 21.63
CA ASN A 126 5.56 55.70 22.99
C ASN A 126 4.97 57.06 23.38
N TYR A 127 4.97 57.30 24.68
CA TYR A 127 4.37 58.46 25.29
C TYR A 127 2.85 58.49 25.17
N THR A 128 2.29 57.46 24.59
CA THR A 128 0.85 57.43 24.45
C THR A 128 0.19 57.51 25.81
N GLN A 129 0.70 56.71 26.75
CA GLN A 129 0.22 56.69 28.14
C GLN A 129 0.44 58.02 28.85
N ILE A 130 1.60 58.66 28.63
CA ILE A 130 1.87 59.95 29.26
C ILE A 130 0.83 60.95 28.80
N ILE A 131 0.53 60.93 27.51
CA ILE A 131 -0.47 61.82 26.95
C ILE A 131 -1.84 61.51 27.57
N TYR A 132 -2.15 60.21 27.76
CA TYR A 132 -3.44 59.84 28.35
C TYR A 132 -3.56 60.37 29.76
N GLY A 133 -2.46 60.31 30.52
CA GLY A 133 -2.46 60.84 31.87
C GLY A 133 -2.62 62.34 31.87
N LEU A 134 -1.88 63.02 30.98
CA LEU A 134 -2.08 64.45 30.81
C LEU A 134 -3.49 64.76 30.30
N LEU A 135 -4.11 63.84 29.53
CA LEU A 135 -5.43 64.14 28.96
C LEU A 135 -6.55 64.05 29.98
N GLU A 136 -6.40 63.13 30.92
CA GLU A 136 -7.34 62.90 32.00
C GLU A 136 -7.10 63.81 33.18
N GLU A 137 -5.84 64.17 33.44
CA GLU A 137 -5.50 64.97 34.61
C GLU A 137 -5.55 66.45 34.28
N SER A 138 -4.83 66.84 33.24
CA SER A 138 -4.56 68.25 32.98
C SER A 138 -5.82 69.10 32.75
N GLN A 139 -6.78 68.62 31.93
CA GLN A 139 -7.97 69.43 31.65
C GLN A 139 -9.22 69.05 32.43
N ASN A 140 -9.74 67.85 32.14
CA ASN A 140 -11.08 67.46 32.52
C ASN A 140 -11.23 67.28 34.01
N GLN A 141 -10.12 67.07 34.71
CA GLN A 141 -10.25 67.07 36.15
C GLN A 141 -10.36 68.49 36.70
N GLN A 142 -9.73 69.49 36.06
CA GLN A 142 -9.91 70.90 36.38
C GLN A 142 -11.07 71.63 35.68
N GLU A 143 -11.29 71.38 34.39
CA GLU A 143 -12.30 72.10 33.63
C GLU A 143 -13.73 71.93 34.15
N LYS A 144 -14.08 70.74 34.63
CA LYS A 144 -15.47 70.53 35.06
C LYS A 144 -15.75 71.22 36.37
N ASN A 145 -14.78 71.23 37.27
CA ASN A 145 -14.91 71.96 38.53
C ASN A 145 -15.03 73.47 38.34
N GLU A 146 -14.25 74.05 37.44
CA GLU A 146 -14.37 75.48 37.17
C GLU A 146 -15.74 75.84 36.62
N GLN A 147 -16.40 74.90 35.97
CA GLN A 147 -17.75 75.15 35.46
C GLN A 147 -18.82 75.30 36.54
N ASP A 148 -18.71 74.58 37.67
CA ASP A 148 -19.69 74.74 38.75
C ASP A 148 -19.59 76.06 39.50
N LEU A 149 -18.38 76.52 39.82
CA LEU A 149 -18.21 77.79 40.52
C LEU A 149 -18.53 78.99 39.64
N LEU A 150 -18.55 78.79 38.32
CA LEU A 150 -18.79 79.81 37.31
C LEU A 150 -20.29 80.07 37.05
N ALA A 151 -21.07 79.03 36.90
CA ALA A 151 -22.51 79.20 36.78
C ALA A 151 -23.21 79.55 38.10
N LEU A 152 -22.52 79.93 39.18
CA LEU A 152 -23.26 80.32 40.38
C LEU A 152 -23.96 81.67 40.19
N ASP A 153 -23.57 82.45 39.18
CA ASP A 153 -24.13 83.77 38.91
C ASP A 153 -24.61 83.86 37.46
N GLN B 1 12.35 15.17 33.63
CA GLN B 1 11.61 15.74 32.52
C GLN B 1 12.52 16.20 31.37
N VAL B 2 11.92 16.17 30.16
CA VAL B 2 12.54 16.61 28.92
C VAL B 2 13.84 15.86 28.68
N GLN B 3 13.74 14.60 28.27
CA GLN B 3 14.94 13.78 28.19
C GLN B 3 14.71 12.56 27.31
N LEU B 4 15.83 12.06 26.78
CA LEU B 4 15.89 10.91 25.89
C LEU B 4 16.69 9.78 26.50
N VAL B 5 16.21 8.55 26.39
CA VAL B 5 16.95 7.39 26.83
C VAL B 5 16.89 6.34 25.74
N GLN B 6 18.00 5.65 25.48
CA GLN B 6 18.05 4.75 24.32
C GLN B 6 18.25 3.29 24.73
N SER B 7 18.03 2.39 23.77
CA SER B 7 18.17 1.01 24.15
C SER B 7 19.64 0.71 24.45
N ARG B 8 19.87 -0.51 24.94
CA ARG B 8 21.19 -0.96 25.31
C ARG B 8 22.09 -1.12 24.08
N ALA B 9 23.38 -0.92 24.30
CA ALA B 9 24.35 -1.16 23.25
C ALA B 9 24.28 -2.62 22.80
N GLU B 10 24.70 -2.85 21.55
CA GLU B 10 24.62 -4.16 20.92
C GLU B 10 25.86 -4.32 20.06
N VAL B 11 26.10 -5.57 19.65
CA VAL B 11 27.12 -5.93 18.66
C VAL B 11 26.44 -6.93 17.74
N LYS B 12 26.30 -6.57 16.46
CA LYS B 12 25.72 -7.45 15.45
C LYS B 12 26.71 -7.66 14.29
N LYS B 13 26.47 -8.66 13.46
CA LYS B 13 27.39 -9.10 12.43
C LYS B 13 26.83 -8.77 11.04
N PRO B 14 27.64 -8.90 9.98
CA PRO B 14 27.19 -8.45 8.65
C PRO B 14 25.90 -9.11 8.14
N GLY B 15 25.10 -8.31 7.44
CA GLY B 15 23.79 -8.65 6.86
C GLY B 15 22.63 -8.39 7.80
N ALA B 16 22.87 -8.63 9.08
CA ALA B 16 21.86 -8.69 10.12
C ALA B 16 21.15 -7.35 10.26
N SER B 17 19.95 -7.39 10.83
CA SER B 17 19.29 -6.15 11.18
C SER B 17 19.58 -5.79 12.63
N VAL B 18 19.13 -4.59 13.02
CA VAL B 18 19.31 -4.02 14.35
C VAL B 18 18.16 -3.06 14.65
N LYS B 19 17.48 -3.25 15.75
CA LYS B 19 16.47 -2.28 16.11
C LYS B 19 16.87 -1.58 17.40
N VAL B 20 16.90 -0.22 17.38
CA VAL B 20 17.18 0.60 18.58
C VAL B 20 16.01 1.53 18.91
N SER B 21 15.59 1.47 20.18
CA SER B 21 14.58 2.29 20.81
C SER B 21 15.17 3.59 21.29
N CYS B 22 14.28 4.54 21.54
CA CYS B 22 14.67 5.82 22.10
C CYS B 22 13.46 6.32 22.88
N GLU B 23 13.44 6.00 24.15
CA GLU B 23 12.30 6.35 24.98
C GLU B 23 12.37 7.82 25.40
N ALA B 24 11.30 8.54 25.17
CA ALA B 24 11.31 9.97 25.40
C ALA B 24 10.30 10.30 26.48
N SER B 25 10.63 11.33 27.26
CA SER B 25 9.76 11.68 28.37
C SER B 25 9.98 13.14 28.72
N GLY B 26 9.02 13.69 29.47
CA GLY B 26 9.12 15.03 30.02
C GLY B 26 8.58 16.13 29.12
N TYR B 27 8.13 15.78 27.92
CA TYR B 27 7.50 16.68 26.97
C TYR B 27 6.51 15.90 26.13
N ASN B 28 5.53 16.61 25.59
CA ASN B 28 4.52 15.93 24.83
C ASN B 28 5.15 15.54 23.51
N PHE B 29 5.53 14.27 23.46
CA PHE B 29 6.32 13.67 22.42
C PHE B 29 5.76 13.95 21.02
N VAL B 30 4.42 14.00 20.90
CA VAL B 30 3.75 13.98 19.60
C VAL B 30 4.11 15.19 18.75
N ASP B 31 4.42 16.33 19.38
CA ASP B 31 4.35 17.55 18.60
C ASP B 31 5.59 17.74 17.76
N HIS B 32 6.72 17.32 18.30
CA HIS B 32 8.01 17.63 17.71
C HIS B 32 8.53 16.45 16.90
N TYR B 33 9.31 16.80 15.89
CA TYR B 33 9.99 15.83 15.06
C TYR B 33 11.00 15.06 15.89
N ILE B 34 11.62 14.07 15.27
CA ILE B 34 12.69 13.35 15.96
C ILE B 34 13.74 12.91 14.96
N HIS B 35 14.93 13.49 14.99
CA HIS B 35 15.97 13.10 14.04
C HIS B 35 16.90 12.07 14.68
N TRP B 36 17.61 11.33 13.85
CA TRP B 36 18.60 10.38 14.36
C TRP B 36 19.96 10.65 13.70
N VAL B 37 21.06 10.64 14.52
CA VAL B 37 22.40 10.98 14.04
C VAL B 37 23.36 9.86 14.45
N ARG B 38 24.35 9.62 13.59
CA ARG B 38 25.35 8.59 13.78
C ARG B 38 26.72 9.24 13.88
N GLN B 39 27.42 8.96 14.98
CA GLN B 39 28.84 9.29 15.08
C GLN B 39 29.60 7.98 15.13
N ALA B 40 30.52 7.84 14.21
CA ALA B 40 31.66 6.96 14.26
C ALA B 40 32.71 7.51 15.24
N PRO B 41 33.36 6.67 16.02
CA PRO B 41 34.48 7.15 16.82
C PRO B 41 35.66 7.52 15.95
N GLY B 42 35.63 8.70 15.31
CA GLY B 42 36.57 8.93 14.24
C GLY B 42 35.99 9.20 12.86
N GLN B 43 34.89 9.95 12.81
CA GLN B 43 34.52 10.78 11.66
C GLN B 43 33.36 11.66 12.12
N ARG B 44 32.87 12.52 11.24
CA ARG B 44 31.86 13.47 11.70
C ARG B 44 30.55 12.78 12.08
N PRO B 45 29.53 13.53 12.44
CA PRO B 45 28.21 12.92 12.55
C PRO B 45 27.46 13.01 11.24
N GLN B 46 26.72 11.95 10.95
CA GLN B 46 26.05 11.79 9.68
C GLN B 46 24.57 11.73 9.99
N TRP B 47 23.87 12.82 9.68
CA TRP B 47 22.44 12.83 9.86
C TRP B 47 21.81 11.73 9.01
N VAL B 48 20.70 11.17 9.53
CA VAL B 48 19.98 10.08 8.88
C VAL B 48 18.52 10.45 8.60
N GLY B 49 17.78 10.90 9.61
CA GLY B 49 16.35 11.04 9.39
C GLY B 49 15.64 11.94 10.36
N TRP B 50 14.32 11.90 10.30
CA TRP B 50 13.41 12.57 11.24
C TRP B 50 12.04 11.94 11.08
N MET B 51 11.18 12.04 12.11
CA MET B 51 9.89 11.34 12.04
C MET B 51 8.90 12.01 13.02
N ASN B 52 8.02 12.90 12.52
CA ASN B 52 7.03 13.42 13.49
C ASN B 52 6.11 12.30 13.97
N PRO B 53 5.85 12.20 15.27
CA PRO B 53 4.82 11.26 15.74
C PRO B 53 3.41 11.59 15.23
N ARG B 54 3.13 12.87 15.04
CA ARG B 54 1.80 13.27 14.62
C ARG B 54 1.38 12.52 13.34
N GLY B 55 2.29 12.37 12.38
CA GLY B 55 1.99 11.68 11.14
C GLY B 55 2.79 10.42 10.92
N GLY B 56 3.89 10.30 11.65
CA GLY B 56 4.78 9.17 11.55
C GLY B 56 5.69 9.20 10.35
N GLY B 57 5.72 10.33 9.59
CA GLY B 57 6.44 10.40 8.33
C GLY B 57 7.92 10.77 8.49
N VAL B 58 8.69 10.51 7.43
CA VAL B 58 10.15 10.50 7.47
C VAL B 58 10.76 11.15 6.20
N ASN B 59 12.12 11.28 6.20
CA ASN B 59 12.96 11.32 4.99
C ASN B 59 14.43 11.14 5.42
N TYR B 60 15.20 10.30 4.68
CA TYR B 60 16.50 9.76 5.10
C TYR B 60 17.64 10.27 4.21
N SER B 61 18.80 10.61 4.81
CA SER B 61 19.97 11.00 4.01
C SER B 61 20.23 9.97 2.92
N GLN B 62 20.44 10.42 1.68
CA GLN B 62 20.50 9.48 0.56
C GLN B 62 21.58 8.43 0.72
N ARG B 63 22.59 8.72 1.51
CA ARG B 63 23.56 7.71 1.88
C ARG B 63 22.91 6.56 2.65
N PHE B 64 21.66 6.73 3.10
CA PHE B 64 21.05 5.81 4.06
C PHE B 64 19.69 5.24 3.64
N GLN B 65 18.99 5.82 2.66
CA GLN B 65 17.66 5.33 2.33
C GLN B 65 17.68 3.86 1.98
N GLY B 66 16.58 3.20 2.32
CA GLY B 66 16.38 1.78 2.01
C GLY B 66 16.79 0.84 3.11
N ARG B 67 18.04 0.97 3.59
CA ARG B 67 18.53 0.12 4.66
C ARG B 67 17.87 0.45 6.00
N VAL B 68 17.33 1.65 6.18
CA VAL B 68 16.85 2.10 7.48
C VAL B 68 15.33 2.15 7.52
N THR B 69 14.80 2.14 8.76
CA THR B 69 13.36 2.10 9.04
C THR B 69 13.17 2.66 10.45
N MET B 70 12.47 3.78 10.57
CA MET B 70 12.24 4.42 11.86
C MET B 70 10.77 4.29 12.29
N THR B 71 10.53 3.87 13.53
CA THR B 71 9.16 3.58 13.98
C THR B 71 8.92 4.20 15.35
N ARG B 72 7.65 4.48 15.65
CA ARG B 72 7.24 5.16 16.88
C ARG B 72 6.24 4.29 17.64
N ASP B 73 6.05 4.57 18.94
CA ASP B 73 4.97 3.93 19.70
C ASP B 73 4.34 4.92 20.71
N THR B 74 3.76 6.00 20.17
CA THR B 74 3.07 7.05 20.91
C THR B 74 2.23 6.61 22.10
N SER B 75 1.68 5.40 22.05
CA SER B 75 1.02 4.83 23.23
C SER B 75 1.95 4.93 24.44
N ILE B 76 3.26 4.93 24.20
CA ILE B 76 4.30 4.87 25.22
C ILE B 76 5.29 6.03 25.12
N ASP B 77 5.08 6.96 24.18
CA ASP B 77 6.03 8.04 23.91
C ASP B 77 7.44 7.45 23.65
N THR B 78 7.53 6.79 22.49
CA THR B 78 8.80 6.18 22.13
C THR B 78 8.90 5.98 20.60
N ALA B 79 10.13 6.17 20.07
CA ALA B 79 10.51 5.93 18.70
C ALA B 79 11.49 4.77 18.61
N TYR B 80 11.75 4.35 17.37
CA TYR B 80 12.64 3.21 17.12
C TYR B 80 13.27 3.44 15.77
N MET B 81 14.30 2.68 15.54
CA MET B 81 14.85 2.63 14.21
C MET B 81 15.45 1.26 13.99
N GLN B 82 15.32 0.74 12.78
CA GLN B 82 15.87 -0.55 12.45
C GLN B 82 16.78 -0.43 11.23
N LEU B 83 18.03 -0.86 11.38
CA LEU B 83 19.01 -0.83 10.29
C LEU B 83 19.39 -2.22 9.79
N ASN B 84 19.08 -2.50 8.53
CA ASN B 84 19.24 -3.79 7.91
C ASN B 84 20.50 -3.80 7.04
N ARG B 85 20.83 -4.99 6.53
CA ARG B 85 22.03 -5.17 5.72
C ARG B 85 23.23 -4.58 6.43
N LEU B 86 23.39 -4.97 7.69
CA LEU B 86 24.48 -4.45 8.48
C LEU B 86 25.82 -4.85 7.88
N THR B 87 26.71 -3.88 7.75
CA THR B 87 28.08 -4.15 7.39
C THR B 87 28.98 -3.64 8.52
N SER B 88 30.23 -4.10 8.53
CA SER B 88 31.15 -3.63 9.55
C SER B 88 31.37 -2.13 9.47
N GLY B 89 31.10 -1.52 8.29
CA GLY B 89 31.38 -0.13 7.98
C GLY B 89 30.44 0.85 8.61
N ASP B 90 29.42 0.33 9.29
CA ASP B 90 28.37 1.11 9.89
C ASP B 90 28.42 1.03 11.41
N THR B 91 29.52 0.52 11.98
CA THR B 91 29.64 0.49 13.44
C THR B 91 29.97 1.89 13.96
N ALA B 92 29.21 2.34 14.96
CA ALA B 92 29.23 3.73 15.37
C ALA B 92 28.32 4.00 16.56
N VAL B 93 28.35 5.22 17.05
CA VAL B 93 27.53 5.59 18.16
C VAL B 93 26.33 6.31 17.58
N TYR B 94 25.14 5.93 18.03
CA TYR B 94 23.87 6.35 17.47
C TYR B 94 23.06 7.08 18.52
N TYR B 95 22.77 8.34 18.27
CA TYR B 95 22.08 9.18 19.24
C TYR B 95 20.77 9.65 18.65
N CYS B 96 19.73 9.69 19.48
CA CYS B 96 18.44 10.25 19.11
C CYS B 96 18.35 11.63 19.70
N ALA B 97 17.65 12.55 19.03
CA ALA B 97 17.48 13.89 19.60
C ALA B 97 16.38 14.69 18.89
N THR B 98 16.06 15.88 19.46
CA THR B 98 15.01 16.80 18.99
C THR B 98 15.25 18.22 19.51
N GLN B 99 14.61 19.21 18.88
CA GLN B 99 14.54 20.57 19.40
C GLN B 99 13.19 20.77 20.06
N VAL B 100 13.20 21.03 21.36
CA VAL B 100 11.96 21.34 22.07
C VAL B 100 12.04 22.65 22.82
N LYS B 101 12.95 22.72 23.80
CA LYS B 101 13.19 23.96 24.54
C LYS B 101 14.26 24.76 23.80
N LEU B 102 13.79 25.43 22.75
CA LEU B 102 14.49 26.52 22.08
C LEU B 102 13.41 27.57 21.96
N ASP B 103 13.64 28.59 21.14
CA ASP B 103 12.52 29.36 20.66
C ASP B 103 12.53 29.36 19.13
N SER B 104 13.09 28.31 18.53
CA SER B 104 13.20 28.16 17.08
C SER B 104 12.30 27.02 16.59
N SER B 105 11.08 27.39 16.16
CA SER B 105 10.12 26.45 15.58
C SER B 105 10.58 25.89 14.25
N ALA B 106 11.73 26.30 13.77
CA ALA B 106 12.21 25.83 12.47
C ALA B 106 12.79 24.45 12.54
N GLY B 107 12.53 23.77 13.66
CA GLY B 107 12.87 22.38 13.80
C GLY B 107 14.32 22.14 14.08
N TYR B 108 15.18 23.12 13.86
CA TYR B 108 16.61 22.96 13.94
C TYR B 108 17.23 23.96 14.91
N PRO B 109 18.45 23.66 15.42
CA PRO B 109 19.04 22.32 15.36
C PRO B 109 18.53 21.61 16.63
N PHE B 110 19.29 20.62 17.12
CA PHE B 110 18.85 19.73 18.19
C PHE B 110 19.64 19.99 19.45
N ASP B 111 18.95 20.01 20.57
CA ASP B 111 19.54 20.36 21.84
C ASP B 111 19.44 19.25 22.89
N ILE B 112 18.33 18.47 22.82
CA ILE B 112 17.90 17.41 23.75
C ILE B 112 18.34 16.04 23.23
N TRP B 113 19.22 15.34 23.95
CA TRP B 113 20.00 14.26 23.37
C TRP B 113 19.98 12.99 24.23
N GLY B 114 19.68 11.85 23.58
CA GLY B 114 19.93 10.57 24.21
C GLY B 114 21.40 10.36 24.40
N GLN B 115 21.74 9.69 25.49
CA GLN B 115 23.13 9.35 25.77
C GLN B 115 23.76 8.58 24.61
N GLY B 116 22.96 7.80 23.87
CA GLY B 116 23.44 7.08 22.70
C GLY B 116 23.40 5.57 22.89
N THR B 117 23.45 4.87 21.75
CA THR B 117 23.58 3.41 21.72
C THR B 117 24.77 3.06 20.84
N MET B 118 25.73 2.34 21.38
CA MET B 118 26.89 1.97 20.60
C MET B 118 26.66 0.61 19.93
N VAL B 119 26.92 0.54 18.63
CA VAL B 119 26.64 -0.67 17.90
C VAL B 119 27.90 -1.08 17.17
N THR B 120 28.42 -2.25 17.51
CA THR B 120 29.63 -2.73 16.87
C THR B 120 29.24 -3.78 15.85
N VAL B 121 29.61 -3.56 14.60
CA VAL B 121 29.42 -4.58 13.59
C VAL B 121 30.78 -5.10 13.18
N SER B 122 31.00 -6.38 13.42
CA SER B 122 32.24 -7.03 13.03
C SER B 122 32.03 -8.52 13.13
N SER B 123 32.56 -9.26 12.16
CA SER B 123 32.45 -10.70 12.27
C SER B 123 33.38 -11.19 13.38
N ALA B 124 33.07 -10.78 14.63
CA ALA B 124 33.87 -11.12 15.82
C ALA B 124 33.55 -12.54 16.24
N SER B 125 33.69 -13.43 15.28
CA SER B 125 33.64 -14.84 15.56
C SER B 125 34.68 -15.16 16.63
N THR B 126 34.49 -16.30 17.27
CA THR B 126 35.39 -16.72 18.33
C THR B 126 36.80 -17.00 17.80
N LYS B 127 37.79 -16.28 18.34
CA LYS B 127 39.19 -16.44 17.97
C LYS B 127 40.07 -16.37 19.22
N GLY B 128 41.06 -17.26 19.30
CA GLY B 128 41.77 -17.50 20.54
C GLY B 128 43.06 -16.71 20.73
N PRO B 129 43.17 -16.02 21.88
CA PRO B 129 44.39 -15.25 22.16
C PRO B 129 45.65 -16.10 22.22
N SER B 130 46.68 -15.62 21.54
CA SER B 130 47.99 -16.24 21.53
C SER B 130 48.94 -15.27 22.23
N VAL B 131 49.59 -15.73 23.31
CA VAL B 131 50.39 -14.87 24.17
C VAL B 131 51.86 -15.19 23.96
N PHE B 132 52.63 -14.14 23.72
CA PHE B 132 54.03 -14.25 23.42
C PHE B 132 54.81 -13.24 24.24
N PRO B 133 55.90 -13.64 24.82
CA PRO B 133 56.66 -12.73 25.67
C PRO B 133 57.44 -11.66 24.90
N LEU B 134 58.22 -10.86 25.63
CA LEU B 134 59.11 -9.85 25.06
C LEU B 134 60.38 -9.82 25.91
N ALA B 135 61.54 -10.18 25.32
CA ALA B 135 62.76 -10.57 26.03
C ALA B 135 63.54 -9.38 26.59
N PRO B 136 64.37 -9.60 27.67
CA PRO B 136 65.27 -8.55 28.17
C PRO B 136 66.68 -8.57 27.57
N SER B 137 67.55 -7.66 28.03
CA SER B 137 68.94 -7.59 27.57
C SER B 137 69.89 -7.11 28.68
N GLY B 144 72.81 -0.71 32.99
CA GLY B 144 71.59 0.03 33.26
C GLY B 144 70.40 -0.88 33.53
N THR B 145 69.23 -0.45 33.06
CA THR B 145 68.01 -1.22 33.21
C THR B 145 67.66 -1.92 31.91
N ALA B 146 66.90 -3.02 32.03
CA ALA B 146 66.45 -3.84 30.91
C ALA B 146 64.94 -4.07 31.00
N ALA B 147 64.25 -3.97 29.86
CA ALA B 147 62.79 -4.10 29.81
C ALA B 147 62.36 -5.43 29.20
N LEU B 148 61.38 -6.07 29.83
CA LEU B 148 60.80 -7.32 29.33
C LEU B 148 59.28 -7.29 29.44
N GLY B 149 58.59 -7.84 28.43
CA GLY B 149 57.14 -7.82 28.42
C GLY B 149 56.47 -9.05 27.83
N CYS B 150 55.16 -8.99 27.60
CA CYS B 150 54.40 -10.07 26.98
C CYS B 150 53.35 -9.49 26.05
N LEU B 151 53.11 -10.18 24.94
CA LEU B 151 52.22 -9.71 23.90
C LEU B 151 51.06 -10.70 23.78
N VAL B 152 49.84 -10.21 23.97
CA VAL B 152 48.61 -10.97 23.80
C VAL B 152 48.02 -10.62 22.45
N LYS B 153 47.78 -11.61 21.62
CA LYS B 153 47.43 -11.34 20.25
C LYS B 153 46.21 -12.15 19.86
N ASP B 154 45.39 -11.57 18.97
CA ASP B 154 44.39 -12.34 18.22
C ASP B 154 43.35 -12.97 19.14
N TYR B 155 42.58 -12.13 19.81
CA TYR B 155 41.46 -12.59 20.62
C TYR B 155 40.21 -11.80 20.23
N PHE B 156 39.06 -12.54 20.21
CA PHE B 156 37.78 -11.99 19.79
C PHE B 156 37.38 -11.13 21.01
N PRO B 157 36.11 -10.51 21.12
CA PRO B 157 35.97 -9.20 21.82
C PRO B 157 36.66 -9.03 23.19
N GLU B 158 37.24 -7.85 23.46
CA GLU B 158 37.90 -7.49 24.73
C GLU B 158 36.99 -7.73 25.95
N PRO B 159 37.51 -7.72 27.19
CA PRO B 159 38.86 -7.43 27.64
C PRO B 159 39.60 -8.68 27.99
N VAL B 160 40.91 -8.53 28.02
CA VAL B 160 41.79 -9.53 28.60
C VAL B 160 42.41 -8.93 29.85
N THR B 161 43.06 -9.79 30.63
CA THR B 161 43.68 -9.42 31.90
C THR B 161 45.05 -10.07 31.98
N VAL B 162 46.10 -9.26 32.18
CA VAL B 162 47.50 -9.70 32.14
C VAL B 162 48.15 -9.41 33.49
N SER B 163 49.07 -10.29 33.93
CA SER B 163 49.72 -10.14 35.23
C SER B 163 51.16 -10.67 35.17
N TRP B 164 51.82 -10.64 36.32
CA TRP B 164 53.21 -11.05 36.44
C TRP B 164 53.47 -11.68 37.81
N ASN B 165 54.23 -12.78 37.82
CA ASN B 165 54.75 -13.42 39.04
C ASN B 165 53.64 -13.78 40.04
N SER B 166 52.57 -14.41 39.54
CA SER B 166 51.42 -14.88 40.36
C SER B 166 50.87 -13.78 41.28
N GLY B 167 50.96 -12.52 40.86
CA GLY B 167 50.47 -11.43 41.69
C GLY B 167 51.44 -10.92 42.73
N ALA B 168 52.73 -11.26 42.62
CA ALA B 168 53.73 -10.81 43.58
C ALA B 168 54.71 -9.80 43.00
N LEU B 169 54.60 -9.44 41.72
CA LEU B 169 55.42 -8.41 41.10
C LEU B 169 54.49 -7.38 40.47
N THR B 170 54.40 -6.19 41.09
CA THR B 170 53.42 -5.19 40.67
C THR B 170 53.98 -3.81 40.29
N SER B 171 55.24 -3.49 40.61
CA SER B 171 55.77 -2.15 40.40
C SER B 171 56.62 -2.06 39.13
N GLY B 172 56.73 -0.84 38.62
CA GLY B 172 57.55 -0.59 37.44
C GLY B 172 56.96 -1.07 36.14
N VAL B 173 55.66 -1.33 36.09
CA VAL B 173 55.02 -1.92 34.92
C VAL B 173 54.17 -0.84 34.26
N HIS B 174 53.89 -1.02 32.97
CA HIS B 174 53.01 -0.12 32.24
C HIS B 174 52.40 -0.85 31.05
N THR B 175 51.08 -0.85 30.98
CA THR B 175 50.32 -1.54 29.94
C THR B 175 49.56 -0.52 29.08
N PHE B 176 49.42 -0.83 27.79
CA PHE B 176 48.92 0.10 26.79
C PHE B 176 47.61 -0.42 26.17
N PRO B 177 46.73 0.47 25.71
CA PRO B 177 45.37 0.05 25.33
C PRO B 177 45.35 -0.89 24.13
N ALA B 178 44.38 -1.80 24.14
CA ALA B 178 44.25 -2.77 23.06
C ALA B 178 43.79 -2.09 21.79
N VAL B 179 44.54 -2.27 20.72
CA VAL B 179 44.12 -1.81 19.41
C VAL B 179 43.29 -2.92 18.80
N LEU B 180 42.08 -2.58 18.39
CA LEU B 180 41.31 -3.51 17.58
C LEU B 180 42.07 -3.65 16.27
N GLN B 181 42.82 -4.74 16.13
CA GLN B 181 43.50 -5.00 14.87
C GLN B 181 42.47 -5.04 13.75
N SER B 182 42.88 -4.57 12.58
CA SER B 182 41.94 -4.29 11.51
C SER B 182 41.14 -5.52 11.07
N SER B 183 41.55 -6.73 11.45
CA SER B 183 40.84 -7.96 11.12
C SER B 183 39.62 -8.25 11.99
N GLY B 184 39.53 -7.69 13.19
CA GLY B 184 38.45 -8.00 14.11
C GLY B 184 38.97 -8.70 15.34
N LEU B 185 40.30 -8.69 15.46
CA LEU B 185 41.01 -9.28 16.59
C LEU B 185 41.63 -8.18 17.43
N TYR B 186 41.28 -8.16 18.70
CA TYR B 186 41.96 -7.24 19.57
C TYR B 186 43.39 -7.71 19.80
N SER B 187 44.22 -6.79 20.29
CA SER B 187 45.62 -7.13 20.54
C SER B 187 46.23 -6.05 21.42
N LEU B 188 46.81 -6.46 22.56
CA LEU B 188 47.51 -5.57 23.51
C LEU B 188 48.78 -6.26 24.02
N SER B 189 49.58 -5.52 24.78
CA SER B 189 50.84 -6.05 25.33
C SER B 189 51.19 -5.31 26.62
N SER B 190 52.23 -5.80 27.31
CA SER B 190 52.68 -5.25 28.58
C SER B 190 54.20 -5.19 28.63
N VAL B 191 54.71 -4.43 29.60
CA VAL B 191 56.16 -4.28 29.79
C VAL B 191 56.44 -3.96 31.26
N VAL B 192 57.49 -4.57 31.79
CA VAL B 192 58.00 -4.29 33.13
C VAL B 192 59.51 -4.07 33.05
N THR B 193 60.00 -3.06 33.79
CA THR B 193 61.43 -2.70 33.83
C THR B 193 62.08 -3.30 35.07
N VAL B 194 63.04 -4.19 34.88
CA VAL B 194 63.74 -4.89 35.97
C VAL B 194 65.21 -4.48 35.93
N PRO B 195 65.91 -4.58 37.06
CA PRO B 195 67.37 -4.35 37.04
C PRO B 195 68.10 -5.44 36.24
N SER B 196 69.04 -5.02 35.38
CA SER B 196 69.79 -5.97 34.55
C SER B 196 70.76 -6.80 35.38
N SER B 197 70.90 -6.47 36.67
CA SER B 197 71.65 -7.25 37.64
C SER B 197 70.91 -8.50 38.10
N SER B 198 69.62 -8.63 37.83
CA SER B 198 68.89 -9.85 38.13
C SER B 198 68.70 -10.75 36.89
N LEU B 199 69.23 -10.34 35.74
CA LEU B 199 69.19 -11.18 34.54
C LEU B 199 70.16 -12.34 34.68
N GLY B 200 69.66 -13.55 34.47
CA GLY B 200 70.44 -14.75 34.65
C GLY B 200 70.21 -15.46 35.97
N THR B 201 69.78 -14.73 37.00
CA THR B 201 69.51 -15.32 38.31
C THR B 201 68.03 -15.26 38.67
N GLN B 202 67.45 -14.06 38.71
CA GLN B 202 66.04 -13.90 39.05
C GLN B 202 65.16 -14.25 37.87
N THR B 203 63.99 -14.81 38.17
CA THR B 203 63.04 -15.23 37.15
C THR B 203 61.81 -14.32 37.18
N TYR B 204 61.26 -14.05 36.00
CA TYR B 204 60.10 -13.17 35.83
C TYR B 204 59.12 -13.80 34.86
N ILE B 205 57.84 -13.89 35.26
CA ILE B 205 56.81 -14.67 34.56
C ILE B 205 55.58 -13.80 34.29
N CYS B 206 54.85 -14.08 33.20
CA CYS B 206 53.65 -13.33 32.79
C CYS B 206 52.46 -14.27 32.59
N ASN B 207 51.25 -13.74 32.80
CA ASN B 207 50.01 -14.50 32.73
C ASN B 207 48.94 -13.67 32.02
N VAL B 208 47.95 -14.33 31.40
CA VAL B 208 46.88 -13.69 30.61
C VAL B 208 45.55 -14.45 30.79
N ASN B 209 44.41 -13.73 30.73
CA ASN B 209 43.07 -14.30 30.87
C ASN B 209 42.06 -13.71 29.87
N HIS B 210 41.05 -14.53 29.51
CA HIS B 210 40.02 -14.13 28.53
C HIS B 210 38.79 -15.02 28.71
N LYS B 211 37.75 -14.50 29.40
CA LYS B 211 36.51 -15.26 29.68
C LYS B 211 35.68 -15.64 28.45
N PRO B 212 35.46 -14.72 27.48
CA PRO B 212 34.55 -15.01 26.37
C PRO B 212 34.63 -16.43 25.79
N SER B 213 35.82 -17.04 25.74
CA SER B 213 36.01 -18.41 25.27
C SER B 213 36.53 -19.34 26.37
N ASN B 214 36.46 -18.90 27.62
CA ASN B 214 37.00 -19.66 28.74
C ASN B 214 38.49 -19.98 28.52
N THR B 215 39.27 -18.97 28.14
CA THR B 215 40.67 -19.10 27.73
C THR B 215 41.63 -18.69 28.86
N LYS B 216 42.81 -19.33 28.90
CA LYS B 216 43.82 -19.11 29.94
C LYS B 216 45.20 -19.50 29.41
N VAL B 217 46.13 -18.53 29.30
CA VAL B 217 47.47 -18.72 28.74
C VAL B 217 48.51 -18.18 29.73
N ASP B 218 49.63 -18.89 29.86
CA ASP B 218 50.78 -18.45 30.65
C ASP B 218 52.03 -18.47 29.76
N LYS B 219 53.16 -18.05 30.34
CA LYS B 219 54.40 -17.98 29.58
C LYS B 219 55.58 -17.97 30.56
N LYS B 220 56.33 -19.09 30.64
CA LYS B 220 57.57 -19.14 31.44
C LYS B 220 58.70 -18.40 30.72
N VAL B 221 59.54 -17.71 31.50
CA VAL B 221 60.69 -16.98 30.97
C VAL B 221 61.85 -17.24 31.94
N GLU B 222 62.69 -18.23 31.62
CA GLU B 222 63.86 -18.49 32.43
C GLU B 222 64.90 -17.38 32.23
N PRO B 223 65.74 -17.13 33.24
CA PRO B 223 66.61 -15.95 33.19
C PRO B 223 67.74 -16.09 32.18
N LYS B 224 67.74 -15.22 31.18
CA LYS B 224 68.87 -15.11 30.27
C LYS B 224 70.04 -14.43 30.97
N SER B 225 71.27 -14.90 30.68
CA SER B 225 72.44 -14.36 31.38
C SER B 225 72.67 -12.90 31.07
N CYS B 226 72.42 -12.49 29.82
CA CYS B 226 72.57 -11.10 29.38
C CYS B 226 73.94 -10.50 29.70
N ALA C 3 29.74 21.09 0.95
CA ALA C 3 31.01 20.87 1.64
C ALA C 3 31.17 21.79 2.87
N LEU C 4 31.03 21.19 4.06
CA LEU C 4 31.04 21.88 5.35
C LEU C 4 32.32 21.62 6.12
N THR C 5 33.07 22.69 6.39
CA THR C 5 34.41 22.55 6.94
C THR C 5 34.69 23.55 8.05
N GLN C 6 35.72 23.24 8.82
CA GLN C 6 36.10 24.00 10.01
C GLN C 6 37.51 23.57 10.42
N PRO C 7 38.17 24.32 11.32
CA PRO C 7 39.50 23.92 11.79
C PRO C 7 39.49 22.56 12.46
N ARG C 8 40.66 21.91 12.52
CA ARG C 8 40.83 20.59 13.14
C ARG C 8 41.36 20.64 14.57
N SER C 9 42.37 21.46 14.87
CA SER C 9 42.88 21.60 16.24
C SER C 9 43.25 23.05 16.50
N VAL C 10 43.17 23.43 17.77
CA VAL C 10 43.47 24.80 18.17
C VAL C 10 44.21 24.74 19.49
N SER C 11 45.32 25.44 19.58
CA SER C 11 46.06 25.56 20.82
C SER C 11 45.36 26.50 21.76
N GLY C 12 45.54 26.28 23.06
CA GLY C 12 44.86 27.10 24.03
C GLY C 12 45.50 26.96 25.39
N SER C 13 44.95 27.71 26.35
CA SER C 13 45.41 27.71 27.73
C SER C 13 44.38 28.45 28.60
N PRO C 14 44.33 28.15 29.92
CA PRO C 14 43.35 28.82 30.80
C PRO C 14 43.48 30.34 30.81
N GLY C 15 42.34 30.99 31.06
CA GLY C 15 42.24 32.43 31.09
C GLY C 15 42.42 33.10 29.75
N GLN C 16 42.45 32.32 28.67
CA GLN C 16 42.72 32.77 27.32
C GLN C 16 41.46 32.78 26.50
N SER C 17 41.63 33.02 25.21
CA SER C 17 40.53 32.98 24.29
C SER C 17 40.94 32.14 23.09
N VAL C 18 39.97 31.44 22.51
CA VAL C 18 40.19 30.52 21.41
C VAL C 18 39.44 31.01 20.18
N ASN C 19 40.10 30.89 19.03
CA ASN C 19 39.58 31.35 17.75
C ASN C 19 39.37 30.15 16.83
N ILE C 20 38.12 29.90 16.47
CA ILE C 20 37.72 28.77 15.63
C ILE C 20 36.88 29.30 14.48
N SER C 21 36.72 28.46 13.46
CA SER C 21 36.03 28.88 12.26
C SER C 21 35.05 27.82 11.83
N CYS C 22 34.25 28.18 10.83
CA CYS C 22 33.48 27.21 10.07
C CYS C 22 32.95 27.94 8.85
N THR C 23 33.21 27.40 7.68
CA THR C 23 32.82 28.01 6.43
C THR C 23 31.88 27.06 5.72
N GLY C 24 30.77 27.61 5.22
CA GLY C 24 29.76 26.84 4.53
C GLY C 24 28.45 27.60 4.39
N ALA C 25 27.63 27.19 3.44
CA ALA C 25 26.33 27.84 3.24
C ALA C 25 25.39 27.48 4.38
N TYR C 26 24.73 28.50 4.95
CA TYR C 26 23.85 28.36 6.11
C TYR C 26 24.56 27.74 7.31
N SER C 27 25.87 27.98 7.42
CA SER C 27 26.66 27.38 8.49
C SER C 27 26.41 28.10 9.82
N GLY C 28 27.03 27.56 10.87
CA GLY C 28 26.90 28.09 12.19
C GLY C 28 25.44 28.15 12.57
N LEU C 29 24.71 27.04 12.38
CA LEU C 29 23.35 26.98 12.88
C LEU C 29 23.34 26.65 14.37
N GLY C 30 24.33 25.93 14.85
CA GLY C 30 24.50 25.68 16.27
C GLY C 30 25.88 25.06 16.49
N TRP C 31 26.31 25.08 17.75
CA TRP C 31 27.67 24.67 18.08
C TRP C 31 27.64 23.69 19.24
N TYR C 32 28.36 22.57 19.08
CA TYR C 32 28.22 21.49 20.02
C TYR C 32 29.56 21.22 20.70
N GLN C 33 29.50 20.37 21.74
CA GLN C 33 30.66 19.95 22.54
C GLN C 33 30.47 18.51 22.97
N GLN C 34 31.25 17.59 22.40
CA GLN C 34 31.25 16.19 22.80
C GLN C 34 32.44 15.92 23.71
N HIS C 35 32.13 15.57 24.93
CA HIS C 35 33.16 15.11 25.83
C HIS C 35 33.46 13.65 25.52
N PRO C 36 34.71 13.24 25.72
CA PRO C 36 35.10 11.87 25.36
C PRO C 36 34.11 10.90 25.94
N GLY C 37 33.39 10.19 25.09
CA GLY C 37 32.30 9.38 25.56
C GLY C 37 31.03 9.77 24.84
N ARG C 38 30.00 10.15 25.57
CA ARG C 38 28.68 10.33 24.98
C ARG C 38 28.20 11.78 25.07
N ALA C 39 26.93 11.94 24.69
CA ALA C 39 26.09 13.08 24.96
C ALA C 39 26.73 14.36 24.44
N PRO C 40 26.69 14.62 23.13
CA PRO C 40 26.86 16.01 22.63
C PRO C 40 25.74 16.96 23.02
N LYS C 41 26.10 18.24 23.04
CA LYS C 41 25.29 19.24 23.75
C LYS C 41 25.35 20.58 23.07
N LEU C 42 24.20 21.22 22.89
CA LEU C 42 24.19 22.46 22.11
C LEU C 42 24.62 23.62 23.00
N ILE C 43 25.50 24.47 22.44
CA ILE C 43 26.10 25.59 23.15
C ILE C 43 25.42 26.91 22.80
N ILE C 44 25.23 27.16 21.51
CA ILE C 44 24.54 28.34 21.00
C ILE C 44 23.77 28.03 19.71
N TYR C 45 22.44 28.23 19.76
CA TYR C 45 21.56 28.05 18.60
C TYR C 45 21.65 29.31 17.74
N GLU C 46 21.15 29.20 16.51
CA GLU C 46 21.50 30.17 15.45
C GLU C 46 23.03 30.30 15.39
N VAL C 47 23.56 31.52 15.30
CA VAL C 47 25.01 31.67 15.47
C VAL C 47 25.34 32.50 16.72
N ASN C 48 24.41 33.39 17.14
CA ASN C 48 24.61 34.33 18.26
C ASN C 48 23.35 34.26 19.13
N ARG C 49 23.02 33.08 19.60
CA ARG C 49 21.83 32.93 20.43
C ARG C 49 22.26 32.15 21.66
N ARG C 50 22.50 32.87 22.78
CA ARG C 50 22.72 32.22 24.06
C ARG C 50 21.51 31.37 24.39
N PRO C 51 21.60 30.05 24.25
CA PRO C 51 20.44 29.22 24.60
C PRO C 51 20.13 29.45 26.06
N SER C 52 18.84 29.50 26.37
CA SER C 52 18.41 29.82 27.72
C SER C 52 18.90 28.74 28.67
N GLY C 53 19.93 29.02 29.45
CA GLY C 53 20.52 27.93 30.20
C GLY C 53 21.91 27.50 29.78
N VAL C 54 22.76 28.48 29.44
CA VAL C 54 24.19 28.28 29.30
C VAL C 54 24.91 29.49 29.91
N SER C 55 26.24 29.39 29.94
CA SER C 55 27.09 30.49 30.39
C SER C 55 27.06 31.64 29.37
N ASP C 56 27.31 32.85 29.88
CA ASP C 56 27.21 34.08 29.11
C ASP C 56 28.46 34.36 28.28
N ARG C 57 29.64 33.83 28.70
CA ARG C 57 30.90 34.14 28.03
C ARG C 57 31.02 33.46 26.59
N PHE C 58 29.87 32.94 26.17
CA PHE C 58 29.71 32.26 24.90
C PHE C 58 28.90 33.12 23.95
N SER C 59 29.41 33.28 22.74
CA SER C 59 28.76 33.98 21.65
C SER C 59 29.41 33.55 20.33
N GLY C 60 28.75 33.85 19.22
CA GLY C 60 29.32 33.52 17.93
C GLY C 60 29.13 34.50 16.79
N SER C 61 30.11 34.60 15.91
CA SER C 61 30.00 35.44 14.74
C SER C 61 29.99 34.60 13.48
N LYS C 62 29.66 35.22 12.35
CA LYS C 62 29.63 34.50 11.08
C LYS C 62 29.72 35.49 9.93
N SER C 63 29.43 34.99 8.73
CA SER C 63 29.51 35.74 7.48
C SER C 63 28.46 35.20 6.51
N GLY C 64 28.57 35.58 5.23
CA GLY C 64 27.71 35.01 4.21
C GLY C 64 27.91 33.53 4.05
N ASN C 65 29.12 33.04 4.33
CA ASN C 65 29.43 31.62 4.33
C ASN C 65 30.39 31.13 5.40
N THR C 66 30.86 31.99 6.31
CA THR C 66 31.90 31.58 7.28
C THR C 66 31.47 31.99 8.67
N ALA C 67 31.24 31.01 9.53
CA ALA C 67 30.90 31.20 10.92
C ALA C 67 32.13 31.13 11.81
N SER C 68 32.00 31.66 13.02
CA SER C 68 33.13 31.70 13.94
C SER C 68 32.62 31.71 15.38
N LEU C 69 33.06 30.74 16.15
CA LEU C 69 32.67 30.62 17.56
C LEU C 69 33.77 31.19 18.44
N THR C 70 33.36 31.89 19.50
CA THR C 70 34.29 32.66 20.31
C THR C 70 34.11 32.33 21.81
N ILE C 71 35.25 32.16 22.50
CA ILE C 71 35.27 31.83 23.93
C ILE C 71 36.29 32.69 24.68
N SER C 72 35.87 33.21 25.83
CA SER C 72 36.77 33.86 26.76
C SER C 72 36.91 33.01 28.01
N GLY C 73 37.90 33.37 28.82
CA GLY C 73 38.15 32.70 30.07
C GLY C 73 38.07 31.20 29.89
N LEU C 74 38.96 30.65 29.06
CA LEU C 74 39.06 29.20 28.88
C LEU C 74 39.23 28.49 30.22
N ARG C 75 38.93 27.18 30.25
CA ARG C 75 39.11 26.35 31.43
C ARG C 75 39.53 24.96 30.96
N THR C 76 39.89 24.09 31.90
CA THR C 76 40.06 22.68 31.52
C THR C 76 38.71 21.98 31.32
N GLU C 77 37.62 22.58 31.82
CA GLU C 77 36.25 22.08 31.65
C GLU C 77 35.78 22.11 30.19
N ASP C 78 36.42 22.93 29.34
CA ASP C 78 36.09 23.06 27.94
C ASP C 78 37.01 22.28 27.01
N GLU C 79 37.89 21.47 27.57
CA GLU C 79 38.63 20.49 26.80
C GLU C 79 37.67 19.40 26.30
N ALA C 80 37.33 19.47 25.00
CA ALA C 80 36.51 18.46 24.31
C ALA C 80 36.60 18.73 22.81
N ASP C 81 35.79 18.00 22.04
CA ASP C 81 35.69 18.18 20.59
C ASP C 81 34.53 19.12 20.29
N TYR C 82 34.75 20.08 19.38
CA TYR C 82 33.75 21.09 19.06
C TYR C 82 33.34 21.07 17.59
N PHE C 83 32.03 21.28 17.34
CA PHE C 83 31.45 20.98 16.03
C PHE C 83 30.50 22.07 15.54
N CYS C 84 30.45 22.21 14.20
CA CYS C 84 29.67 23.20 13.46
C CYS C 84 28.47 22.53 12.79
N SER C 85 27.28 23.00 13.13
CA SER C 85 26.05 22.41 12.61
C SER C 85 25.57 23.20 11.40
N ALA C 86 25.20 22.49 10.35
CA ALA C 86 24.59 23.12 9.19
C ALA C 86 23.41 22.24 8.80
N PHE C 87 22.24 22.55 9.41
CA PHE C 87 20.99 21.87 9.08
C PHE C 87 21.13 20.36 9.18
N GLU C 88 21.32 19.78 8.01
CA GLU C 88 21.44 18.35 7.81
C GLU C 88 22.88 17.89 7.97
N TYR C 89 23.83 18.83 7.75
CA TYR C 89 25.26 18.58 7.58
C TYR C 89 26.04 19.15 8.75
N PHE C 90 27.07 18.41 9.13
CA PHE C 90 27.80 18.67 10.35
C PHE C 90 29.27 18.77 10.01
N GLY C 91 29.88 19.89 10.39
CA GLY C 91 31.28 20.12 10.08
C GLY C 91 32.18 19.00 10.56
N GLU C 92 33.44 19.10 10.17
CA GLU C 92 34.37 18.00 10.35
C GLU C 92 34.66 17.71 11.83
N GLY C 93 35.28 18.65 12.54
CA GLY C 93 35.52 18.44 13.96
C GLY C 93 36.84 18.87 14.57
N THR C 94 36.75 19.82 15.51
CA THR C 94 37.89 20.48 16.13
C THR C 94 38.08 19.91 17.53
N LYS C 95 39.24 19.32 17.79
CA LYS C 95 39.58 18.93 19.15
C LYS C 95 40.27 20.10 19.82
N LEU C 96 39.53 20.78 20.70
CA LEU C 96 40.09 21.90 21.42
C LEU C 96 40.94 21.42 22.59
N THR C 97 42.20 21.84 22.62
CA THR C 97 43.14 21.46 23.66
C THR C 97 43.37 22.65 24.58
N VAL C 98 43.24 22.41 25.88
CA VAL C 98 43.47 23.41 26.89
C VAL C 98 44.70 22.95 27.68
N LEU C 99 45.88 23.51 27.37
CA LEU C 99 47.14 23.06 27.95
C LEU C 99 47.20 23.38 29.43
N SER C 100 46.92 22.38 30.27
CA SER C 100 47.06 22.49 31.71
C SER C 100 48.24 21.70 32.29
N GLN C 101 48.81 20.76 31.51
CA GLN C 101 50.03 20.04 31.90
C GLN C 101 51.23 20.54 31.12
N PRO C 102 52.44 20.33 31.64
CA PRO C 102 53.63 20.62 30.85
C PRO C 102 53.83 19.55 29.80
N LYS C 103 54.63 19.91 28.81
CA LYS C 103 54.94 18.99 27.75
C LYS C 103 55.77 17.83 28.28
N ALA C 104 55.60 16.66 27.68
CA ALA C 104 56.33 15.46 28.10
C ALA C 104 56.80 14.70 26.87
N ALA C 105 58.08 14.34 26.86
CA ALA C 105 58.63 13.57 25.76
C ALA C 105 58.32 12.09 25.91
N PRO C 106 58.07 11.38 24.81
CA PRO C 106 57.65 9.99 24.92
C PRO C 106 58.79 9.13 25.43
N SER C 107 58.44 8.24 26.34
CA SER C 107 59.32 7.16 26.77
C SER C 107 59.07 5.99 25.84
N VAL C 108 59.96 5.78 24.89
CA VAL C 108 59.75 4.80 23.83
C VAL C 108 60.58 3.55 24.13
N THR C 109 59.93 2.39 24.04
CA THR C 109 60.57 1.09 24.21
C THR C 109 60.09 0.18 23.09
N LEU C 110 61.01 -0.21 22.21
CA LEU C 110 60.69 -1.10 21.10
C LEU C 110 61.12 -2.52 21.44
N PHE C 111 60.23 -3.49 21.15
CA PHE C 111 60.48 -4.91 21.46
C PHE C 111 60.57 -5.75 20.20
N PRO C 112 61.51 -6.68 20.11
CA PRO C 112 61.55 -7.61 18.97
C PRO C 112 60.58 -8.77 19.18
N PRO C 113 60.34 -9.58 18.15
CA PRO C 113 59.44 -10.73 18.33
C PRO C 113 60.07 -11.82 19.18
N SER C 114 59.27 -12.40 20.06
CA SER C 114 59.76 -13.46 20.93
C SER C 114 60.01 -14.74 20.14
N SER C 115 60.60 -15.73 20.81
CA SER C 115 60.89 -17.00 20.17
C SER C 115 59.63 -17.87 20.02
N GLU C 116 58.79 -17.92 21.05
CA GLU C 116 57.52 -18.65 20.90
C GLU C 116 56.54 -17.94 19.99
N GLU C 117 56.84 -16.69 19.60
CA GLU C 117 56.07 -16.03 18.55
C GLU C 117 56.61 -16.39 17.16
N LEU C 118 57.94 -16.58 17.04
CA LEU C 118 58.53 -16.99 15.75
C LEU C 118 58.20 -18.46 15.40
N GLN C 119 57.93 -19.30 16.41
CA GLN C 119 57.64 -20.72 16.19
C GLN C 119 56.21 -20.98 15.70
N ALA C 120 55.26 -20.10 15.99
CA ALA C 120 53.88 -20.24 15.53
C ALA C 120 53.63 -19.51 14.23
N ASN C 121 54.70 -19.23 13.47
CA ASN C 121 54.62 -18.54 12.18
C ASN C 121 54.17 -17.08 12.37
N LYS C 122 54.81 -16.36 13.31
CA LYS C 122 54.48 -14.96 13.63
C LYS C 122 55.75 -14.18 14.00
N ALA C 123 55.70 -12.84 13.85
CA ALA C 123 56.77 -11.98 14.37
C ALA C 123 56.23 -10.55 14.50
N THR C 124 55.82 -10.16 15.71
CA THR C 124 55.26 -8.84 15.95
C THR C 124 56.27 -7.97 16.70
N LEU C 125 56.62 -6.83 16.10
CA LEU C 125 57.45 -5.83 16.77
C LEU C 125 56.59 -4.97 17.67
N VAL C 126 56.99 -4.82 18.94
CA VAL C 126 56.18 -4.17 19.96
C VAL C 126 56.86 -2.86 20.33
N CYS C 127 56.32 -1.73 19.86
CA CYS C 127 56.80 -0.42 20.27
C CYS C 127 55.76 0.22 21.17
N LEU C 128 56.19 0.61 22.36
CA LEU C 128 55.30 1.15 23.37
C LEU C 128 55.69 2.60 23.62
N ILE C 129 54.70 3.49 23.58
CA ILE C 129 54.94 4.93 23.67
C ILE C 129 54.19 5.44 24.90
N SER C 130 54.94 5.92 25.89
CA SER C 130 54.39 6.24 27.19
C SER C 130 54.87 7.61 27.66
N ASP C 131 54.14 8.17 28.62
CA ASP C 131 54.53 9.37 29.35
C ASP C 131 54.79 10.54 28.42
N PHE C 132 53.81 10.83 27.58
CA PHE C 132 53.88 11.98 26.70
C PHE C 132 52.64 12.83 26.87
N TYR C 133 52.82 14.13 26.63
CA TYR C 133 51.79 15.10 26.75
C TYR C 133 52.13 16.21 25.75
N PRO C 134 51.15 16.77 25.07
CA PRO C 134 49.74 16.34 25.05
C PRO C 134 49.52 14.94 24.43
N GLY C 135 48.26 14.52 24.38
CA GLY C 135 47.96 13.15 24.00
C GLY C 135 48.10 12.91 22.52
N ALA C 136 49.35 12.80 22.04
CA ALA C 136 49.61 12.64 20.62
C ALA C 136 51.04 12.15 20.41
N VAL C 137 51.20 11.10 19.59
CA VAL C 137 52.49 10.62 19.10
C VAL C 137 52.30 10.01 17.70
N THR C 138 53.19 10.35 16.76
CA THR C 138 53.18 9.78 15.41
C THR C 138 54.20 8.66 15.28
N VAL C 139 53.75 7.52 14.77
CA VAL C 139 54.57 6.33 14.62
C VAL C 139 54.91 6.18 13.14
N ALA C 140 56.18 6.01 12.84
CA ALA C 140 56.67 5.83 11.48
C ALA C 140 57.65 4.66 11.48
N TRP C 141 57.25 3.55 10.85
CA TRP C 141 58.10 2.36 10.79
C TRP C 141 58.97 2.39 9.54
N LYS C 142 60.27 2.17 9.73
CA LYS C 142 61.24 2.17 8.64
C LYS C 142 62.30 1.13 8.97
N ALA C 143 62.26 -0.02 8.31
CA ALA C 143 63.19 -1.10 8.58
C ALA C 143 64.68 -0.69 8.59
N ASP C 144 65.23 -0.38 7.41
CA ASP C 144 66.59 0.12 7.21
C ASP C 144 66.55 1.54 6.70
N SER C 145 65.64 2.34 7.28
CA SER C 145 65.29 3.71 6.95
C SER C 145 64.41 3.82 5.70
N SER C 146 64.19 2.70 4.96
CA SER C 146 63.27 2.68 3.83
C SER C 146 61.83 2.54 4.32
N PRO C 147 60.87 3.24 3.72
CA PRO C 147 59.51 3.24 4.26
C PRO C 147 58.85 1.87 4.17
N VAL C 148 58.36 1.39 5.32
CA VAL C 148 57.61 0.14 5.42
C VAL C 148 56.14 0.51 5.55
N LYS C 149 55.37 0.19 4.53
CA LYS C 149 53.94 0.47 4.48
C LYS C 149 53.12 -0.81 4.61
N ALA C 150 53.63 -1.79 5.35
CA ALA C 150 53.01 -3.11 5.47
C ALA C 150 53.16 -3.65 6.88
N GLY C 151 52.04 -3.82 7.57
CA GLY C 151 52.00 -4.40 8.91
C GLY C 151 51.91 -3.44 10.08
N VAL C 152 51.27 -2.29 9.91
CA VAL C 152 51.29 -1.21 10.90
C VAL C 152 49.94 -1.14 11.61
N GLU C 153 49.95 -1.36 12.93
CA GLU C 153 48.77 -1.23 13.79
C GLU C 153 49.01 -0.09 14.77
N THR C 154 48.10 0.89 14.83
CA THR C 154 48.25 2.03 15.72
C THR C 154 47.00 2.20 16.59
N THR C 155 47.21 2.58 17.84
CA THR C 155 46.12 2.87 18.76
C THR C 155 45.82 4.37 18.72
N THR C 156 45.04 4.83 19.69
CA THR C 156 44.80 6.25 19.94
C THR C 156 45.33 6.60 21.32
N PRO C 157 45.60 7.87 21.58
CA PRO C 157 46.16 8.26 22.87
C PRO C 157 45.18 7.99 24.01
N SER C 158 45.65 7.25 25.02
CA SER C 158 44.84 6.85 26.17
C SER C 158 45.31 7.56 27.44
N LYS C 159 44.37 7.90 28.34
CA LYS C 159 44.70 8.64 29.56
C LYS C 159 45.25 7.72 30.63
N GLN C 160 46.48 7.97 31.03
CA GLN C 160 47.17 7.15 32.02
C GLN C 160 46.63 7.50 33.41
N SER C 161 47.30 6.98 34.45
CA SER C 161 47.03 7.46 35.80
C SER C 161 47.61 8.85 36.02
N ASN C 162 48.75 9.16 35.38
CA ASN C 162 49.44 10.43 35.63
C ASN C 162 48.98 11.53 34.68
N ASN C 163 47.84 11.35 34.00
CA ASN C 163 47.24 12.36 33.13
C ASN C 163 48.10 12.64 31.92
N LYS C 164 49.31 12.09 31.89
CA LYS C 164 50.03 12.00 30.63
C LYS C 164 49.35 10.95 29.77
N TYR C 165 49.77 10.84 28.51
CA TYR C 165 49.12 9.96 27.56
C TYR C 165 50.06 8.87 27.06
N ALA C 166 49.46 7.77 26.62
CA ALA C 166 50.17 6.58 26.17
C ALA C 166 49.59 6.09 24.86
N ALA C 167 50.44 5.44 24.06
CA ALA C 167 50.01 4.82 22.82
C ALA C 167 50.96 3.66 22.52
N SER C 168 50.52 2.79 21.62
CA SER C 168 51.32 1.64 21.24
C SER C 168 51.14 1.38 19.75
N SER C 169 52.13 0.70 19.17
CA SER C 169 52.12 0.38 17.76
C SER C 169 52.70 -1.01 17.54
N TYR C 170 52.21 -1.70 16.51
CA TYR C 170 52.59 -3.08 16.22
C TYR C 170 52.98 -3.20 14.75
N LEU C 171 54.25 -3.53 14.49
CA LEU C 171 54.70 -3.86 13.13
C LEU C 171 54.63 -5.37 12.99
N SER C 172 53.61 -5.85 12.29
CA SER C 172 53.46 -7.27 12.09
C SER C 172 54.42 -7.71 11.00
N LEU C 173 55.41 -8.51 11.38
CA LEU C 173 56.41 -9.06 10.47
C LEU C 173 56.37 -10.57 10.53
N THR C 174 57.12 -11.20 9.63
CA THR C 174 57.21 -12.64 9.54
C THR C 174 58.54 -13.13 10.11
N PRO C 175 58.65 -14.42 10.45
CA PRO C 175 59.98 -14.97 10.78
C PRO C 175 60.96 -14.86 9.64
N GLU C 176 60.47 -14.69 8.40
CA GLU C 176 61.31 -14.40 7.26
C GLU C 176 61.61 -12.90 7.15
N GLN C 177 60.62 -12.05 7.44
CA GLN C 177 60.86 -10.61 7.45
C GLN C 177 61.68 -10.16 8.67
N TRP C 178 61.56 -10.86 9.81
CA TRP C 178 62.34 -10.47 10.99
C TRP C 178 63.82 -10.81 10.84
N LYS C 179 64.19 -11.72 9.93
CA LYS C 179 65.57 -12.07 9.67
C LYS C 179 66.05 -11.60 8.29
N SER C 180 65.59 -10.44 7.82
CA SER C 180 66.02 -9.90 6.52
C SER C 180 66.78 -8.59 6.65
N HIS C 181 66.19 -7.56 7.25
CA HIS C 181 66.82 -6.25 7.33
C HIS C 181 67.78 -6.22 8.54
N LYS C 182 68.64 -5.17 8.60
CA LYS C 182 69.66 -5.13 9.66
C LYS C 182 69.03 -4.90 11.04
N SER C 183 68.19 -3.87 11.16
CA SER C 183 67.57 -3.50 12.43
C SER C 183 66.40 -2.57 12.18
N TYR C 184 65.18 -3.01 12.49
CA TYR C 184 63.96 -2.23 12.30
C TYR C 184 63.94 -1.01 13.23
N SER C 185 63.80 0.21 12.64
CA SER C 185 63.86 1.48 13.36
C SER C 185 62.48 2.15 13.38
N CYS C 186 61.81 2.08 14.53
CA CYS C 186 60.55 2.78 14.78
C CYS C 186 60.83 4.21 15.22
N GLN C 187 60.32 5.18 14.44
CA GLN C 187 60.56 6.60 14.67
C GLN C 187 59.29 7.24 15.23
N VAL C 188 59.32 7.61 16.51
CA VAL C 188 58.20 8.23 17.22
C VAL C 188 58.38 9.74 17.16
N THR C 189 57.48 10.42 16.44
CA THR C 189 57.50 11.86 16.34
C THR C 189 56.67 12.43 17.49
N HIS C 190 57.23 13.35 18.26
CA HIS C 190 56.52 13.99 19.36
C HIS C 190 56.70 15.50 19.29
N GLU C 191 55.60 16.21 19.02
CA GLU C 191 55.59 17.68 18.89
C GLU C 191 56.57 18.16 17.81
N GLY C 192 56.78 17.35 16.79
CA GLY C 192 57.76 17.64 15.75
C GLY C 192 59.03 16.83 15.87
N SER C 193 59.54 16.69 17.11
CA SER C 193 60.78 15.95 17.34
C SER C 193 60.59 14.49 16.95
N THR C 194 61.66 13.91 16.40
CA THR C 194 61.64 12.51 16.02
C THR C 194 62.81 11.77 16.66
N VAL C 195 62.50 10.68 17.35
CA VAL C 195 63.50 9.80 17.93
C VAL C 195 63.62 8.57 17.05
N GLU C 196 64.65 7.75 17.28
CA GLU C 196 64.86 6.52 16.50
C GLU C 196 65.26 5.43 17.49
N LYS C 197 64.37 4.47 17.74
CA LYS C 197 64.65 3.29 18.55
C LYS C 197 64.71 2.06 17.62
N THR C 198 65.80 1.29 17.71
CA THR C 198 66.10 0.21 16.77
C THR C 198 66.19 -1.15 17.49
N VAL C 199 65.83 -2.23 16.76
CA VAL C 199 65.87 -3.60 17.27
C VAL C 199 66.39 -4.55 16.19
N ALA C 200 67.14 -5.56 16.60
CA ALA C 200 67.79 -6.52 15.72
C ALA C 200 67.78 -7.90 16.37
N PRO C 201 68.00 -8.99 15.58
CA PRO C 201 67.96 -10.33 16.19
C PRO C 201 69.23 -10.74 16.90
N THR C 202 70.08 -9.78 17.28
CA THR C 202 71.32 -10.04 18.01
C THR C 202 71.43 -9.35 19.37
N GLU C 203 70.35 -8.76 19.89
CA GLU C 203 70.26 -8.17 21.24
C GLU C 203 71.15 -6.94 21.47
N CYS C 204 71.16 -6.43 22.73
CA CYS C 204 71.97 -5.25 23.13
C CYS C 204 73.41 -5.63 23.49
N GLU D 27 2.31 78.93 16.39
CA GLU D 27 3.57 78.66 17.09
C GLU D 27 3.29 78.06 18.44
N ASN D 28 2.01 77.99 18.71
CA ASN D 28 1.49 77.40 19.92
C ASN D 28 1.06 76.03 19.46
N LEU D 29 1.66 74.99 20.00
CA LEU D 29 1.29 73.67 19.50
C LEU D 29 0.42 73.02 20.55
N TRP D 30 -0.67 72.41 20.10
CA TRP D 30 -1.59 71.72 20.98
C TRP D 30 -1.92 70.36 20.42
N VAL D 31 -2.06 69.40 21.30
CA VAL D 31 -2.46 68.07 20.88
C VAL D 31 -3.94 68.13 20.50
N THR D 32 -4.35 67.38 19.47
CA THR D 32 -5.79 67.33 19.14
C THR D 32 -6.21 65.91 18.79
N VAL D 33 -7.41 65.51 19.32
CA VAL D 33 -7.96 64.16 19.25
C VAL D 33 -8.78 63.97 17.97
N TYR D 34 -8.57 62.83 17.29
CA TYR D 34 -9.31 62.45 16.07
C TYR D 34 -9.96 61.06 16.25
N TYR D 35 -11.28 60.95 16.06
CA TYR D 35 -11.98 59.67 16.24
C TYR D 35 -12.40 59.06 14.91
N GLY D 36 -11.98 57.82 14.66
CA GLY D 36 -12.26 57.14 13.40
C GLY D 36 -11.11 57.23 12.42
N VAL D 37 -9.90 57.21 12.95
CA VAL D 37 -8.68 57.27 12.14
C VAL D 37 -8.26 55.91 11.58
N PRO D 38 -7.77 55.81 10.29
CA PRO D 38 -7.32 54.51 9.76
C PRO D 38 -6.02 53.95 10.34
N VAL D 39 -6.11 53.39 11.55
CA VAL D 39 -5.03 52.71 12.27
C VAL D 39 -5.60 51.37 12.75
N TRP D 40 -4.83 50.32 12.58
CA TRP D 40 -5.18 48.97 12.99
C TRP D 40 -3.97 48.27 13.55
N LYS D 41 -4.23 47.22 14.34
CA LYS D 41 -3.14 46.42 14.87
C LYS D 41 -3.43 44.93 14.71
N ASP D 42 -2.34 44.14 14.57
CA ASP D 42 -2.42 42.68 14.48
C ASP D 42 -2.99 42.07 15.74
N ALA D 43 -3.96 41.20 15.57
CA ALA D 43 -4.65 40.63 16.71
C ALA D 43 -5.07 39.21 16.39
N GLU D 44 -5.16 38.44 17.45
CA GLU D 44 -5.71 37.12 17.40
C GLU D 44 -7.03 37.33 18.13
N THR D 45 -8.12 37.11 17.41
CA THR D 45 -9.47 37.25 17.93
C THR D 45 -10.39 36.13 17.49
N THR D 46 -11.60 36.13 18.08
CA THR D 46 -12.64 35.15 17.79
C THR D 46 -13.32 35.63 16.52
N LEU D 47 -13.12 34.88 15.43
CA LEU D 47 -13.65 35.03 14.08
C LEU D 47 -15.05 34.33 13.93
N PHE D 48 -15.80 34.47 12.85
CA PHE D 48 -17.10 33.84 12.67
C PHE D 48 -17.22 33.17 11.30
N CYS D 49 -18.26 32.32 11.11
CA CYS D 49 -18.45 31.50 9.91
C CYS D 49 -19.16 32.31 8.82
N ALA D 50 -19.03 31.83 7.58
CA ALA D 50 -19.84 32.42 6.52
C ALA D 50 -20.05 31.42 5.40
N SER D 51 -21.34 31.34 5.01
CA SER D 51 -21.87 30.44 4.00
C SER D 51 -23.04 31.11 3.28
N ASP D 52 -23.17 30.75 1.99
CA ASP D 52 -24.22 31.26 1.14
C ASP D 52 -25.54 30.90 1.77
N ALA D 53 -26.49 31.78 1.63
CA ALA D 53 -27.68 31.60 2.45
C ALA D 53 -28.68 30.62 1.86
N LYS D 54 -28.15 29.91 0.87
CA LYS D 54 -28.77 28.76 0.31
C LYS D 54 -29.19 27.86 1.41
N ALA D 55 -30.46 27.56 1.43
CA ALA D 55 -30.98 26.74 2.44
C ALA D 55 -31.55 25.57 1.70
N TYR D 56 -30.75 24.62 1.40
CA TYR D 56 -31.32 23.49 0.66
C TYR D 56 -31.64 22.34 1.60
N GLU D 57 -32.26 22.59 2.76
CA GLU D 57 -32.24 21.58 3.71
C GLU D 57 -32.82 20.19 3.12
N THR D 58 -34.10 20.33 2.82
CA THR D 58 -35.13 19.43 2.17
C THR D 58 -34.67 18.01 2.45
N GLU D 59 -34.20 17.88 3.65
CA GLU D 59 -33.62 16.67 4.20
C GLU D 59 -33.33 16.89 5.67
N LYS D 60 -32.37 16.16 6.19
CA LYS D 60 -31.60 16.54 7.39
C LYS D 60 -30.17 16.10 7.02
N HIS D 61 -29.43 16.98 6.35
CA HIS D 61 -27.98 16.94 6.23
C HIS D 61 -27.13 18.08 6.80
N ASN D 62 -26.02 18.38 6.12
CA ASN D 62 -25.30 19.64 6.34
C ASN D 62 -24.35 19.70 7.49
N VAL D 63 -23.11 19.31 7.30
CA VAL D 63 -22.36 19.19 8.46
C VAL D 63 -21.67 20.50 8.73
N TRP D 64 -21.22 21.14 7.67
CA TRP D 64 -20.39 22.32 7.83
C TRP D 64 -21.11 23.65 8.10
N ALA D 65 -22.05 24.01 7.25
CA ALA D 65 -22.83 25.24 7.48
C ALA D 65 -23.71 25.22 8.72
N THR D 66 -24.06 24.01 9.19
CA THR D 66 -24.89 23.70 10.35
C THR D 66 -26.27 24.35 10.24
N HIS D 67 -27.07 24.43 11.31
CA HIS D 67 -28.34 25.20 11.37
C HIS D 67 -28.31 26.71 11.11
N ALA D 68 -27.28 27.43 11.53
CA ALA D 68 -27.34 28.90 11.41
C ALA D 68 -25.93 29.46 11.27
N CYS D 69 -25.14 28.97 10.31
CA CYS D 69 -24.07 29.86 9.91
C CYS D 69 -24.64 31.04 9.14
N VAL D 70 -24.19 32.25 9.53
CA VAL D 70 -24.69 33.56 9.08
C VAL D 70 -24.65 33.69 7.56
N PRO D 71 -25.71 34.15 6.91
CA PRO D 71 -25.66 34.25 5.45
C PRO D 71 -24.65 35.29 4.96
N THR D 72 -24.04 34.98 3.81
CA THR D 72 -23.05 35.84 3.15
C THR D 72 -23.64 37.13 2.60
N ASP D 73 -22.79 38.14 2.48
CA ASP D 73 -23.19 39.35 1.78
C ASP D 73 -23.50 39.00 0.32
N PRO D 74 -24.55 39.61 -0.28
CA PRO D 74 -24.83 39.35 -1.72
C PRO D 74 -23.69 39.70 -2.65
N ASN D 75 -23.05 40.83 -2.35
CA ASN D 75 -21.90 41.35 -3.08
C ASN D 75 -20.90 41.67 -1.97
N PRO D 76 -19.71 41.12 -1.99
CA PRO D 76 -18.75 41.48 -0.95
C PRO D 76 -18.16 42.82 -1.28
N GLN D 77 -17.79 43.52 -0.22
CA GLN D 77 -17.23 44.85 -0.35
C GLN D 77 -15.73 44.75 -0.13
N GLU D 78 -15.13 43.97 -1.02
CA GLU D 78 -13.68 43.91 -1.06
C GLU D 78 -13.22 45.27 -1.51
N ILE D 79 -12.59 45.99 -0.58
CA ILE D 79 -12.20 47.39 -0.72
C ILE D 79 -10.70 47.55 -0.87
N HIS D 80 -10.21 48.01 -2.03
CA HIS D 80 -8.77 48.22 -2.20
C HIS D 80 -8.30 49.43 -1.38
N LEU D 81 -7.09 49.35 -0.82
CA LEU D 81 -6.48 50.38 0.04
C LEU D 81 -5.22 50.98 -0.60
N GLU D 82 -5.36 52.18 -1.17
CA GLU D 82 -4.25 52.86 -1.82
C GLU D 82 -3.13 53.14 -0.83
N ASN D 83 -1.90 52.91 -1.30
CA ASN D 83 -0.63 53.36 -0.77
C ASN D 83 -0.26 52.44 0.38
N VAL D 84 -1.08 51.43 0.65
CA VAL D 84 -1.03 50.62 1.87
C VAL D 84 -0.24 49.37 1.55
N THR D 85 0.74 49.07 2.37
CA THR D 85 1.56 47.87 2.22
C THR D 85 1.60 47.09 3.53
N GLU D 86 1.08 45.85 3.52
CA GLU D 86 0.98 45.06 4.72
C GLU D 86 1.62 43.69 4.60
N GLU D 87 2.23 43.26 5.71
CA GLU D 87 2.89 41.97 5.82
C GLU D 87 1.95 40.80 6.15
N PHE D 88 2.07 39.70 5.41
CA PHE D 88 1.34 38.49 5.72
C PHE D 88 2.36 37.42 6.10
N ASN D 89 1.95 36.49 6.96
CA ASN D 89 2.80 35.34 7.22
C ASN D 89 1.80 34.23 7.46
N MET D 90 1.68 33.36 6.48
CA MET D 90 0.74 32.27 6.58
C MET D 90 1.19 31.17 7.57
N TRP D 91 2.47 31.10 7.95
CA TRP D 91 2.87 29.99 8.81
C TRP D 91 2.71 30.33 10.29
N LYS D 92 2.82 31.61 10.63
CA LYS D 92 2.56 32.16 11.96
C LYS D 92 1.18 32.80 12.05
N ASN D 93 0.30 32.38 11.16
CA ASN D 93 -1.03 32.95 11.05
C ASN D 93 -1.92 32.38 12.12
N ASN D 94 -2.70 33.23 12.70
CA ASN D 94 -3.55 32.68 13.70
C ASN D 94 -4.81 32.14 13.13
N MET D 95 -5.22 32.62 11.96
CA MET D 95 -6.38 32.05 11.25
C MET D 95 -6.31 30.56 10.87
N VAL D 96 -5.13 30.04 10.52
CA VAL D 96 -5.02 28.62 10.17
C VAL D 96 -5.26 27.77 11.41
N GLU D 97 -4.53 28.08 12.46
CA GLU D 97 -4.57 27.42 13.75
C GLU D 97 -5.92 27.58 14.43
N GLN D 98 -6.88 28.26 13.79
CA GLN D 98 -8.26 28.48 14.23
C GLN D 98 -9.20 27.61 13.40
N MET D 99 -9.09 27.67 12.07
CA MET D 99 -9.91 26.82 11.22
C MET D 99 -9.69 25.38 11.55
N HIS D 100 -8.45 25.03 11.85
CA HIS D 100 -8.20 23.66 12.16
C HIS D 100 -9.02 23.23 13.34
N THR D 101 -8.97 23.99 14.42
CA THR D 101 -9.79 23.68 15.60
C THR D 101 -11.28 23.90 15.31
N ASP D 102 -11.59 24.77 14.34
CA ASP D 102 -12.98 25.01 14.03
C ASP D 102 -13.62 23.79 13.38
N ILE D 103 -12.91 23.17 12.44
CA ILE D 103 -13.36 21.96 11.77
C ILE D 103 -13.52 20.79 12.76
N ILE D 104 -12.55 20.64 13.68
CA ILE D 104 -12.55 19.54 14.65
C ILE D 104 -13.81 19.52 15.52
N SER D 105 -14.17 20.66 16.08
CA SER D 105 -15.33 20.66 16.96
C SER D 105 -16.57 20.23 16.22
N LEU D 106 -16.71 20.62 14.95
CA LEU D 106 -17.88 20.17 14.21
C LEU D 106 -17.98 18.63 14.08
N TRP D 107 -16.88 17.91 13.84
CA TRP D 107 -17.01 16.45 13.77
C TRP D 107 -17.56 15.82 15.02
N ASP D 108 -17.03 16.22 16.18
CA ASP D 108 -17.49 15.64 17.43
C ASP D 108 -18.91 16.04 17.67
N GLN D 109 -19.22 17.28 17.35
CA GLN D 109 -20.56 17.73 17.58
C GLN D 109 -21.55 16.93 16.71
N SER D 110 -21.13 16.52 15.50
CA SER D 110 -21.99 15.72 14.63
C SER D 110 -21.97 14.22 14.96
N LEU D 111 -20.93 13.76 15.68
CA LEU D 111 -20.80 12.36 16.07
C LEU D 111 -21.47 11.98 17.38
N LYS D 112 -21.60 12.92 18.32
CA LYS D 112 -22.14 12.63 19.66
C LYS D 112 -23.51 11.96 19.67
N PRO D 113 -24.52 12.44 18.95
CA PRO D 113 -25.88 11.85 19.06
C PRO D 113 -26.06 10.50 18.34
N CYS D 114 -25.05 10.08 17.57
CA CYS D 114 -25.11 8.92 16.71
C CYS D 114 -24.86 7.62 17.47
N VAL D 115 -24.99 6.50 16.71
CA VAL D 115 -24.95 5.16 17.28
C VAL D 115 -23.51 4.86 17.65
N LYS D 116 -23.31 4.51 18.92
CA LYS D 116 -22.00 4.14 19.40
C LYS D 116 -21.92 2.67 19.21
N LEU D 117 -20.84 2.22 18.58
CA LEU D 117 -20.68 0.78 18.31
C LEU D 117 -19.81 0.10 19.34
N THR D 118 -20.09 0.27 20.62
CA THR D 118 -19.36 -0.51 21.61
C THR D 118 -19.56 -2.03 21.42
N PRO D 119 -20.76 -2.54 21.09
CA PRO D 119 -20.94 -4.01 20.96
C PRO D 119 -20.35 -4.68 19.72
N LEU D 120 -19.88 -3.93 18.72
CA LEU D 120 -19.30 -4.56 17.53
C LEU D 120 -17.92 -5.09 17.75
N CYS D 121 -17.42 -5.03 18.99
CA CYS D 121 -16.12 -5.60 19.29
C CYS D 121 -16.16 -7.08 19.70
N VAL D 122 -17.21 -7.81 19.28
CA VAL D 122 -17.32 -9.26 19.49
C VAL D 122 -16.27 -9.96 18.62
N THR D 123 -15.90 -11.19 19.02
CA THR D 123 -15.01 -11.95 18.13
C THR D 123 -15.76 -12.18 16.82
N LEU D 124 -15.08 -11.88 15.75
CA LEU D 124 -15.69 -11.91 14.44
C LEU D 124 -15.16 -13.14 13.80
N GLN D 125 -16.05 -13.92 13.19
CA GLN D 125 -15.61 -15.03 12.35
C GLN D 125 -15.78 -14.68 10.87
N CYS D 126 -14.65 -14.56 10.20
CA CYS D 126 -14.59 -13.98 8.87
C CYS D 126 -13.93 -15.01 7.94
N THR D 127 -14.44 -15.06 6.72
CA THR D 127 -13.84 -15.80 5.63
C THR D 127 -13.66 -14.91 4.40
N ASN D 128 -12.79 -15.36 3.51
CA ASN D 128 -12.48 -14.65 2.28
C ASN D 128 -13.70 -14.69 1.36
N VAL D 129 -13.90 -13.66 0.55
CA VAL D 129 -14.97 -13.81 -0.45
C VAL D 129 -14.60 -14.75 -1.62
N THR D 130 -13.78 -14.22 -2.55
CA THR D 130 -13.47 -14.78 -3.88
C THR D 130 -12.64 -16.10 -3.94
N ASN D 131 -13.07 -17.06 -4.81
CA ASN D 131 -12.22 -18.16 -5.34
C ASN D 131 -11.68 -17.93 -6.78
N ASN D 132 -12.35 -17.09 -7.58
CA ASN D 132 -11.81 -16.55 -8.85
C ASN D 132 -10.84 -15.40 -8.51
N ILE D 133 -9.79 -15.74 -7.75
CA ILE D 133 -8.76 -14.78 -7.36
C ILE D 133 -8.05 -14.19 -8.57
N THR D 134 -8.22 -12.88 -8.74
CA THR D 134 -7.42 -12.14 -9.69
C THR D 134 -7.48 -10.65 -9.28
N GLY D 139 -8.82 -11.06 -2.96
CA GLY D 139 -9.60 -11.04 -1.74
C GLY D 139 -9.13 -10.15 -0.57
N GLU D 140 -9.77 -8.96 -0.45
CA GLU D 140 -9.44 -7.82 0.40
C GLU D 140 -10.64 -7.41 1.23
N LEU D 141 -11.52 -8.37 1.45
CA LEU D 141 -12.83 -8.07 1.95
C LEU D 141 -13.36 -9.34 2.57
N LYS D 142 -14.14 -9.25 3.67
CA LYS D 142 -14.48 -10.49 4.39
C LYS D 142 -15.96 -10.64 4.69
N ASN D 143 -16.46 -11.85 4.55
CA ASN D 143 -17.81 -12.09 4.92
C ASN D 143 -17.67 -12.45 6.39
N CYS D 144 -18.24 -11.59 7.24
CA CYS D 144 -17.97 -11.78 8.66
C CYS D 144 -19.25 -12.04 9.42
N SER D 145 -19.24 -13.20 10.09
CA SER D 145 -20.25 -13.67 11.01
C SER D 145 -19.79 -13.55 12.43
N PHE D 146 -20.72 -13.12 13.23
CA PHE D 146 -20.50 -12.85 14.62
C PHE D 146 -21.86 -12.78 15.30
N ASN D 147 -21.84 -13.04 16.58
CA ASN D 147 -22.97 -12.83 17.43
C ASN D 147 -23.05 -11.34 17.67
N MET D 148 -24.21 -10.86 18.06
CA MET D 148 -24.37 -9.43 18.30
C MET D 148 -25.43 -9.33 19.36
N THR D 149 -25.77 -8.12 19.77
CA THR D 149 -26.89 -8.00 20.68
C THR D 149 -28.13 -7.63 19.85
N THR D 150 -29.30 -8.23 20.19
CA THR D 150 -30.61 -7.95 19.62
C THR D 150 -31.23 -6.79 20.37
N GLU D 151 -32.55 -6.64 20.29
CA GLU D 151 -33.28 -5.60 21.04
C GLU D 151 -33.48 -6.02 22.50
N LEU D 152 -33.92 -7.26 22.71
CA LEU D 152 -33.98 -7.86 24.04
C LEU D 152 -32.59 -8.09 24.61
N ARG D 153 -32.44 -7.70 25.87
CA ARG D 153 -31.11 -7.73 26.46
C ARG D 153 -30.58 -9.17 26.50
N ASP D 154 -31.48 -10.17 26.77
CA ASP D 154 -31.11 -11.61 26.94
C ASP D 154 -30.82 -12.37 25.61
N LYS D 155 -31.50 -11.99 24.54
CA LYS D 155 -31.38 -12.63 23.25
C LYS D 155 -30.13 -12.06 22.57
N LYS D 156 -29.47 -12.88 21.75
CA LYS D 156 -28.29 -12.55 20.96
C LYS D 156 -28.57 -12.97 19.53
N GLN D 157 -27.84 -12.41 18.56
CA GLN D 157 -28.04 -12.73 17.14
C GLN D 157 -26.74 -13.04 16.39
N LYS D 158 -26.85 -13.96 15.45
CA LYS D 158 -25.72 -14.24 14.60
C LYS D 158 -25.98 -13.51 13.29
N VAL D 159 -25.15 -12.54 13.00
CA VAL D 159 -25.26 -11.78 11.78
C VAL D 159 -23.98 -11.88 10.96
N TYR D 160 -24.07 -11.42 9.72
CA TYR D 160 -22.90 -11.36 8.85
C TYR D 160 -22.83 -9.97 8.26
N SER D 161 -21.63 -9.47 8.10
CA SER D 161 -21.41 -8.18 7.47
C SER D 161 -20.15 -8.37 6.64
N LEU D 162 -19.96 -7.48 5.65
CA LEU D 162 -18.76 -7.46 4.80
C LEU D 162 -17.77 -6.47 5.37
N PHE D 163 -16.52 -6.86 5.55
CA PHE D 163 -15.62 -5.87 6.12
C PHE D 163 -14.37 -5.75 5.28
N TYR D 164 -13.97 -4.50 4.99
CA TYR D 164 -12.70 -4.30 4.29
C TYR D 164 -11.56 -4.72 5.20
N ARG D 165 -10.48 -5.15 4.55
CA ARG D 165 -9.37 -5.78 5.28
C ARG D 165 -8.72 -4.87 6.32
N LEU D 166 -8.68 -3.57 6.08
CA LEU D 166 -7.96 -2.64 6.96
C LEU D 166 -8.57 -2.43 8.34
N ASP D 167 -9.88 -2.57 8.43
CA ASP D 167 -10.68 -2.37 9.63
C ASP D 167 -10.59 -3.54 10.60
N VAL D 168 -10.10 -4.72 10.15
CA VAL D 168 -10.15 -6.00 10.88
C VAL D 168 -8.77 -6.64 11.03
N VAL D 169 -8.58 -7.36 12.13
CA VAL D 169 -7.38 -8.17 12.38
C VAL D 169 -7.70 -9.54 12.93
N GLN D 170 -6.79 -10.48 12.66
CA GLN D 170 -6.95 -11.85 13.10
C GLN D 170 -6.34 -11.88 14.48
N ILE D 171 -6.77 -12.85 15.29
CA ILE D 171 -6.36 -12.92 16.67
C ILE D 171 -5.45 -14.12 16.96
N ASN D 172 -5.91 -15.36 16.72
CA ASN D 172 -4.89 -16.40 16.99
C ASN D 172 -4.46 -17.20 15.72
N SER D 182 -7.83 -20.94 13.71
CA SER D 182 -8.40 -22.23 13.32
C SER D 182 -9.63 -22.05 12.43
N ASN D 183 -10.41 -20.97 12.70
CA ASN D 183 -11.67 -20.66 12.02
C ASN D 183 -11.50 -19.86 10.71
N LYS D 184 -10.89 -18.66 10.72
CA LYS D 184 -10.25 -17.95 11.85
C LYS D 184 -11.13 -16.91 12.55
N GLU D 185 -10.62 -16.51 13.71
CA GLU D 185 -11.21 -15.51 14.57
C GLU D 185 -10.54 -14.16 14.38
N TYR D 186 -11.38 -13.11 14.36
CA TYR D 186 -10.96 -11.76 14.05
C TYR D 186 -11.60 -10.73 14.95
N ARG D 187 -11.02 -9.54 14.88
CA ARG D 187 -11.60 -8.37 15.52
C ARG D 187 -11.34 -7.12 14.71
N LEU D 188 -12.13 -6.12 15.03
CA LEU D 188 -11.92 -4.81 14.45
C LEU D 188 -10.67 -4.17 14.96
N ILE D 189 -10.04 -3.43 14.08
CA ILE D 189 -8.75 -2.87 14.37
C ILE D 189 -8.83 -1.90 15.55
N ASN D 190 -9.98 -1.24 15.74
CA ASN D 190 -10.07 -0.18 16.76
C ASN D 190 -10.22 -0.67 18.18
N CYS D 191 -10.61 -1.92 18.39
CA CYS D 191 -11.08 -2.36 19.68
C CYS D 191 -9.96 -2.27 20.69
N ASN D 192 -8.73 -2.31 20.24
CA ASN D 192 -7.66 -2.19 21.20
C ASN D 192 -7.16 -0.77 21.40
N THR D 193 -7.53 0.19 20.53
CA THR D 193 -7.19 1.64 20.64
C THR D 193 -8.22 2.55 21.27
N SER D 194 -9.48 2.44 20.86
CA SER D 194 -10.46 3.44 21.24
C SER D 194 -11.85 2.90 21.02
N ALA D 195 -12.80 3.62 21.59
CA ALA D 195 -14.17 3.29 21.30
C ALA D 195 -14.48 3.77 19.91
N ILE D 196 -15.70 3.48 19.45
CA ILE D 196 -16.07 3.80 18.09
C ILE D 196 -17.51 4.27 18.06
N THR D 197 -17.78 5.21 17.15
CA THR D 197 -19.14 5.72 16.93
C THR D 197 -19.39 5.87 15.44
N GLN D 198 -20.62 5.61 15.07
CA GLN D 198 -21.02 5.57 13.69
C GLN D 198 -21.63 6.89 13.26
N ALA D 199 -21.16 7.51 12.19
CA ALA D 199 -21.81 8.74 11.72
C ALA D 199 -23.26 8.45 11.34
N CYS D 200 -24.23 9.29 11.83
CA CYS D 200 -25.63 9.10 11.43
C CYS D 200 -25.70 9.17 9.93
N PRO D 201 -26.52 8.34 9.29
CA PRO D 201 -26.52 8.28 7.83
C PRO D 201 -26.98 9.59 7.27
N LYS D 202 -27.73 10.35 8.08
CA LYS D 202 -28.40 11.56 7.64
C LYS D 202 -27.32 12.61 7.29
N VAL D 203 -26.24 12.71 8.07
CA VAL D 203 -25.16 13.68 7.91
C VAL D 203 -24.39 13.51 6.60
N SER D 204 -23.92 14.60 5.99
CA SER D 204 -23.22 14.49 4.72
C SER D 204 -21.78 14.96 4.96
N PHE D 205 -20.80 14.33 4.33
CA PHE D 205 -19.38 14.71 4.47
C PHE D 205 -18.87 15.69 3.43
N GLU D 206 -19.74 16.21 2.58
CA GLU D 206 -19.34 17.13 1.51
C GLU D 206 -18.83 18.50 1.95
N PRO D 207 -17.61 18.91 1.56
CA PRO D 207 -17.15 20.23 1.93
C PRO D 207 -17.89 21.26 1.10
N ILE D 208 -18.48 22.26 1.73
CA ILE D 208 -19.07 23.32 0.96
C ILE D 208 -18.25 24.54 1.27
N PRO D 209 -18.17 25.53 0.37
CA PRO D 209 -17.33 26.68 0.70
C PRO D 209 -17.87 27.42 1.90
N ILE D 210 -16.91 27.64 2.79
CA ILE D 210 -17.15 28.35 4.02
C ILE D 210 -16.20 29.53 4.06
N HIS D 211 -16.78 30.72 4.20
CA HIS D 211 -16.20 32.04 4.32
C HIS D 211 -16.06 32.29 5.80
N TYR D 212 -15.39 33.37 6.12
CA TYR D 212 -15.22 33.77 7.49
C TYR D 212 -15.32 35.28 7.62
N CYS D 213 -16.20 35.76 8.51
CA CYS D 213 -16.45 37.19 8.62
C CYS D 213 -15.96 37.65 9.99
N ALA D 214 -15.41 38.92 10.04
CA ALA D 214 -14.94 39.53 11.28
C ALA D 214 -15.93 40.44 11.98
N PRO D 215 -15.89 40.44 13.32
CA PRO D 215 -16.79 41.33 14.03
C PRO D 215 -16.31 42.74 13.83
N ALA D 216 -17.19 43.65 14.17
CA ALA D 216 -16.86 45.06 14.11
C ALA D 216 -15.74 45.36 15.07
N GLY D 217 -14.95 46.32 14.67
CA GLY D 217 -13.75 46.66 15.36
C GLY D 217 -12.59 45.82 14.95
N PHE D 218 -12.82 44.76 14.20
CA PHE D 218 -11.77 43.97 13.63
C PHE D 218 -11.89 44.05 12.10
N ALA D 219 -10.88 43.51 11.42
CA ALA D 219 -10.90 43.48 9.97
C ALA D 219 -10.05 42.31 9.50
N ILE D 220 -10.33 41.85 8.29
CA ILE D 220 -9.59 40.78 7.64
C ILE D 220 -8.85 41.45 6.53
N LEU D 221 -7.55 41.24 6.45
CA LEU D 221 -6.76 41.84 5.36
C LEU D 221 -6.48 40.82 4.29
N LYS D 222 -6.66 41.19 3.03
CA LYS D 222 -6.56 40.19 1.97
C LYS D 222 -5.48 40.63 0.97
N CYS D 223 -4.51 39.77 0.75
CA CYS D 223 -3.41 39.98 -0.17
C CYS D 223 -3.86 39.70 -1.59
N LYS D 224 -3.62 40.67 -2.46
CA LYS D 224 -4.01 40.51 -3.84
C LYS D 224 -2.79 40.26 -4.75
N ASP D 225 -1.63 39.90 -4.16
CA ASP D 225 -0.41 39.59 -4.90
C ASP D 225 -0.41 38.19 -5.52
N LYS D 226 -0.24 38.14 -6.83
CA LYS D 226 -0.24 36.88 -7.57
C LYS D 226 1.02 36.06 -7.26
N LYS D 227 2.21 36.72 -7.32
CA LYS D 227 3.58 36.24 -7.08
C LYS D 227 3.95 36.17 -5.59
N PHE D 228 2.95 36.10 -4.73
CA PHE D 228 3.20 36.21 -3.31
C PHE D 228 4.11 35.07 -2.87
N ASN D 229 5.23 35.47 -2.31
CA ASN D 229 6.16 34.61 -1.63
C ASN D 229 5.42 33.94 -0.48
N GLY D 230 6.02 32.90 0.08
CA GLY D 230 5.37 32.24 1.21
C GLY D 230 4.95 33.23 2.29
N THR D 231 5.87 34.07 2.70
CA THR D 231 5.68 35.08 3.73
C THR D 231 6.00 36.48 3.20
N GLY D 232 5.97 37.46 4.09
CA GLY D 232 6.33 38.81 3.76
C GLY D 232 5.22 39.81 3.46
N PRO D 233 5.65 41.02 3.10
CA PRO D 233 4.75 42.14 2.76
C PRO D 233 4.12 42.05 1.37
N CYS D 234 2.80 42.21 1.32
CA CYS D 234 2.03 42.13 0.09
C CYS D 234 1.76 43.55 -0.40
N PRO D 235 2.27 43.93 -1.57
CA PRO D 235 2.16 45.33 -2.02
C PRO D 235 0.75 45.74 -2.38
N SER D 236 -0.08 44.81 -2.78
CA SER D 236 -1.43 45.08 -3.22
C SER D 236 -2.35 44.45 -2.21
N VAL D 237 -3.07 45.29 -1.46
CA VAL D 237 -3.90 44.86 -0.34
C VAL D 237 -5.30 45.42 -0.49
N SER D 238 -6.28 44.56 -0.24
CA SER D 238 -7.68 44.90 -0.14
C SER D 238 -8.18 44.43 1.21
N THR D 239 -9.29 45.00 1.65
CA THR D 239 -9.81 44.65 2.94
C THR D 239 -11.17 44.04 2.65
N VAL D 240 -11.55 43.03 3.44
CA VAL D 240 -12.81 42.33 3.25
C VAL D 240 -13.45 42.08 4.59
N GLN D 241 -14.76 41.94 4.55
CA GLN D 241 -15.46 41.62 5.77
C GLN D 241 -15.43 40.14 6.02
N CYS D 242 -15.35 39.34 4.93
CA CYS D 242 -15.35 37.88 4.95
C CYS D 242 -14.36 37.33 3.90
N THR D 243 -13.77 36.16 4.18
CA THR D 243 -12.81 35.52 3.26
C THR D 243 -13.53 34.89 2.05
N HIS D 244 -12.77 34.36 1.09
CA HIS D 244 -13.46 33.67 -0.01
C HIS D 244 -14.01 32.32 0.45
N GLY D 245 -14.81 31.69 -0.41
CA GLY D 245 -15.36 30.37 -0.14
C GLY D 245 -14.26 29.34 -0.08
N ILE D 246 -14.04 28.96 1.15
CA ILE D 246 -12.99 28.02 1.40
C ILE D 246 -13.72 26.70 1.54
N LYS D 247 -13.43 25.83 0.63
CA LYS D 247 -14.00 24.53 0.72
C LYS D 247 -13.08 23.81 1.70
N PRO D 248 -13.59 23.27 2.90
CA PRO D 248 -12.67 22.55 3.80
C PRO D 248 -12.44 21.10 3.36
N VAL D 249 -11.81 20.94 2.20
CA VAL D 249 -11.59 19.57 1.77
C VAL D 249 -10.43 18.98 2.54
N VAL D 250 -10.77 18.02 3.41
CA VAL D 250 -9.74 17.28 4.16
C VAL D 250 -9.23 16.18 3.24
N SER D 251 -7.95 16.25 2.93
CA SER D 251 -7.34 15.41 1.94
C SER D 251 -5.88 15.25 2.31
N THR D 252 -5.25 14.24 1.75
CA THR D 252 -3.84 14.16 2.04
C THR D 252 -3.08 13.95 0.75
N GLN D 253 -1.83 14.44 0.82
CA GLN D 253 -0.85 14.54 -0.26
C GLN D 253 -1.34 15.48 -1.38
N LEU D 254 -2.62 15.82 -1.46
CA LEU D 254 -3.00 16.63 -2.60
C LEU D 254 -4.20 17.43 -2.15
N LEU D 255 -4.21 18.71 -2.52
CA LEU D 255 -5.30 19.60 -2.17
C LEU D 255 -6.38 19.49 -3.24
N LEU D 256 -7.62 19.49 -2.82
CA LEU D 256 -8.71 19.25 -3.76
C LEU D 256 -9.73 20.40 -3.71
N ASN D 257 -10.29 20.80 -4.86
CA ASN D 257 -11.43 21.72 -4.85
C ASN D 257 -11.11 22.99 -4.10
N GLY D 258 -9.85 23.30 -4.07
CA GLY D 258 -9.33 24.50 -3.49
C GLY D 258 -9.40 25.68 -4.40
N SER D 259 -8.60 26.67 -4.01
CA SER D 259 -8.35 27.89 -4.72
C SER D 259 -6.97 27.72 -5.39
N LEU D 260 -6.80 28.29 -6.60
CA LEU D 260 -5.61 28.13 -7.45
C LEU D 260 -4.65 29.32 -7.36
N ALA D 261 -3.54 29.23 -8.12
CA ALA D 261 -2.57 30.30 -8.22
C ALA D 261 -2.45 30.83 -9.64
N GLU D 262 -2.36 32.17 -9.77
CA GLU D 262 -2.16 32.92 -11.00
C GLU D 262 -0.69 32.96 -11.44
N GLU D 263 -0.48 33.26 -12.72
CA GLU D 263 0.85 33.24 -13.33
C GLU D 263 1.48 31.87 -13.15
N GLU D 264 2.61 31.79 -12.46
CA GLU D 264 3.48 30.67 -12.18
C GLU D 264 2.87 29.88 -11.03
N VAL D 265 3.22 28.60 -10.95
CA VAL D 265 2.79 27.86 -9.77
C VAL D 265 3.59 28.43 -8.60
N MET D 266 3.04 28.33 -7.39
CA MET D 266 3.62 29.03 -6.27
C MET D 266 4.18 28.04 -5.29
N ILE D 267 5.40 28.29 -4.88
CA ILE D 267 6.05 27.49 -3.88
C ILE D 267 6.15 28.30 -2.61
N ARG D 268 5.52 27.79 -1.58
CA ARG D 268 5.46 28.49 -0.31
C ARG D 268 5.90 27.50 0.75
N SER D 269 6.92 27.87 1.48
CA SER D 269 7.36 27.12 2.63
C SER D 269 7.54 28.12 3.76
N GLU D 270 7.77 27.62 4.95
CA GLU D 270 8.20 28.53 6.00
C GLU D 270 9.68 28.72 5.79
N ASN D 271 10.31 27.68 5.26
CA ASN D 271 11.71 27.76 4.86
C ASN D 271 11.93 26.66 3.84
N ILE D 272 12.25 27.11 2.63
CA ILE D 272 12.34 26.22 1.48
C ILE D 272 13.50 25.28 1.69
N THR D 273 14.63 25.84 2.14
CA THR D 273 15.88 25.12 2.32
C THR D 273 15.82 24.17 3.51
N ASN D 274 14.78 24.31 4.34
CA ASN D 274 14.59 23.46 5.50
C ASN D 274 13.68 22.29 5.15
N ASN D 275 14.20 21.07 5.30
CA ASN D 275 13.36 19.91 5.02
C ASN D 275 12.27 19.78 6.06
N ALA D 276 12.56 20.14 7.32
CA ALA D 276 11.57 19.87 8.34
C ALA D 276 10.33 20.69 8.10
N LYS D 277 10.48 21.89 7.57
CA LYS D 277 9.29 22.66 7.27
C LYS D 277 8.84 22.22 5.88
N ASN D 278 7.56 21.91 5.78
CA ASN D 278 7.06 21.37 4.54
C ASN D 278 7.16 22.41 3.45
N ILE D 279 6.85 21.94 2.25
CA ILE D 279 6.91 22.79 1.10
C ILE D 279 5.49 22.66 0.61
N LEU D 280 4.83 23.79 0.56
CA LEU D 280 3.45 23.91 0.14
C LEU D 280 3.46 24.40 -1.28
N VAL D 281 2.68 23.76 -2.12
CA VAL D 281 2.58 24.07 -3.53
C VAL D 281 1.16 24.41 -3.97
N GLN D 282 1.03 25.49 -4.74
CA GLN D 282 -0.27 25.89 -5.24
C GLN D 282 -0.21 25.90 -6.75
N PHE D 283 -1.14 25.22 -7.38
CA PHE D 283 -1.11 25.12 -8.82
C PHE D 283 -1.62 26.36 -9.51
N ASN D 284 -1.13 26.52 -10.73
CA ASN D 284 -1.73 27.46 -11.65
C ASN D 284 -2.81 26.87 -12.57
N THR D 285 -2.71 25.61 -12.99
CA THR D 285 -3.76 24.97 -13.81
C THR D 285 -4.41 23.79 -13.09
N PRO D 286 -5.75 23.68 -12.99
CA PRO D 286 -6.28 22.48 -12.31
C PRO D 286 -6.32 21.32 -13.27
N VAL D 287 -5.95 20.20 -12.73
CA VAL D 287 -6.08 18.91 -13.33
C VAL D 287 -7.37 18.24 -12.84
N GLN D 288 -7.81 17.26 -13.62
CA GLN D 288 -9.01 16.49 -13.40
C GLN D 288 -8.72 15.11 -12.83
N ILE D 289 -9.55 14.71 -11.84
CA ILE D 289 -9.53 13.40 -11.15
C ILE D 289 -10.93 12.82 -11.02
N ASN D 290 -11.09 11.60 -11.52
CA ASN D 290 -12.34 10.86 -11.40
C ASN D 290 -12.06 9.71 -10.42
N CYS D 291 -12.82 9.67 -9.33
CA CYS D 291 -12.69 8.63 -8.29
C CYS D 291 -13.97 7.84 -8.19
N THR D 292 -13.81 6.54 -8.28
CA THR D 292 -14.93 5.64 -8.22
C THR D 292 -14.65 4.48 -7.26
N ARG D 293 -15.70 4.04 -6.51
CA ARG D 293 -15.65 2.75 -5.84
C ARG D 293 -16.56 1.87 -6.66
N PRO D 294 -15.98 1.08 -7.57
CA PRO D 294 -16.73 0.34 -8.61
C PRO D 294 -17.57 -0.90 -8.30
N ASN D 295 -18.11 -1.00 -7.15
CA ASN D 295 -18.87 -2.17 -6.77
C ASN D 295 -20.18 -1.59 -6.25
N ASN D 296 -21.25 -2.25 -6.59
CA ASN D 296 -22.54 -1.72 -6.26
C ASN D 296 -22.89 -2.24 -4.89
N ASN D 297 -22.37 -1.58 -3.85
CA ASN D 297 -22.55 -2.10 -2.49
C ASN D 297 -23.97 -1.94 -1.99
N THR D 298 -24.25 -2.64 -0.89
CA THR D 298 -25.54 -2.62 -0.20
C THR D 298 -25.44 -2.45 1.33
N ARG D 299 -26.45 -1.77 1.89
CA ARG D 299 -26.52 -1.41 3.32
C ARG D 299 -27.47 -2.34 4.06
N LYS D 300 -26.98 -2.91 5.20
CA LYS D 300 -27.77 -3.82 6.04
C LYS D 300 -28.04 -3.12 7.39
N SER D 301 -29.31 -2.80 7.64
CA SER D 301 -29.70 -2.18 8.90
C SER D 301 -29.90 -3.33 9.89
N ILE D 302 -29.01 -3.44 10.89
CA ILE D 302 -29.10 -4.48 11.93
C ILE D 302 -29.46 -3.81 13.26
N ARG D 303 -30.57 -4.24 13.92
CA ARG D 303 -30.94 -3.52 15.15
C ARG D 303 -30.17 -4.08 16.34
N ILE D 304 -29.50 -3.21 17.07
CA ILE D 304 -28.62 -3.69 18.12
C ILE D 304 -29.08 -3.20 19.47
N GLY D 305 -30.28 -2.66 19.51
CA GLY D 305 -30.84 -2.16 20.73
C GLY D 305 -32.04 -1.31 20.42
N PRO D 306 -32.67 -0.80 21.48
CA PRO D 306 -33.78 0.15 21.30
C PRO D 306 -33.29 1.45 20.65
N GLY D 307 -33.64 1.65 19.38
CA GLY D 307 -33.23 2.83 18.67
C GLY D 307 -31.88 2.65 18.01
N GLN D 308 -30.93 2.05 18.72
CA GLN D 308 -29.63 1.89 18.12
C GLN D 308 -29.78 0.97 16.91
N ALA D 309 -29.04 1.24 15.84
CA ALA D 309 -29.15 0.41 14.64
C ALA D 309 -27.84 0.38 13.89
N PHE D 310 -27.23 -0.77 13.72
CA PHE D 310 -25.98 -0.79 12.98
C PHE D 310 -26.15 -1.03 11.48
N TYR D 311 -25.39 -0.25 10.68
CA TYR D 311 -25.47 -0.33 9.21
C TYR D 311 -24.27 -1.11 8.72
N ALA D 312 -24.49 -2.42 8.55
CA ALA D 312 -23.54 -3.41 8.06
C ALA D 312 -23.42 -3.40 6.54
N THR D 313 -22.31 -3.93 6.06
CA THR D 313 -22.10 -4.03 4.61
C THR D 313 -22.66 -5.40 4.17
N GLY D 314 -23.72 -5.32 3.36
CA GLY D 314 -24.43 -6.41 2.70
C GLY D 314 -23.63 -7.03 1.60
N ASP D 315 -24.24 -7.99 0.87
CA ASP D 315 -23.55 -8.70 -0.23
C ASP D 315 -23.26 -7.72 -1.37
N ILE D 316 -22.12 -7.82 -2.04
CA ILE D 316 -21.87 -6.91 -3.16
C ILE D 316 -22.74 -7.37 -4.33
N ILE D 317 -23.29 -6.43 -5.09
CA ILE D 317 -24.06 -6.79 -6.26
C ILE D 317 -23.35 -6.42 -7.56
N GLY D 318 -23.09 -7.42 -8.38
CA GLY D 318 -22.40 -7.22 -9.61
C GLY D 318 -20.96 -7.55 -9.33
N ASP D 319 -20.10 -7.00 -10.17
CA ASP D 319 -18.75 -7.42 -9.97
C ASP D 319 -18.24 -6.77 -8.72
N ILE D 320 -17.18 -7.35 -8.22
CA ILE D 320 -16.40 -6.88 -7.10
C ILE D 320 -15.17 -6.32 -7.76
N ARG D 321 -15.14 -5.00 -7.79
CA ARG D 321 -14.07 -4.21 -8.37
C ARG D 321 -13.46 -3.26 -7.32
N GLN D 322 -12.14 -2.95 -7.47
CA GLN D 322 -11.43 -2.08 -6.53
C GLN D 322 -11.46 -0.60 -6.89
N ALA D 323 -11.47 0.24 -5.86
CA ALA D 323 -11.55 1.67 -6.12
C ALA D 323 -10.28 2.22 -6.71
N HIS D 324 -10.48 3.24 -7.52
CA HIS D 324 -9.38 3.83 -8.23
C HIS D 324 -9.76 5.24 -8.65
N CYS D 325 -8.73 5.95 -9.10
CA CYS D 325 -8.80 7.26 -9.68
C CYS D 325 -7.81 7.42 -10.81
N ASN D 326 -8.33 7.92 -11.93
CA ASN D 326 -7.51 8.32 -13.05
C ASN D 326 -7.28 9.82 -13.09
N VAL D 327 -6.12 10.17 -13.64
CA VAL D 327 -5.65 11.50 -13.97
C VAL D 327 -4.94 11.42 -15.32
N SER D 328 -5.33 12.26 -16.27
CA SER D 328 -4.70 12.22 -17.59
C SER D 328 -3.17 12.34 -17.49
N LYS D 329 -2.43 11.33 -18.02
CA LYS D 329 -0.98 11.28 -17.89
C LYS D 329 -0.35 12.45 -18.61
N ALA D 330 -0.98 12.87 -19.69
CA ALA D 330 -0.50 14.01 -20.45
C ALA D 330 -0.52 15.25 -19.56
N THR D 331 -1.66 15.53 -18.92
CA THR D 331 -1.83 16.70 -18.06
C THR D 331 -0.85 16.66 -16.90
N TRP D 332 -0.59 15.48 -16.37
CA TRP D 332 0.32 15.38 -15.26
C TRP D 332 1.78 15.68 -15.67
N ASN D 333 2.17 15.42 -16.92
CA ASN D 333 3.52 15.77 -17.37
C ASN D 333 3.67 17.27 -17.54
N GLU D 334 2.60 17.90 -18.01
CA GLU D 334 2.52 19.35 -18.12
C GLU D 334 2.64 20.03 -16.79
N THR D 335 1.87 19.57 -15.81
CA THR D 335 1.86 20.19 -14.49
C THR D 335 3.22 20.13 -13.80
N LEU D 336 3.93 18.99 -13.89
CA LEU D 336 5.27 18.88 -13.29
C LEU D 336 6.28 19.86 -13.90
N GLY D 337 6.18 20.17 -15.18
CA GLY D 337 7.09 21.15 -15.73
C GLY D 337 6.96 22.51 -15.06
N LYS D 338 5.73 23.01 -14.85
CA LYS D 338 5.64 24.31 -14.19
C LYS D 338 6.23 24.27 -12.81
N VAL D 339 6.18 23.13 -12.17
CA VAL D 339 6.78 22.97 -10.85
C VAL D 339 8.30 23.05 -10.88
N VAL D 340 8.96 22.29 -11.77
CA VAL D 340 10.43 22.32 -11.72
C VAL D 340 10.94 23.68 -12.18
N LYS D 341 10.14 24.39 -12.97
CA LYS D 341 10.44 25.76 -13.34
C LYS D 341 10.36 26.70 -12.15
N GLN D 342 9.32 26.58 -11.30
CA GLN D 342 9.33 27.47 -10.14
C GLN D 342 10.35 27.02 -9.12
N LEU D 343 10.73 25.74 -9.19
CA LEU D 343 11.73 25.17 -8.30
C LEU D 343 13.14 25.65 -8.58
N ARG D 344 13.54 25.74 -9.85
CA ARG D 344 14.93 26.12 -10.00
C ARG D 344 15.12 27.58 -9.59
N LYS D 345 14.04 28.39 -9.51
CA LYS D 345 14.20 29.76 -9.02
C LYS D 345 14.65 29.76 -7.58
N HIS D 346 14.53 28.61 -6.90
CA HIS D 346 15.02 28.45 -5.55
C HIS D 346 16.10 27.36 -5.43
N PHE D 347 16.51 26.67 -6.53
CA PHE D 347 17.53 25.62 -6.44
C PHE D 347 18.65 25.60 -7.48
N GLY D 348 18.85 26.68 -8.20
CA GLY D 348 19.90 26.66 -9.19
C GLY D 348 19.39 26.31 -10.56
N ASN D 349 19.89 26.98 -11.58
CA ASN D 349 19.39 26.69 -12.91
C ASN D 349 19.64 25.26 -13.32
N ASN D 350 20.68 24.65 -12.77
CA ASN D 350 20.94 23.25 -13.05
C ASN D 350 21.25 22.46 -11.80
N THR D 351 20.44 21.43 -11.61
CA THR D 351 20.48 20.42 -10.56
C THR D 351 19.47 19.39 -11.03
N ILE D 352 19.64 18.16 -10.56
CA ILE D 352 18.77 17.05 -10.90
C ILE D 352 17.54 17.04 -9.96
N ILE D 353 16.32 17.25 -10.47
CA ILE D 353 15.08 17.25 -9.64
C ILE D 353 14.16 16.10 -10.06
N ARG D 354 14.06 15.07 -9.20
CA ARG D 354 13.26 13.86 -9.42
C ARG D 354 12.13 13.74 -8.42
N PHE D 355 11.18 12.84 -8.72
CA PHE D 355 10.03 12.65 -7.85
C PHE D 355 9.86 11.22 -7.42
N ALA D 356 9.65 11.07 -6.14
CA ALA D 356 9.49 9.76 -5.61
C ALA D 356 8.27 9.74 -4.74
N ASN D 357 7.88 8.52 -4.48
CA ASN D 357 6.72 8.24 -3.69
C ASN D 357 7.07 8.41 -2.22
N SER D 358 6.00 8.43 -1.43
CA SER D 358 6.05 8.58 0.02
C SER D 358 6.82 7.39 0.58
N SER D 359 7.55 7.62 1.69
CA SER D 359 8.41 6.56 2.22
C SER D 359 8.16 6.30 3.70
N GLY D 360 7.04 6.80 4.24
CA GLY D 360 6.80 6.65 5.66
C GLY D 360 5.38 7.00 6.03
N GLY D 361 5.14 6.92 7.33
CA GLY D 361 3.94 7.43 7.98
C GLY D 361 2.86 6.38 8.14
N ASP D 362 1.69 6.87 8.59
CA ASP D 362 0.67 5.88 8.77
C ASP D 362 0.10 5.60 7.39
N LEU D 363 -0.88 4.74 7.39
CA LEU D 363 -1.50 4.36 6.15
C LEU D 363 -2.21 5.59 5.57
N GLU D 364 -2.68 6.49 6.47
CA GLU D 364 -3.41 7.70 6.14
C GLU D 364 -2.53 8.80 5.56
N VAL D 365 -1.19 8.71 5.75
CA VAL D 365 -0.18 9.62 5.22
C VAL D 365 0.58 9.05 4.06
N THR D 366 0.54 7.76 3.86
CA THR D 366 1.27 7.16 2.75
C THR D 366 0.44 7.31 1.48
N THR D 367 -0.84 7.55 1.64
CA THR D 367 -1.79 7.60 0.56
C THR D 367 -2.45 8.95 0.38
N HIS D 368 -2.86 9.21 -0.85
CA HIS D 368 -3.65 10.39 -1.06
C HIS D 368 -4.97 10.06 -0.30
N SER D 369 -5.06 10.33 1.00
CA SER D 369 -6.29 9.99 1.71
C SER D 369 -7.33 11.10 1.46
N PHE D 370 -8.57 10.67 1.26
CA PHE D 370 -9.62 11.67 1.06
C PHE D 370 -10.98 10.99 1.27
N ASN D 371 -12.00 11.76 1.11
CA ASN D 371 -13.33 11.19 1.27
C ASN D 371 -14.08 11.49 0.02
N CYS D 372 -14.83 10.53 -0.39
CA CYS D 372 -15.52 10.73 -1.64
C CYS D 372 -16.90 10.14 -1.56
N GLY D 373 -17.89 11.08 -1.46
CA GLY D 373 -19.26 10.68 -1.41
C GLY D 373 -19.67 10.02 -0.12
N GLY D 374 -18.78 10.01 0.89
CA GLY D 374 -19.05 9.35 2.16
C GLY D 374 -18.25 8.07 2.43
N GLU D 375 -17.45 7.55 1.50
CA GLU D 375 -16.55 6.42 1.75
C GLU D 375 -15.12 6.96 1.78
N PHE D 376 -14.22 6.39 2.58
CA PHE D 376 -12.94 7.05 2.82
C PHE D 376 -11.87 6.34 2.02
N PHE D 377 -11.28 7.03 1.07
CA PHE D 377 -10.36 6.40 0.13
C PHE D 377 -8.90 6.64 0.51
N TYR D 378 -8.07 5.65 0.18
CA TYR D 378 -6.64 5.75 0.49
C TYR D 378 -5.92 5.17 -0.74
N CYS D 379 -5.19 6.00 -1.52
CA CYS D 379 -4.76 5.64 -2.89
C CYS D 379 -3.25 5.63 -3.03
N ASN D 380 -2.71 4.52 -3.60
CA ASN D 380 -1.29 4.40 -3.99
C ASN D 380 -0.91 5.36 -5.11
N THR D 381 -0.10 6.36 -4.77
CA THR D 381 0.39 7.42 -5.66
C THR D 381 1.81 7.14 -6.17
N SER D 382 2.17 5.98 -6.73
CA SER D 382 3.56 5.73 -7.09
C SER D 382 3.83 6.00 -8.56
N GLY D 383 2.78 5.86 -9.37
CA GLY D 383 2.80 6.10 -10.79
C GLY D 383 3.05 7.55 -11.12
N LEU D 384 2.75 8.44 -10.18
CA LEU D 384 2.95 9.88 -10.38
C LEU D 384 4.40 10.24 -10.06
N PHE D 385 4.75 10.08 -8.79
CA PHE D 385 6.04 10.44 -8.24
C PHE D 385 7.02 9.32 -8.60
N ASN D 386 7.18 9.13 -9.88
CA ASN D 386 8.09 8.14 -10.38
C ASN D 386 9.10 8.65 -11.39
N SER D 387 8.96 9.88 -11.85
CA SER D 387 9.77 10.37 -12.93
C SER D 387 11.02 11.11 -12.45
N THR D 388 11.93 11.30 -13.41
CA THR D 388 13.17 12.04 -13.25
C THR D 388 13.19 13.18 -14.25
N TRP D 389 13.53 14.37 -13.77
CA TRP D 389 13.49 15.64 -14.50
C TRP D 389 14.89 16.21 -14.43
N ILE D 390 15.44 16.57 -15.60
CA ILE D 390 16.81 17.07 -15.72
C ILE D 390 16.93 18.61 -15.84
N SER D 391 15.82 19.35 -15.80
CA SER D 391 15.84 20.83 -15.82
C SER D 391 16.69 21.34 -17.01
N ASN D 392 16.59 20.61 -18.13
CA ASN D 392 17.30 20.86 -19.39
C ASN D 392 18.80 20.99 -19.21
N SER D 403 -3.41 11.49 -27.38
CA SER D 403 -4.41 10.90 -26.50
C SER D 403 -4.25 11.33 -25.04
N ASN D 404 -4.91 10.62 -24.13
CA ASN D 404 -4.79 10.83 -22.69
C ASN D 404 -3.90 9.82 -21.98
N ASP D 405 -4.10 8.50 -22.21
CA ASP D 405 -3.17 7.51 -21.65
C ASP D 405 -3.16 7.70 -20.13
N SER D 406 -4.34 8.00 -19.57
CA SER D 406 -4.48 8.30 -18.16
C SER D 406 -4.07 7.20 -17.19
N ILE D 407 -3.18 7.59 -16.28
CA ILE D 407 -2.71 6.77 -15.17
C ILE D 407 -3.86 6.48 -14.22
N THR D 408 -3.86 5.28 -13.71
CA THR D 408 -4.87 4.78 -12.81
C THR D 408 -4.21 4.48 -11.49
N LEU D 409 -4.94 4.80 -10.43
CA LEU D 409 -4.44 4.63 -9.10
C LEU D 409 -5.33 3.66 -8.34
N PRO D 410 -4.75 2.63 -7.77
CA PRO D 410 -5.51 1.71 -6.94
C PRO D 410 -5.75 2.38 -5.62
N CYS D 411 -6.96 2.21 -5.10
CA CYS D 411 -7.41 2.81 -3.85
C CYS D 411 -8.01 1.79 -2.90
N ARG D 412 -7.53 1.80 -1.66
CA ARG D 412 -8.20 1.01 -0.64
C ARG D 412 -9.18 1.87 0.14
N ILE D 413 -10.13 1.21 0.79
CA ILE D 413 -11.23 1.88 1.46
C ILE D 413 -11.37 1.42 2.90
N LYS D 414 -11.61 2.35 3.80
CA LYS D 414 -11.90 2.11 5.21
C LYS D 414 -13.21 2.73 5.66
N GLN D 415 -13.81 2.04 6.58
CA GLN D 415 -14.99 2.57 7.25
C GLN D 415 -14.68 2.92 8.72
N ILE D 416 -13.54 2.52 9.22
CA ILE D 416 -13.12 2.89 10.54
C ILE D 416 -11.98 3.83 10.36
N ILE D 417 -12.13 4.99 10.95
CA ILE D 417 -11.19 6.02 10.65
C ILE D 417 -10.87 6.78 11.94
N ASN D 418 -9.62 7.20 12.04
CA ASN D 418 -9.14 8.03 13.14
C ASN D 418 -8.42 9.17 12.46
N MET D 419 -9.20 10.15 12.14
CA MET D 419 -8.75 11.32 11.47
C MET D 419 -8.21 12.34 12.46
N TRP D 420 -7.44 13.28 11.89
CA TRP D 420 -6.70 14.38 12.53
C TRP D 420 -5.59 13.95 13.49
N GLN D 421 -4.97 12.81 13.18
CA GLN D 421 -3.81 12.20 13.87
C GLN D 421 -4.13 12.05 15.35
N ARG D 422 -5.46 11.97 15.52
CA ARG D 422 -6.22 11.88 16.74
C ARG D 422 -6.41 10.45 17.24
N ILE D 423 -5.97 10.19 18.44
CA ILE D 423 -6.23 8.96 19.20
C ILE D 423 -7.30 9.22 20.23
N GLY D 424 -8.30 8.34 20.23
CA GLY D 424 -9.57 8.47 20.91
C GLY D 424 -10.66 8.21 19.92
N GLN D 425 -11.81 8.83 20.11
CA GLN D 425 -12.96 8.50 19.30
C GLN D 425 -12.68 8.32 17.81
N ALA D 426 -12.87 7.06 17.39
CA ALA D 426 -12.76 6.57 16.01
C ALA D 426 -14.18 6.59 15.51
N MET D 427 -14.30 6.52 14.21
CA MET D 427 -15.58 6.65 13.56
C MET D 427 -15.98 5.48 12.68
N TYR D 428 -17.24 5.07 12.72
CA TYR D 428 -17.56 4.10 11.68
C TYR D 428 -18.29 4.86 10.52
N ALA D 429 -17.63 4.99 9.34
CA ALA D 429 -18.33 5.61 8.18
C ALA D 429 -19.24 4.54 7.67
N PRO D 430 -20.55 4.74 7.69
CA PRO D 430 -21.47 3.69 7.23
C PRO D 430 -21.31 3.38 5.75
N PRO D 431 -21.62 2.14 5.34
CA PRO D 431 -21.45 1.77 3.94
C PRO D 431 -22.34 2.64 3.08
N ILE D 432 -21.90 2.94 1.85
CA ILE D 432 -22.65 3.83 1.01
C ILE D 432 -23.30 2.90 0.00
N GLN D 433 -24.64 2.98 -0.11
CA GLN D 433 -25.34 2.05 -0.98
C GLN D 433 -25.11 2.49 -2.41
N GLY D 434 -24.85 1.51 -3.30
CA GLY D 434 -24.61 1.81 -4.70
C GLY D 434 -23.11 2.08 -4.97
N VAL D 435 -22.81 2.43 -6.23
CA VAL D 435 -21.47 2.76 -6.71
C VAL D 435 -21.13 4.24 -6.44
N ILE D 436 -19.84 4.54 -6.17
CA ILE D 436 -19.39 5.89 -5.83
C ILE D 436 -18.54 6.48 -6.96
N ARG D 437 -18.76 7.76 -7.27
CA ARG D 437 -17.99 8.50 -8.28
C ARG D 437 -18.13 9.98 -7.92
N CYS D 438 -17.01 10.58 -7.61
CA CYS D 438 -16.97 11.98 -7.28
C CYS D 438 -15.83 12.53 -8.10
N VAL D 439 -16.01 13.76 -8.58
CA VAL D 439 -14.99 14.50 -9.31
C VAL D 439 -14.43 15.63 -8.47
N SER D 440 -13.11 15.62 -8.39
CA SER D 440 -12.39 16.59 -7.60
C SER D 440 -11.27 17.14 -8.49
N ASN D 441 -11.07 18.46 -8.47
CA ASN D 441 -9.86 19.09 -8.98
C ASN D 441 -8.73 18.95 -8.00
N ILE D 442 -7.51 18.93 -8.49
CA ILE D 442 -6.38 19.04 -7.57
C ILE D 442 -5.88 20.50 -7.58
N THR D 443 -6.21 21.23 -6.54
CA THR D 443 -5.90 22.64 -6.53
C THR D 443 -4.58 22.94 -5.79
N GLY D 444 -3.73 21.92 -5.58
CA GLY D 444 -2.50 22.04 -4.79
C GLY D 444 -1.87 20.69 -4.44
N LEU D 445 -0.70 20.79 -3.79
CA LEU D 445 0.16 19.68 -3.31
C LEU D 445 0.87 19.94 -1.98
N ILE D 446 1.32 18.86 -1.36
CA ILE D 446 2.14 19.02 -0.17
C ILE D 446 3.36 18.15 -0.38
N LEU D 447 4.49 18.73 -0.36
CA LEU D 447 5.66 17.95 -0.67
C LEU D 447 6.63 18.02 0.50
N THR D 448 7.72 17.25 0.36
CA THR D 448 8.82 17.29 1.32
C THR D 448 10.10 16.74 0.65
N ARG D 449 11.22 17.43 0.88
CA ARG D 449 12.59 17.12 0.43
C ARG D 449 13.30 16.08 1.31
N ASP D 450 14.38 15.48 0.79
CA ASP D 450 15.32 14.58 1.49
C ASP D 450 16.48 15.32 2.19
N GLY D 451 16.91 14.82 3.35
CA GLY D 451 18.12 15.31 4.00
C GLY D 451 19.46 15.19 3.27
N GLY D 452 20.53 15.60 3.94
CA GLY D 452 21.85 15.69 3.36
C GLY D 452 22.42 14.47 2.63
N SER D 453 22.60 14.65 1.33
CA SER D 453 23.13 13.73 0.35
C SER D 453 24.55 14.17 -0.04
N THR D 454 25.10 13.51 -1.06
CA THR D 454 26.38 13.82 -1.73
C THR D 454 26.46 15.17 -2.45
N ASN D 455 26.82 16.21 -1.71
CA ASN D 455 26.74 17.59 -2.14
C ASN D 455 25.47 17.96 -2.92
N SER D 456 24.27 17.40 -2.66
CA SER D 456 23.04 17.98 -3.27
C SER D 456 22.99 17.80 -4.80
N THR D 457 23.97 17.07 -5.32
CA THR D 457 24.12 16.61 -6.70
C THR D 457 22.74 16.71 -7.35
N THR D 458 21.75 16.08 -6.70
CA THR D 458 20.34 16.01 -7.09
C THR D 458 19.40 16.14 -5.87
N GLU D 459 18.18 16.71 -6.07
CA GLU D 459 17.17 17.04 -5.06
C GLU D 459 15.86 16.28 -5.30
N THR D 460 15.30 15.64 -4.24
CA THR D 460 14.15 14.70 -4.39
C THR D 460 12.90 15.10 -3.61
N PHE D 461 11.74 14.97 -4.28
CA PHE D 461 10.47 15.41 -3.71
C PHE D 461 9.36 14.34 -3.72
N ARG D 462 8.90 13.99 -2.54
CA ARG D 462 7.83 13.11 -2.13
C ARG D 462 6.76 13.82 -1.32
N PRO D 463 5.50 13.43 -1.47
CA PRO D 463 4.41 14.07 -0.71
C PRO D 463 4.20 13.73 0.78
N GLY D 464 3.10 14.29 1.32
CA GLY D 464 2.61 14.10 2.69
C GLY D 464 2.21 15.30 3.53
N GLY D 465 1.05 15.25 4.16
CA GLY D 465 0.74 16.40 4.98
C GLY D 465 0.04 15.90 6.20
N GLY D 466 0.86 15.90 7.24
CA GLY D 466 0.53 15.35 8.51
C GLY D 466 -0.22 16.41 9.26
N ASP D 467 0.19 17.66 9.16
CA ASP D 467 -0.66 18.50 9.97
C ASP D 467 -1.80 18.79 8.97
N MET D 468 -2.98 19.02 9.48
CA MET D 468 -4.07 19.42 8.60
C MET D 468 -4.11 20.89 8.33
N ARG D 469 -3.51 21.68 9.19
CA ARG D 469 -3.55 23.10 8.99
C ARG D 469 -2.86 23.36 7.68
N ASP D 470 -1.94 22.48 7.33
CA ASP D 470 -1.24 22.69 6.10
C ASP D 470 -2.22 22.73 4.91
N ASN D 471 -3.34 22.01 4.97
CA ASN D 471 -4.40 22.14 3.95
C ASN D 471 -5.10 23.50 4.04
N TRP D 472 -5.31 23.99 5.25
CA TRP D 472 -5.94 25.27 5.44
C TRP D 472 -5.05 26.39 5.00
N ARG D 473 -3.74 26.29 5.21
CA ARG D 473 -2.85 27.34 4.72
C ARG D 473 -2.97 27.47 3.21
N SER D 474 -3.32 26.38 2.54
CA SER D 474 -3.48 26.43 1.09
C SER D 474 -4.64 27.35 0.67
N GLU D 475 -5.60 27.61 1.57
CA GLU D 475 -6.69 28.50 1.24
C GLU D 475 -6.63 29.78 2.06
N LEU D 476 -5.80 29.83 3.11
CA LEU D 476 -5.61 30.99 3.97
C LEU D 476 -4.32 31.81 3.82
N TYR D 477 -3.49 31.57 2.81
CA TYR D 477 -2.24 32.34 2.75
C TYR D 477 -2.54 33.84 2.52
N LYS D 478 -3.70 34.14 1.87
CA LYS D 478 -4.15 35.45 1.40
C LYS D 478 -4.97 36.20 2.40
N TYR D 479 -4.74 36.02 3.69
CA TYR D 479 -5.61 36.65 4.65
C TYR D 479 -4.79 36.80 5.94
N LYS D 480 -5.22 37.76 6.77
CA LYS D 480 -4.53 38.08 8.02
C LYS D 480 -5.49 38.91 8.88
N VAL D 481 -5.37 38.79 10.20
CA VAL D 481 -6.29 39.43 11.12
C VAL D 481 -5.66 40.65 11.78
N VAL D 482 -6.41 41.76 11.79
CA VAL D 482 -6.01 43.01 12.45
C VAL D 482 -7.21 43.56 13.22
N LYS D 483 -6.90 44.29 14.30
CA LYS D 483 -7.85 44.97 15.17
C LYS D 483 -7.79 46.47 14.94
N ILE D 484 -8.97 47.09 14.97
CA ILE D 484 -9.15 48.50 14.69
C ILE D 484 -8.90 49.41 15.88
N GLU D 485 -7.99 50.41 15.68
CA GLU D 485 -7.65 51.51 16.59
C GLU D 485 -8.17 52.88 16.09
N PRO D 486 -9.40 53.31 16.42
CA PRO D 486 -9.96 54.51 15.78
C PRO D 486 -9.50 55.83 16.41
N LEU D 487 -8.60 55.80 17.38
CA LEU D 487 -8.13 56.95 18.16
C LEU D 487 -6.72 57.38 17.72
N GLY D 488 -6.60 58.56 17.11
CA GLY D 488 -5.30 59.12 16.71
C GLY D 488 -5.01 60.49 17.31
N VAL D 489 -3.76 60.67 17.77
CA VAL D 489 -3.26 61.93 18.34
C VAL D 489 -2.12 62.54 17.51
N ALA D 490 -2.26 63.84 17.23
CA ALA D 490 -1.35 64.62 16.39
C ALA D 490 -1.31 66.06 16.90
N PRO D 491 -0.20 66.79 16.67
CA PRO D 491 -0.12 68.19 17.15
C PRO D 491 -0.67 69.12 16.08
N THR D 492 -1.63 69.99 16.46
CA THR D 492 -2.15 71.08 15.64
C THR D 492 -2.10 72.41 16.41
N ARG D 493 -2.37 73.51 15.68
CA ARG D 493 -2.47 74.83 16.31
C ARG D 493 -3.86 75.09 16.84
N CYS D 494 -4.76 74.14 16.72
CA CYS D 494 -6.09 74.30 17.23
C CYS D 494 -6.08 74.09 18.73
N LYS D 495 -6.69 75.02 19.44
CA LYS D 495 -6.85 74.97 20.88
C LYS D 495 -8.32 75.12 21.21
N ARG D 496 -8.80 74.44 22.24
CA ARG D 496 -10.17 74.68 22.66
C ARG D 496 -10.32 76.03 23.34
N ARG D 497 -11.53 76.56 23.29
CA ARG D 497 -11.87 77.80 24.00
C ARG D 497 -11.59 77.70 25.50
N VAL D 498 -10.88 78.69 26.05
CA VAL D 498 -10.43 78.70 27.44
C VAL D 498 -11.61 78.75 28.42
N VAL D 499 -11.47 78.02 29.55
CA VAL D 499 -12.50 77.96 30.61
C VAL D 499 -12.66 79.30 31.34
N GLY D 500 -11.58 80.03 31.58
CA GLY D 500 -11.68 81.31 32.27
C GLY D 500 -12.32 82.48 31.54
N VAL E 2 -9.10 -30.29 -39.81
CA VAL E 2 -8.78 -30.62 -38.42
C VAL E 2 -9.72 -31.68 -37.90
N GLN E 3 -9.35 -32.97 -37.96
CA GLN E 3 -10.27 -33.97 -37.50
C GLN E 3 -9.56 -34.97 -36.60
N LEU E 4 -10.30 -35.36 -35.58
CA LEU E 4 -9.88 -36.19 -34.46
C LEU E 4 -10.74 -37.46 -34.31
N GLN E 5 -10.05 -38.58 -34.10
CA GLN E 5 -10.66 -39.87 -33.83
C GLN E 5 -10.00 -40.56 -32.65
N GLU E 6 -10.80 -40.85 -31.63
CA GLU E 6 -10.32 -41.50 -30.39
C GLU E 6 -10.24 -43.02 -30.52
N SER E 7 -9.32 -43.60 -29.76
CA SER E 7 -9.22 -45.05 -29.68
C SER E 7 -8.78 -45.48 -28.29
N GLY E 8 -9.31 -46.59 -27.82
CA GLY E 8 -8.99 -47.02 -26.48
C GLY E 8 -9.21 -48.50 -26.33
N PRO E 9 -9.04 -49.00 -25.10
CA PRO E 9 -9.07 -50.45 -24.88
C PRO E 9 -10.50 -50.95 -24.88
N GLY E 10 -11.50 -50.06 -24.67
CA GLY E 10 -12.90 -50.44 -24.56
C GLY E 10 -13.38 -51.12 -23.31
N LEU E 11 -12.44 -51.76 -22.60
CA LEU E 11 -12.72 -52.50 -21.38
C LEU E 11 -11.41 -52.58 -20.62
N VAL E 12 -11.45 -52.15 -19.35
CA VAL E 12 -10.37 -52.39 -18.40
C VAL E 12 -11.04 -52.84 -17.11
N LYS E 13 -10.31 -53.69 -16.38
CA LYS E 13 -10.78 -54.18 -15.11
C LYS E 13 -10.44 -53.18 -14.04
N PRO E 14 -11.25 -53.13 -12.99
CA PRO E 14 -11.01 -52.18 -11.91
C PRO E 14 -9.59 -52.24 -11.38
N SER E 15 -9.11 -51.09 -10.89
CA SER E 15 -7.79 -50.83 -10.33
C SER E 15 -6.74 -50.81 -11.43
N GLU E 16 -7.13 -51.00 -12.69
CA GLU E 16 -6.15 -50.97 -13.74
C GLU E 16 -6.08 -49.57 -14.35
N THR E 17 -5.28 -49.43 -15.39
CA THR E 17 -5.15 -48.17 -16.09
C THR E 17 -5.82 -48.21 -17.44
N LEU E 18 -6.72 -47.24 -17.63
CA LEU E 18 -7.43 -46.99 -18.87
C LEU E 18 -6.60 -46.05 -19.71
N SER E 19 -6.34 -46.39 -20.96
CA SER E 19 -5.56 -45.47 -21.73
C SER E 19 -6.34 -45.16 -22.99
N VAL E 20 -6.66 -43.87 -23.22
CA VAL E 20 -7.29 -43.50 -24.49
C VAL E 20 -6.39 -42.47 -25.17
N THR E 21 -6.36 -42.54 -26.50
CA THR E 21 -5.59 -41.65 -27.36
C THR E 21 -6.49 -41.02 -28.41
N CYS E 22 -6.15 -39.86 -28.93
CA CYS E 22 -6.95 -39.29 -30.02
C CYS E 22 -6.08 -38.88 -31.22
N SER E 23 -6.24 -39.56 -32.36
CA SER E 23 -5.48 -39.24 -33.59
C SER E 23 -6.06 -38.05 -34.38
N VAL E 24 -5.18 -37.08 -34.69
CA VAL E 24 -5.55 -35.82 -35.33
C VAL E 24 -5.22 -35.78 -36.82
N SER E 25 -6.21 -35.42 -37.62
CA SER E 25 -6.06 -35.36 -39.06
C SER E 25 -6.54 -33.99 -39.46
N GLY E 26 -5.90 -33.43 -40.46
CA GLY E 26 -6.36 -32.18 -41.01
C GLY E 26 -5.69 -30.96 -40.44
N ASP E 27 -4.92 -31.12 -39.37
CA ASP E 27 -4.21 -30.00 -38.75
C ASP E 27 -3.25 -30.58 -37.73
N SER E 28 -2.30 -29.72 -37.28
CA SER E 28 -1.32 -30.04 -36.25
C SER E 28 -1.91 -30.09 -34.85
N MET E 29 -1.05 -30.04 -33.82
CA MET E 29 -1.50 -29.91 -32.44
C MET E 29 -1.26 -28.55 -31.75
N ASN E 30 -0.21 -27.82 -32.14
CA ASN E 30 0.22 -26.59 -31.47
C ASN E 30 -0.71 -25.34 -31.51
N ASN E 31 -1.70 -25.25 -32.37
CA ASN E 31 -2.48 -24.00 -32.45
C ASN E 31 -3.72 -24.01 -31.58
N TYR E 32 -3.89 -25.02 -30.75
CA TYR E 32 -5.12 -25.13 -30.00
C TYR E 32 -4.81 -25.57 -28.58
N TYR E 33 -5.71 -25.17 -27.69
CA TYR E 33 -5.77 -25.85 -26.40
C TYR E 33 -6.59 -27.10 -26.62
N TRP E 34 -6.32 -28.14 -25.83
CA TRP E 34 -6.89 -29.45 -26.10
C TRP E 34 -7.59 -29.98 -24.85
N THR E 35 -8.63 -30.81 -24.99
CA THR E 35 -9.37 -31.30 -23.81
C THR E 35 -10.07 -32.64 -24.02
N TRP E 36 -10.37 -33.33 -22.88
CA TRP E 36 -11.12 -34.60 -22.85
C TRP E 36 -12.36 -34.47 -21.96
N ILE E 37 -13.47 -35.07 -22.40
CA ILE E 37 -14.76 -35.09 -21.72
C ILE E 37 -15.43 -36.45 -21.74
N ARG E 38 -16.15 -36.81 -20.68
CA ARG E 38 -16.86 -38.08 -20.74
C ARG E 38 -18.35 -37.90 -20.49
N GLN E 39 -19.10 -38.95 -20.83
CA GLN E 39 -20.55 -38.97 -20.71
C GLN E 39 -20.99 -40.27 -20.12
N SER E 40 -21.38 -40.26 -18.92
CA SER E 40 -21.66 -41.64 -18.57
C SER E 40 -23.12 -41.97 -18.91
N PRO E 41 -23.42 -43.22 -19.27
CA PRO E 41 -24.82 -43.57 -19.57
C PRO E 41 -25.73 -43.31 -18.37
N GLY E 42 -26.69 -42.41 -18.62
CA GLY E 42 -27.72 -41.97 -17.71
C GLY E 42 -27.38 -40.75 -16.90
N LYS E 43 -26.15 -40.25 -17.03
CA LYS E 43 -25.72 -39.06 -16.33
C LYS E 43 -25.28 -38.05 -17.36
N GLY E 44 -25.20 -36.80 -16.96
CA GLY E 44 -24.79 -35.80 -17.92
C GLY E 44 -23.29 -35.79 -18.18
N LEU E 45 -22.89 -34.70 -18.84
CA LEU E 45 -21.50 -34.41 -19.17
C LEU E 45 -20.60 -33.99 -18.03
N GLU E 46 -19.41 -34.57 -18.05
CA GLU E 46 -18.36 -34.27 -17.09
C GLU E 46 -17.07 -33.83 -17.74
N TRP E 47 -16.55 -32.68 -17.30
CA TRP E 47 -15.27 -32.11 -17.76
C TRP E 47 -14.06 -32.64 -17.03
N ILE E 48 -13.14 -33.23 -17.80
CA ILE E 48 -12.00 -33.90 -17.20
C ILE E 48 -10.79 -32.99 -16.99
N GLY E 49 -10.35 -32.23 -18.01
CA GLY E 49 -9.14 -31.44 -17.86
C GLY E 49 -8.67 -30.98 -19.23
N TYR E 50 -7.62 -30.14 -19.22
CA TYR E 50 -7.03 -29.62 -20.45
C TYR E 50 -5.50 -29.45 -20.37
N ILE E 51 -4.87 -29.37 -21.55
CA ILE E 51 -3.44 -29.16 -21.71
C ILE E 51 -3.37 -28.03 -22.73
N SER E 52 -2.62 -26.99 -22.42
CA SER E 52 -2.58 -25.87 -23.35
C SER E 52 -1.52 -26.00 -24.45
N ASP E 53 -1.36 -24.88 -25.14
CA ASP E 53 -0.37 -24.73 -26.19
C ASP E 53 1.01 -25.07 -25.64
N ARG E 54 1.34 -24.50 -24.47
CA ARG E 54 2.64 -24.61 -23.84
C ARG E 54 2.81 -25.94 -23.01
N GLU E 55 2.06 -27.02 -23.28
CA GLU E 55 2.17 -28.33 -22.62
C GLU E 55 1.85 -28.27 -21.12
N SER E 56 1.16 -27.23 -20.69
CA SER E 56 0.83 -27.06 -19.29
C SER E 56 -0.54 -27.67 -19.05
N ALA E 57 -0.62 -28.66 -18.17
CA ALA E 57 -1.89 -29.34 -18.01
C ALA E 57 -2.54 -29.03 -16.66
N THR E 58 -3.86 -28.91 -16.71
CA THR E 58 -4.76 -28.66 -15.56
C THR E 58 -5.91 -29.69 -15.51
N TYR E 59 -6.16 -30.26 -14.33
CA TYR E 59 -7.11 -31.36 -14.17
C TYR E 59 -8.26 -30.98 -13.23
N ASN E 60 -9.46 -31.50 -13.45
CA ASN E 60 -10.55 -31.26 -12.50
C ASN E 60 -10.28 -31.86 -11.12
N PRO E 61 -10.33 -31.06 -10.05
CA PRO E 61 -10.08 -31.61 -8.69
C PRO E 61 -11.08 -32.69 -8.21
N SER E 62 -12.23 -32.85 -8.85
CA SER E 62 -13.26 -33.86 -8.49
C SER E 62 -12.78 -35.31 -8.72
N LEU E 63 -11.72 -35.47 -9.52
CA LEU E 63 -11.12 -36.73 -9.95
C LEU E 63 -9.95 -37.24 -9.11
N ASN E 64 -9.66 -36.64 -7.99
CA ASN E 64 -8.69 -37.15 -7.01
C ASN E 64 -7.32 -37.48 -7.64
N SER E 65 -6.82 -36.61 -8.54
CA SER E 65 -5.45 -36.75 -9.12
C SER E 65 -5.13 -38.05 -9.91
N ARG E 66 -6.12 -38.67 -10.53
CA ARG E 66 -5.95 -39.91 -11.27
C ARG E 66 -5.65 -39.76 -12.76
N VAL E 67 -5.47 -38.55 -13.24
CA VAL E 67 -5.45 -38.31 -14.67
C VAL E 67 -4.10 -37.80 -15.15
N VAL E 68 -3.66 -38.31 -16.30
CA VAL E 68 -2.51 -37.77 -17.03
C VAL E 68 -2.90 -37.48 -18.49
N ILE E 69 -2.72 -36.23 -18.89
CA ILE E 69 -2.91 -35.78 -20.26
C ILE E 69 -1.60 -35.33 -20.89
N SER E 70 -1.35 -35.80 -22.11
CA SER E 70 -0.10 -35.47 -22.78
C SER E 70 -0.39 -35.34 -24.27
N ARG E 71 0.51 -34.67 -24.99
CA ARG E 71 0.30 -34.54 -26.42
C ARG E 71 1.47 -35.25 -27.06
N ASP E 72 1.24 -36.48 -27.46
CA ASP E 72 2.24 -37.17 -28.25
C ASP E 72 2.08 -36.52 -29.63
N THR E 73 2.89 -35.47 -29.88
CA THR E 73 2.82 -34.63 -31.09
C THR E 73 3.28 -35.33 -32.35
N SER E 74 4.02 -36.42 -32.21
CA SER E 74 4.48 -37.18 -33.37
C SER E 74 3.33 -37.87 -34.10
N LYS E 75 2.64 -38.80 -33.45
CA LYS E 75 1.45 -39.42 -34.05
C LYS E 75 0.28 -38.43 -34.23
N ASN E 76 0.44 -37.13 -33.88
CA ASN E 76 -0.65 -36.16 -33.84
C ASN E 76 -1.74 -36.77 -32.97
N GLN E 77 -1.29 -37.32 -31.84
CA GLN E 77 -2.15 -37.99 -30.90
C GLN E 77 -2.08 -37.27 -29.57
N LEU E 78 -3.23 -37.19 -28.94
CA LEU E 78 -3.36 -36.72 -27.58
C LEU E 78 -3.60 -37.98 -26.78
N SER E 79 -2.98 -38.09 -25.63
CA SER E 79 -3.14 -39.31 -24.87
C SER E 79 -3.80 -38.97 -23.56
N LEU E 80 -4.59 -39.92 -23.10
CA LEU E 80 -5.12 -39.92 -21.75
C LEU E 80 -4.97 -41.27 -21.08
N LYS E 81 -4.42 -41.28 -19.88
CA LYS E 81 -4.38 -42.45 -19.04
C LYS E 81 -5.01 -42.16 -17.68
N LEU E 82 -5.92 -43.02 -17.26
CA LEU E 82 -6.64 -42.92 -15.98
C LEU E 82 -6.43 -44.19 -15.16
N ASN E 83 -5.74 -44.06 -14.02
CA ASN E 83 -5.45 -45.19 -13.14
C ASN E 83 -6.53 -45.29 -12.05
N SER E 84 -6.44 -46.39 -11.32
CA SER E 84 -7.34 -46.71 -10.20
C SER E 84 -8.79 -46.62 -10.66
N VAL E 85 -9.07 -47.20 -11.83
CA VAL E 85 -10.39 -47.09 -12.44
C VAL E 85 -11.40 -47.87 -11.60
N THR E 86 -12.66 -47.45 -11.61
CA THR E 86 -13.72 -48.28 -11.04
C THR E 86 -14.84 -48.48 -12.05
N PRO E 87 -15.75 -49.48 -11.83
CA PRO E 87 -16.89 -49.69 -12.75
C PRO E 87 -17.71 -48.43 -12.99
N ALA E 88 -17.56 -47.46 -12.10
CA ALA E 88 -18.26 -46.18 -12.19
C ALA E 88 -17.73 -45.29 -13.29
N ASP E 89 -16.64 -45.69 -13.91
CA ASP E 89 -16.01 -44.98 -15.01
C ASP E 89 -16.52 -45.41 -16.38
N THR E 90 -17.50 -46.32 -16.46
CA THR E 90 -18.11 -46.67 -17.75
C THR E 90 -18.88 -45.49 -18.35
N ALA E 91 -18.40 -45.03 -19.51
CA ALA E 91 -18.85 -43.82 -20.18
C ALA E 91 -18.32 -43.80 -21.61
N VAL E 92 -18.81 -42.86 -22.39
CA VAL E 92 -18.23 -42.49 -23.67
C VAL E 92 -17.31 -41.30 -23.51
N TYR E 93 -16.08 -41.44 -24.00
CA TYR E 93 -15.03 -40.42 -23.88
C TYR E 93 -14.86 -39.71 -25.20
N TYR E 94 -14.96 -38.42 -25.15
CA TYR E 94 -14.92 -37.58 -26.34
C TYR E 94 -13.69 -36.70 -26.23
N CYS E 95 -12.95 -36.55 -27.31
CA CYS E 95 -11.93 -35.50 -27.34
C CYS E 95 -12.42 -34.21 -28.00
N ALA E 96 -11.84 -33.07 -27.59
CA ALA E 96 -12.24 -31.84 -28.24
C ALA E 96 -11.15 -30.78 -28.12
N THR E 97 -11.04 -29.92 -29.13
CA THR E 97 -10.26 -28.69 -29.01
C THR E 97 -11.02 -27.59 -28.28
N ALA E 98 -10.25 -26.70 -27.65
CA ALA E 98 -10.77 -25.54 -26.95
C ALA E 98 -10.21 -24.24 -27.49
N ARG E 99 -11.09 -23.26 -27.67
CA ARG E 99 -10.74 -21.90 -28.04
C ARG E 99 -10.86 -21.12 -26.74
N ARG E 100 -9.76 -20.49 -26.31
CA ARG E 100 -9.76 -19.75 -25.04
C ARG E 100 -10.22 -18.32 -25.18
N GLY E 101 -11.18 -17.94 -24.35
CA GLY E 101 -11.59 -16.57 -24.39
C GLY E 101 -11.24 -15.85 -23.11
N GLN E 102 -11.14 -14.53 -23.20
CA GLN E 102 -10.92 -13.65 -22.08
C GLN E 102 -11.97 -12.60 -22.13
N ARG E 103 -12.84 -12.59 -21.14
CA ARG E 103 -13.89 -11.59 -21.03
C ARG E 103 -13.47 -10.58 -19.98
N ILE E 104 -13.31 -9.35 -20.44
CA ILE E 104 -12.93 -8.23 -19.59
C ILE E 104 -14.16 -7.56 -19.04
N TYR E 105 -14.22 -7.48 -17.69
CA TYR E 105 -15.33 -6.85 -16.99
C TYR E 105 -14.81 -5.67 -16.19
N GLY E 106 -13.50 -5.43 -16.24
CA GLY E 106 -12.82 -4.35 -15.54
C GLY E 106 -11.47 -4.05 -16.13
N VAL E 107 -10.60 -3.43 -15.33
CA VAL E 107 -9.22 -3.06 -15.67
C VAL E 107 -8.21 -4.22 -15.82
N VAL E 108 -7.57 -4.35 -17.01
CA VAL E 108 -6.57 -5.42 -17.24
C VAL E 108 -5.33 -5.31 -16.34
N SER E 109 -4.84 -4.09 -16.10
CA SER E 109 -3.63 -3.89 -15.29
C SER E 109 -3.77 -4.43 -13.86
N PHE E 110 -5.01 -4.48 -13.37
CA PHE E 110 -5.28 -4.99 -12.05
C PHE E 110 -5.64 -6.44 -12.16
N GLY E 111 -6.26 -6.83 -13.25
CA GLY E 111 -6.63 -8.20 -13.46
C GLY E 111 -8.08 -8.50 -13.40
N GLU E 112 -8.95 -7.52 -13.63
CA GLU E 112 -10.41 -7.73 -13.54
C GLU E 112 -10.98 -8.33 -14.83
N PHE E 113 -10.58 -9.58 -15.04
CA PHE E 113 -10.96 -10.43 -16.15
C PHE E 113 -10.78 -11.86 -15.72
N PHE E 114 -11.47 -12.72 -16.44
CA PHE E 114 -11.30 -14.16 -16.30
C PHE E 114 -11.21 -14.83 -17.67
N TYR E 115 -10.52 -15.93 -17.68
CA TYR E 115 -10.53 -16.73 -18.86
C TYR E 115 -11.66 -17.75 -18.83
N TYR E 116 -12.18 -18.04 -20.03
CA TYR E 116 -13.19 -19.07 -20.20
C TYR E 116 -12.82 -19.86 -21.45
N TYR E 117 -13.50 -21.02 -21.63
CA TYR E 117 -13.26 -21.89 -22.78
C TYR E 117 -14.57 -22.28 -23.49
N SER E 118 -14.49 -22.20 -24.81
CA SER E 118 -15.48 -22.65 -25.77
C SER E 118 -14.85 -23.84 -26.53
N MET E 119 -15.60 -24.94 -26.68
CA MET E 119 -15.08 -26.14 -27.37
C MET E 119 -15.53 -26.15 -28.82
N ASP E 120 -14.64 -25.82 -29.76
CA ASP E 120 -15.14 -25.56 -31.11
C ASP E 120 -15.07 -26.80 -32.06
N VAL E 121 -14.14 -27.76 -31.87
CA VAL E 121 -14.04 -28.96 -32.72
C VAL E 121 -14.07 -30.20 -31.82
N TRP E 122 -14.97 -31.16 -32.11
CA TRP E 122 -15.19 -32.35 -31.29
C TRP E 122 -14.87 -33.67 -31.95
N GLY E 123 -14.45 -34.65 -31.12
CA GLY E 123 -14.28 -36.03 -31.57
C GLY E 123 -15.57 -36.84 -31.65
N LYS E 124 -15.40 -38.11 -31.99
CA LYS E 124 -16.53 -39.02 -32.19
C LYS E 124 -16.93 -39.81 -30.94
N GLY E 125 -16.06 -39.88 -29.95
CA GLY E 125 -16.38 -40.59 -28.73
C GLY E 125 -15.87 -42.00 -28.81
N THR E 126 -15.51 -42.57 -27.64
CA THR E 126 -15.14 -43.99 -27.59
C THR E 126 -15.73 -44.66 -26.34
N THR E 127 -16.43 -45.78 -26.54
CA THR E 127 -17.15 -46.41 -25.44
C THR E 127 -16.23 -47.37 -24.70
N VAL E 128 -16.16 -47.19 -23.40
CA VAL E 128 -15.36 -48.02 -22.53
C VAL E 128 -16.27 -48.53 -21.43
N THR E 129 -16.15 -49.80 -21.12
CA THR E 129 -16.96 -50.41 -20.08
C THR E 129 -15.94 -50.84 -19.04
N VAL E 130 -16.21 -50.58 -17.78
CA VAL E 130 -15.26 -51.04 -16.77
C VAL E 130 -15.92 -52.21 -16.09
N SER E 131 -15.38 -53.40 -16.36
CA SER E 131 -15.90 -54.61 -15.77
C SER E 131 -14.79 -55.63 -15.68
N SER E 132 -14.91 -56.48 -14.67
CA SER E 132 -14.03 -57.62 -14.45
C SER E 132 -14.39 -58.83 -15.32
N ALA E 133 -15.63 -58.92 -15.80
CA ALA E 133 -16.04 -59.97 -16.73
C ALA E 133 -15.21 -59.94 -18.00
N SER E 134 -14.94 -61.12 -18.52
CA SER E 134 -14.12 -61.24 -19.72
C SER E 134 -14.94 -60.93 -20.97
N THR E 135 -14.23 -60.45 -21.99
CA THR E 135 -14.87 -60.17 -23.25
C THR E 135 -15.30 -61.50 -23.81
N LYS E 136 -16.21 -61.43 -24.76
CA LYS E 136 -16.66 -62.63 -25.43
C LYS E 136 -16.92 -62.18 -26.85
N GLY E 137 -16.28 -62.82 -27.82
CA GLY E 137 -16.54 -62.41 -29.17
C GLY E 137 -17.87 -62.97 -29.56
N PRO E 138 -18.56 -62.23 -30.43
CA PRO E 138 -19.93 -62.57 -30.84
C PRO E 138 -20.02 -63.71 -31.85
N SER E 139 -21.19 -64.33 -31.86
CA SER E 139 -21.61 -65.23 -32.93
C SER E 139 -22.55 -64.55 -33.94
N VAL E 140 -22.21 -64.63 -35.23
CA VAL E 140 -22.93 -63.95 -36.31
C VAL E 140 -23.71 -64.97 -37.13
N PHE E 141 -24.99 -64.71 -37.36
CA PHE E 141 -25.75 -65.65 -38.17
C PHE E 141 -26.42 -64.93 -39.34
N PRO E 142 -26.54 -65.57 -40.48
CA PRO E 142 -27.21 -64.93 -41.63
C PRO E 142 -28.73 -64.96 -41.43
N LEU E 143 -29.37 -63.86 -41.83
CA LEU E 143 -30.84 -63.73 -41.82
C LEU E 143 -31.39 -63.71 -43.25
N ALA E 144 -31.75 -64.88 -43.78
CA ALA E 144 -32.04 -64.90 -45.20
C ALA E 144 -33.32 -64.15 -45.57
N PRO E 145 -33.32 -63.52 -46.76
CA PRO E 145 -34.51 -62.82 -47.30
C PRO E 145 -35.66 -63.76 -47.63
N SER E 146 -36.90 -63.29 -47.50
CA SER E 146 -37.96 -64.17 -47.99
C SER E 146 -37.64 -64.50 -49.44
N SER E 147 -38.03 -65.69 -49.87
CA SER E 147 -37.77 -66.09 -51.25
C SER E 147 -38.86 -65.62 -52.18
N LYS E 148 -39.95 -65.14 -51.61
CA LYS E 148 -41.11 -64.80 -52.36
C LYS E 148 -41.17 -63.31 -52.69
N THR E 154 -39.75 -57.09 -53.58
CA THR E 154 -38.42 -56.94 -52.99
C THR E 154 -38.29 -57.82 -51.73
N ALA E 155 -37.06 -58.02 -51.23
CA ALA E 155 -36.89 -58.68 -49.93
C ALA E 155 -35.75 -58.07 -49.12
N ALA E 156 -35.84 -58.23 -47.80
CA ALA E 156 -34.86 -57.74 -46.83
C ALA E 156 -33.96 -58.85 -46.29
N LEU E 157 -32.64 -58.62 -46.27
CA LEU E 157 -31.75 -59.57 -45.60
C LEU E 157 -30.81 -58.89 -44.60
N GLY E 158 -30.25 -59.70 -43.69
CA GLY E 158 -29.33 -59.22 -42.68
C GLY E 158 -28.53 -60.31 -41.97
N CYS E 159 -27.87 -59.89 -40.87
CA CYS E 159 -27.07 -60.73 -39.94
C CYS E 159 -27.38 -60.42 -38.48
N LEU E 160 -27.50 -61.49 -37.70
CA LEU E 160 -27.71 -61.46 -36.24
C LEU E 160 -26.40 -61.61 -35.48
N VAL E 161 -26.10 -60.65 -34.62
CA VAL E 161 -24.85 -60.64 -33.83
C VAL E 161 -25.18 -60.96 -32.37
N LYS E 162 -24.94 -62.22 -31.96
CA LYS E 162 -25.51 -62.79 -30.74
C LYS E 162 -24.46 -62.88 -29.62
N ASP E 163 -24.88 -62.55 -28.39
CA ASP E 163 -24.21 -62.96 -27.13
C ASP E 163 -22.76 -62.48 -27.03
N TYR E 164 -22.57 -61.15 -27.12
CA TYR E 164 -21.23 -60.55 -27.08
C TYR E 164 -21.13 -59.63 -25.88
N PHE E 165 -19.88 -59.27 -25.56
CA PHE E 165 -19.67 -58.33 -24.50
C PHE E 165 -18.30 -57.71 -24.62
N PRO E 166 -18.17 -56.39 -24.45
CA PRO E 166 -19.26 -55.41 -24.18
C PRO E 166 -19.74 -54.77 -25.50
N GLU E 167 -20.62 -53.73 -25.42
CA GLU E 167 -20.82 -52.88 -26.60
C GLU E 167 -19.49 -52.19 -26.97
N PRO E 168 -19.38 -51.54 -28.14
CA PRO E 168 -20.21 -51.74 -29.33
C PRO E 168 -19.62 -52.71 -30.33
N VAL E 169 -20.40 -52.93 -31.37
CA VAL E 169 -19.99 -53.70 -32.53
C VAL E 169 -20.09 -52.85 -33.80
N THR E 170 -19.11 -53.01 -34.72
CA THR E 170 -19.24 -52.33 -36.00
C THR E 170 -19.60 -53.41 -36.99
N VAL E 171 -20.49 -53.05 -37.89
CA VAL E 171 -20.97 -53.92 -38.95
C VAL E 171 -20.93 -53.12 -40.24
N SER E 172 -20.33 -53.68 -41.27
CA SER E 172 -20.49 -53.10 -42.60
C SER E 172 -21.13 -54.14 -43.52
N TRP E 173 -21.57 -53.67 -44.69
CA TRP E 173 -22.10 -54.56 -45.72
C TRP E 173 -21.23 -54.34 -46.94
N ASN E 174 -20.79 -55.47 -47.49
CA ASN E 174 -19.89 -55.50 -48.62
C ASN E 174 -18.73 -54.54 -48.38
N SER E 175 -18.20 -54.57 -47.16
CA SER E 175 -17.02 -53.77 -46.81
C SER E 175 -17.17 -52.29 -47.20
N GLY E 176 -18.34 -51.69 -46.93
CA GLY E 176 -18.57 -50.28 -47.21
C GLY E 176 -19.22 -49.93 -48.55
N ALA E 177 -19.20 -50.84 -49.50
CA ALA E 177 -19.66 -50.61 -50.87
C ALA E 177 -21.19 -50.60 -51.00
N LEU E 178 -21.90 -51.04 -49.99
CA LEU E 178 -23.36 -51.10 -49.94
C LEU E 178 -23.92 -50.18 -48.88
N THR E 179 -24.31 -48.99 -49.31
CA THR E 179 -24.55 -47.96 -48.33
C THR E 179 -26.00 -47.51 -48.29
N SER E 180 -26.66 -47.48 -49.42
CA SER E 180 -28.07 -47.16 -49.49
C SER E 180 -28.93 -48.32 -48.99
N GLY E 181 -29.90 -48.04 -48.12
CA GLY E 181 -30.81 -49.06 -47.63
C GLY E 181 -30.34 -49.89 -46.47
N VAL E 182 -29.15 -49.64 -45.97
CA VAL E 182 -28.68 -50.39 -44.81
C VAL E 182 -29.35 -49.79 -43.56
N HIS E 183 -29.79 -50.64 -42.65
CA HIS E 183 -30.38 -50.25 -41.37
C HIS E 183 -29.96 -51.25 -40.30
N THR E 184 -29.05 -50.82 -39.41
CA THR E 184 -28.61 -51.55 -38.23
C THR E 184 -29.42 -51.11 -37.00
N PHE E 185 -29.61 -52.07 -36.05
CA PHE E 185 -30.46 -51.79 -34.86
C PHE E 185 -29.61 -51.72 -33.59
N PRO E 186 -30.08 -50.92 -32.64
CA PRO E 186 -29.50 -50.92 -31.29
C PRO E 186 -29.50 -52.28 -30.60
N ALA E 187 -28.40 -52.57 -29.91
CA ALA E 187 -28.31 -53.86 -29.25
C ALA E 187 -29.28 -53.98 -28.09
N VAL E 188 -29.77 -55.19 -27.89
CA VAL E 188 -30.53 -55.63 -26.72
C VAL E 188 -29.57 -56.20 -25.68
N LEU E 189 -29.84 -55.90 -24.43
CA LEU E 189 -29.13 -56.49 -23.32
C LEU E 189 -29.94 -57.66 -22.75
N GLN E 190 -29.44 -58.88 -22.94
CA GLN E 190 -30.20 -60.03 -22.46
C GLN E 190 -30.11 -60.14 -20.94
N SER E 191 -30.98 -61.01 -20.40
CA SER E 191 -31.01 -61.30 -18.97
C SER E 191 -29.67 -61.88 -18.51
N SER E 192 -29.04 -62.68 -19.38
CA SER E 192 -27.71 -63.24 -19.13
C SER E 192 -26.64 -62.16 -18.98
N GLY E 193 -26.97 -60.89 -19.19
CA GLY E 193 -26.02 -59.80 -19.14
C GLY E 193 -25.16 -59.68 -20.36
N LEU E 194 -25.47 -60.49 -21.38
CA LEU E 194 -24.87 -60.46 -22.70
C LEU E 194 -25.68 -59.57 -23.62
N TYR E 195 -25.02 -59.04 -24.64
CA TYR E 195 -25.67 -58.19 -25.62
C TYR E 195 -25.88 -58.95 -26.93
N SER E 196 -26.92 -58.55 -27.65
CA SER E 196 -27.12 -58.93 -29.04
C SER E 196 -27.57 -57.69 -29.80
N LEU E 197 -27.19 -57.54 -31.09
CA LEU E 197 -27.77 -56.49 -31.92
C LEU E 197 -28.06 -57.10 -33.28
N SER E 198 -28.78 -56.36 -34.15
CA SER E 198 -29.06 -56.82 -35.51
C SER E 198 -28.81 -55.75 -36.57
N SER E 199 -28.32 -56.18 -37.75
CA SER E 199 -28.18 -55.31 -38.92
C SER E 199 -28.94 -55.85 -40.13
N VAL E 200 -29.71 -54.98 -40.79
CA VAL E 200 -30.51 -55.34 -41.95
C VAL E 200 -30.20 -54.40 -43.13
N VAL E 201 -30.29 -54.93 -44.35
CA VAL E 201 -30.18 -54.14 -45.57
C VAL E 201 -31.28 -54.61 -46.50
N THR E 202 -32.00 -53.65 -47.09
CA THR E 202 -33.09 -53.93 -48.02
C THR E 202 -32.54 -53.95 -49.43
N VAL E 203 -32.62 -55.10 -50.10
CA VAL E 203 -32.07 -55.23 -51.44
C VAL E 203 -33.12 -55.74 -52.43
N PRO E 204 -32.87 -55.51 -53.74
CA PRO E 204 -33.76 -56.02 -54.81
C PRO E 204 -33.80 -57.54 -54.88
N SER E 205 -35.01 -58.10 -54.90
CA SER E 205 -35.21 -59.56 -54.98
C SER E 205 -34.41 -60.20 -56.13
N SER E 206 -34.22 -59.48 -57.24
CA SER E 206 -33.56 -60.04 -58.42
C SER E 206 -32.02 -60.13 -58.39
N SER E 207 -31.34 -59.79 -57.29
CA SER E 207 -29.90 -60.00 -57.19
C SER E 207 -29.57 -61.31 -56.49
N LEU E 208 -30.56 -61.95 -55.87
CA LEU E 208 -30.40 -63.13 -55.04
C LEU E 208 -29.96 -64.36 -55.84
N GLY E 209 -29.03 -65.13 -55.26
CA GLY E 209 -28.44 -66.31 -55.87
C GLY E 209 -27.20 -66.04 -56.67
N THR E 210 -27.05 -64.80 -57.16
CA THR E 210 -25.90 -64.33 -57.93
C THR E 210 -25.00 -63.40 -57.12
N GLN E 211 -25.54 -62.39 -56.41
CA GLN E 211 -24.71 -61.50 -55.60
C GLN E 211 -24.55 -62.05 -54.20
N THR E 212 -23.30 -62.14 -53.76
CA THR E 212 -22.97 -62.61 -52.44
C THR E 212 -23.11 -61.45 -51.46
N TYR E 213 -23.83 -61.67 -50.38
CA TYR E 213 -23.96 -60.67 -49.32
C TYR E 213 -23.25 -61.26 -48.14
N ILE E 214 -22.18 -60.58 -47.76
CA ILE E 214 -21.31 -60.97 -46.68
C ILE E 214 -21.35 -59.85 -45.66
N CYS E 215 -21.61 -60.24 -44.42
CA CYS E 215 -21.64 -59.33 -43.29
C CYS E 215 -20.29 -59.28 -42.59
N ASN E 216 -19.72 -58.07 -42.52
CA ASN E 216 -18.42 -57.83 -41.90
C ASN E 216 -18.65 -57.29 -40.48
N VAL E 217 -18.32 -58.10 -39.47
CA VAL E 217 -18.53 -57.79 -38.05
C VAL E 217 -17.18 -57.49 -37.39
N ASN E 218 -17.05 -56.35 -36.73
CA ASN E 218 -15.81 -56.02 -36.04
C ASN E 218 -16.15 -55.83 -34.59
N HIS E 219 -15.56 -56.65 -33.73
CA HIS E 219 -15.68 -56.46 -32.29
C HIS E 219 -14.30 -56.22 -31.73
N LYS E 220 -13.92 -54.95 -31.70
CA LYS E 220 -12.55 -54.64 -31.30
C LYS E 220 -12.22 -55.18 -29.90
N PRO E 221 -13.10 -55.08 -28.86
CA PRO E 221 -12.65 -55.51 -27.51
C PRO E 221 -12.18 -56.96 -27.43
N SER E 222 -12.79 -57.90 -28.14
CA SER E 222 -12.32 -59.28 -28.09
C SER E 222 -11.51 -59.58 -29.34
N ASN E 223 -11.36 -58.56 -30.19
CA ASN E 223 -10.79 -58.62 -31.54
C ASN E 223 -11.38 -59.74 -32.37
N THR E 224 -12.70 -59.79 -32.39
CA THR E 224 -13.40 -60.79 -33.17
C THR E 224 -13.89 -60.02 -34.39
N LYS E 225 -13.41 -60.43 -35.56
CA LYS E 225 -13.90 -59.94 -36.84
C LYS E 225 -14.33 -61.19 -37.60
N VAL E 226 -15.63 -61.30 -37.85
CA VAL E 226 -16.25 -62.42 -38.55
C VAL E 226 -16.91 -61.94 -39.84
N ASP E 227 -16.59 -62.62 -40.94
CA ASP E 227 -17.21 -62.37 -42.24
C ASP E 227 -18.24 -63.47 -42.49
N LYS E 228 -19.53 -63.11 -42.42
CA LYS E 228 -20.64 -64.06 -42.54
C LYS E 228 -21.45 -63.92 -43.82
N ARG E 229 -21.36 -64.96 -44.65
CA ARG E 229 -22.20 -65.09 -45.84
C ARG E 229 -23.64 -65.33 -45.39
N VAL E 230 -24.57 -64.66 -46.08
CA VAL E 230 -26.01 -64.81 -45.93
C VAL E 230 -26.51 -65.36 -47.25
N GLU E 231 -27.03 -66.59 -47.27
CA GLU E 231 -27.50 -67.00 -48.58
C GLU E 231 -29.02 -67.21 -48.61
N PRO E 232 -29.59 -67.23 -49.81
CA PRO E 232 -31.03 -67.46 -50.00
C PRO E 232 -31.60 -68.84 -49.62
N LYS E 233 -32.90 -68.85 -49.29
CA LYS E 233 -33.63 -70.08 -48.96
C LYS E 233 -33.59 -71.06 -50.14
N SER E 234 -33.42 -72.36 -49.85
CA SER E 234 -33.43 -73.37 -50.91
C SER E 234 -34.68 -73.33 -51.79
N CYS E 235 -35.84 -72.97 -51.21
CA CYS E 235 -37.11 -72.83 -51.98
C CYS E 235 -37.26 -71.52 -52.75
N VAL F 3 -31.73 -34.10 -14.47
CA VAL F 3 -32.01 -33.42 -15.74
C VAL F 3 -33.35 -32.65 -15.67
N ARG F 4 -33.45 -31.61 -16.49
CA ARG F 4 -34.68 -30.84 -16.64
C ARG F 4 -35.44 -31.01 -17.95
N PRO F 5 -36.59 -31.67 -17.96
CA PRO F 5 -37.38 -31.86 -19.20
C PRO F 5 -38.20 -30.63 -19.62
N LEU F 6 -38.29 -30.41 -20.94
CA LEU F 6 -39.06 -29.34 -21.59
C LEU F 6 -39.77 -29.84 -22.87
N SER F 7 -41.00 -29.40 -23.16
CA SER F 7 -41.62 -29.79 -24.42
C SER F 7 -42.10 -28.57 -25.22
N VAL F 8 -41.99 -28.62 -26.55
CA VAL F 8 -42.36 -27.49 -27.40
C VAL F 8 -43.03 -28.03 -28.67
N ALA F 9 -43.96 -27.26 -29.22
CA ALA F 9 -44.55 -27.69 -30.48
C ALA F 9 -43.69 -27.20 -31.65
N LEU F 10 -43.66 -28.04 -32.69
CA LEU F 10 -42.98 -27.74 -33.95
C LEU F 10 -43.30 -26.34 -34.42
N GLY F 11 -42.28 -25.62 -34.88
CA GLY F 11 -42.49 -24.32 -35.45
C GLY F 11 -42.53 -23.20 -34.45
N GLU F 12 -42.69 -23.52 -33.17
CA GLU F 12 -42.73 -22.46 -32.19
C GLU F 12 -41.33 -21.98 -31.86
N THR F 13 -41.30 -20.86 -31.15
CA THR F 13 -40.02 -20.35 -30.69
C THR F 13 -39.85 -20.93 -29.29
N ALA F 14 -38.79 -21.72 -29.11
CA ALA F 14 -38.37 -22.24 -27.82
C ALA F 14 -37.40 -21.26 -27.19
N ARG F 15 -37.49 -21.11 -25.87
CA ARG F 15 -36.59 -20.24 -25.10
C ARG F 15 -36.05 -21.02 -23.90
N ILE F 16 -34.75 -21.33 -23.89
CA ILE F 16 -34.15 -22.10 -22.79
C ILE F 16 -33.31 -21.24 -21.82
N SER F 17 -33.72 -21.28 -20.52
CA SER F 17 -33.10 -20.61 -19.39
C SER F 17 -31.94 -21.46 -18.87
N CYS F 18 -30.85 -20.80 -18.44
CA CYS F 18 -29.72 -21.51 -17.81
C CYS F 18 -30.14 -22.21 -16.53
N GLY F 19 -29.59 -23.42 -16.33
CA GLY F 19 -29.92 -24.22 -15.16
C GLY F 19 -29.38 -23.63 -13.86
N ARG F 20 -28.33 -22.86 -14.00
CA ARG F 20 -27.63 -22.14 -12.97
C ARG F 20 -27.73 -20.68 -13.37
N GLN F 21 -27.89 -19.80 -12.39
CA GLN F 21 -28.06 -18.40 -12.70
C GLN F 21 -26.74 -17.67 -12.54
N ALA F 22 -26.52 -16.66 -13.41
CA ALA F 22 -25.26 -15.94 -13.36
C ALA F 22 -25.29 -14.91 -12.23
N LEU F 23 -24.22 -14.87 -11.46
CA LEU F 23 -23.91 -13.74 -10.58
C LEU F 23 -22.83 -12.84 -11.19
N GLY F 24 -23.16 -11.58 -11.47
CA GLY F 24 -22.14 -10.70 -12.03
C GLY F 24 -21.84 -10.90 -13.52
N SER F 25 -20.67 -10.41 -13.94
CA SER F 25 -20.32 -10.49 -15.35
C SER F 25 -20.21 -11.95 -15.77
N ARG F 26 -20.85 -12.30 -16.88
CA ARG F 26 -20.84 -13.69 -17.29
C ARG F 26 -20.28 -13.90 -18.68
N ALA F 27 -19.83 -15.12 -18.91
CA ALA F 27 -19.45 -15.54 -20.24
C ALA F 27 -20.06 -16.93 -20.44
N VAL F 28 -21.03 -17.02 -21.36
CA VAL F 28 -21.82 -18.21 -21.50
C VAL F 28 -21.58 -18.84 -22.86
N GLN F 29 -21.35 -20.16 -22.87
CA GLN F 29 -21.26 -20.98 -24.07
C GLN F 29 -22.45 -21.91 -24.07
N TRP F 30 -23.02 -22.18 -25.23
CA TRP F 30 -24.11 -23.13 -25.23
C TRP F 30 -23.79 -24.36 -26.07
N TYR F 31 -24.15 -25.54 -25.57
CA TYR F 31 -23.86 -26.77 -26.28
C TYR F 31 -25.12 -27.61 -26.47
N GLN F 32 -25.23 -28.24 -27.63
CA GLN F 32 -26.34 -29.15 -27.89
C GLN F 32 -25.80 -30.57 -28.00
N HIS F 33 -26.48 -31.50 -27.35
CA HIS F 33 -26.12 -32.91 -27.36
C HIS F 33 -27.28 -33.85 -27.64
N ARG F 34 -27.30 -34.52 -28.90
CA ARG F 34 -28.42 -35.45 -28.71
C ARG F 34 -27.76 -36.71 -28.20
N PRO F 35 -28.38 -37.52 -27.38
CA PRO F 35 -27.62 -38.67 -26.86
C PRO F 35 -27.11 -39.48 -28.04
N GLY F 36 -25.88 -40.02 -27.87
CA GLY F 36 -25.15 -40.78 -28.88
C GLY F 36 -24.32 -40.00 -29.90
N GLN F 37 -24.23 -38.68 -29.77
CA GLN F 37 -23.51 -37.80 -30.69
C GLN F 37 -22.42 -37.03 -29.95
N ALA F 38 -21.44 -36.58 -30.68
CA ALA F 38 -20.62 -35.62 -30.01
C ALA F 38 -21.44 -34.31 -29.86
N PRO F 39 -21.19 -33.57 -28.79
CA PRO F 39 -21.74 -32.22 -28.60
C PRO F 39 -21.34 -31.17 -29.63
N ILE F 40 -22.14 -30.12 -29.70
CA ILE F 40 -21.91 -29.01 -30.62
C ILE F 40 -22.02 -27.70 -29.88
N LEU F 41 -21.08 -26.81 -30.13
CA LEU F 41 -21.13 -25.47 -29.53
C LEU F 41 -22.13 -24.61 -30.29
N LEU F 42 -23.14 -24.05 -29.59
CA LEU F 42 -24.15 -23.26 -30.28
C LEU F 42 -23.87 -21.75 -30.22
N ILE F 43 -23.45 -21.26 -29.07
CA ILE F 43 -23.27 -19.85 -28.77
C ILE F 43 -22.18 -19.78 -27.75
N TYR F 44 -21.32 -18.79 -27.91
CA TYR F 44 -20.29 -18.53 -26.94
C TYR F 44 -20.21 -17.04 -26.68
N ASN F 45 -19.58 -16.71 -25.59
CA ASN F 45 -19.46 -15.36 -25.12
C ASN F 45 -20.84 -14.72 -25.13
N ASN F 46 -21.81 -15.46 -24.58
CA ASN F 46 -23.18 -14.98 -24.37
C ASN F 46 -24.09 -14.82 -25.57
N GLN F 47 -23.61 -14.13 -26.60
CA GLN F 47 -24.46 -13.78 -27.73
C GLN F 47 -23.86 -14.25 -29.05
N ASP F 48 -22.55 -14.48 -29.08
CA ASP F 48 -21.78 -14.83 -30.28
C ASP F 48 -22.14 -16.21 -30.82
N ARG F 49 -22.29 -16.33 -32.14
CA ARG F 49 -22.70 -17.61 -32.76
C ARG F 49 -21.63 -18.09 -33.74
N PRO F 50 -21.02 -19.24 -33.45
CA PRO F 50 -19.99 -19.83 -34.31
C PRO F 50 -20.46 -20.11 -35.71
N SER F 51 -19.53 -20.12 -36.65
CA SER F 51 -19.89 -20.46 -38.02
C SER F 51 -20.49 -21.84 -38.05
N GLY F 52 -21.57 -21.98 -38.82
CA GLY F 52 -22.33 -23.20 -38.92
C GLY F 52 -23.64 -23.18 -38.16
N ILE F 53 -23.83 -22.24 -37.24
CA ILE F 53 -25.09 -22.14 -36.48
C ILE F 53 -26.16 -21.21 -37.05
N PRO F 54 -27.40 -21.72 -37.20
CA PRO F 54 -28.52 -20.91 -37.72
C PRO F 54 -28.81 -19.66 -36.91
N GLU F 55 -29.17 -18.58 -37.59
CA GLU F 55 -29.53 -17.38 -36.85
C GLU F 55 -30.87 -17.53 -36.12
N ARG F 56 -31.52 -18.69 -36.25
CA ARG F 56 -32.68 -19.01 -35.42
C ARG F 56 -32.29 -19.13 -33.96
N PHE F 57 -31.02 -19.40 -33.71
CA PHE F 57 -30.52 -19.54 -32.37
C PHE F 57 -29.85 -18.27 -31.94
N SER F 58 -30.20 -17.83 -30.75
CA SER F 58 -29.54 -16.67 -30.23
C SER F 58 -29.48 -16.87 -28.72
N GLY F 59 -28.47 -16.24 -28.13
CA GLY F 59 -28.28 -16.25 -26.70
C GLY F 59 -28.50 -14.86 -26.18
N THR F 60 -28.50 -14.74 -24.86
CA THR F 60 -28.71 -13.45 -24.26
C THR F 60 -27.38 -12.70 -24.20
N PRO F 61 -27.31 -11.45 -24.66
CA PRO F 61 -26.05 -10.72 -24.53
C PRO F 61 -26.00 -10.28 -23.11
N ASP F 62 -24.78 -10.14 -22.61
CA ASP F 62 -24.63 -9.65 -21.26
C ASP F 62 -24.54 -8.13 -21.33
N ILE F 63 -25.64 -7.47 -21.07
CA ILE F 63 -25.69 -6.02 -21.20
C ILE F 63 -26.13 -5.65 -19.79
N ASN F 64 -25.12 -5.42 -18.94
CA ASN F 64 -25.29 -4.95 -17.57
C ASN F 64 -26.00 -6.11 -16.85
N PHE F 65 -26.11 -6.10 -15.51
CA PHE F 65 -26.41 -7.38 -14.88
C PHE F 65 -27.94 -7.54 -14.63
N GLY F 66 -28.34 -8.77 -14.27
CA GLY F 66 -29.70 -9.16 -13.99
C GLY F 66 -30.25 -10.09 -15.05
N THR F 67 -29.69 -10.00 -16.27
CA THR F 67 -30.22 -10.67 -17.46
C THR F 67 -29.83 -12.15 -17.41
N ARG F 68 -30.84 -12.97 -17.07
CA ARG F 68 -30.71 -14.42 -17.06
C ARG F 68 -30.27 -14.94 -18.43
N ALA F 69 -29.31 -15.87 -18.41
CA ALA F 69 -28.84 -16.47 -19.65
C ALA F 69 -29.89 -17.38 -20.26
N THR F 70 -30.22 -17.11 -21.52
CA THR F 70 -31.27 -17.79 -22.26
C THR F 70 -30.85 -18.07 -23.69
N LEU F 71 -31.26 -19.23 -24.17
CA LEU F 71 -31.06 -19.64 -25.55
C LEU F 71 -32.35 -19.46 -26.32
N THR F 72 -32.31 -18.72 -27.42
CA THR F 72 -33.53 -18.54 -28.17
C THR F 72 -33.41 -19.37 -29.42
N ILE F 73 -34.44 -20.17 -29.65
CA ILE F 73 -34.57 -21.04 -30.79
C ILE F 73 -35.83 -20.71 -31.56
N SER F 74 -35.66 -20.08 -32.71
CA SER F 74 -36.80 -19.78 -33.52
C SER F 74 -37.08 -21.03 -34.34
N GLY F 75 -38.35 -21.24 -34.72
CA GLY F 75 -38.65 -22.41 -35.55
C GLY F 75 -38.29 -23.83 -35.16
N VAL F 76 -38.67 -24.23 -33.95
CA VAL F 76 -38.30 -25.53 -33.38
C VAL F 76 -38.57 -26.64 -34.38
N GLU F 77 -37.58 -27.48 -34.60
CA GLU F 77 -37.71 -28.57 -35.54
C GLU F 77 -37.77 -29.91 -34.81
N ALA F 78 -38.23 -30.93 -35.53
CA ALA F 78 -38.25 -32.26 -34.93
C ALA F 78 -36.86 -32.64 -34.50
N GLY F 79 -35.90 -32.22 -35.32
CA GLY F 79 -34.51 -32.49 -35.15
C GLY F 79 -33.87 -31.70 -34.04
N ASP F 80 -34.58 -30.73 -33.48
CA ASP F 80 -34.05 -30.01 -32.32
C ASP F 80 -34.34 -30.73 -31.01
N GLU F 81 -35.08 -31.83 -31.04
CA GLU F 81 -35.31 -32.60 -29.83
C GLU F 81 -33.91 -33.08 -29.44
N ALA F 82 -33.36 -32.60 -28.32
CA ALA F 82 -31.96 -32.83 -27.94
C ALA F 82 -31.74 -32.43 -26.49
N ASP F 83 -30.53 -32.70 -25.97
CA ASP F 83 -30.08 -32.13 -24.68
C ASP F 83 -29.37 -30.80 -24.85
N TYR F 84 -29.73 -29.80 -24.03
CA TYR F 84 -29.07 -28.50 -24.06
C TYR F 84 -28.33 -28.25 -22.76
N TYR F 85 -27.07 -27.79 -22.87
CA TYR F 85 -26.19 -27.46 -21.73
C TYR F 85 -25.82 -25.98 -21.74
N CYS F 86 -26.00 -25.35 -20.58
CA CYS F 86 -25.54 -23.99 -20.36
C CYS F 86 -24.28 -24.01 -19.52
N HIS F 87 -23.22 -23.56 -20.12
CA HIS F 87 -21.91 -23.56 -19.51
C HIS F 87 -21.73 -22.15 -19.02
N MET F 88 -21.89 -21.95 -17.73
CA MET F 88 -21.93 -20.61 -17.23
C MET F 88 -20.57 -20.23 -16.67
N TRP F 89 -20.02 -19.15 -17.17
CA TRP F 89 -18.77 -18.65 -16.63
C TRP F 89 -19.06 -17.24 -16.16
N ASP F 90 -18.59 -16.92 -14.95
CA ASP F 90 -18.68 -15.56 -14.41
C ASP F 90 -17.41 -15.21 -13.61
N SER F 91 -17.35 -13.92 -13.20
CA SER F 91 -16.16 -13.34 -12.56
C SER F 91 -16.11 -13.55 -11.07
N ARG F 92 -17.15 -14.11 -10.48
CA ARG F 92 -17.26 -14.33 -9.05
C ARG F 92 -17.29 -15.82 -8.65
N SER F 93 -17.43 -16.73 -9.60
CA SER F 93 -17.75 -18.12 -9.29
C SER F 93 -16.50 -18.98 -9.44
N GLY F 94 -15.42 -18.45 -10.03
CA GLY F 94 -14.25 -19.26 -10.20
C GLY F 94 -14.44 -20.11 -11.41
N PHE F 95 -13.45 -20.95 -11.64
CA PHE F 95 -13.42 -21.71 -12.87
C PHE F 95 -14.60 -22.66 -12.91
N SER F 96 -15.37 -22.62 -14.02
CA SER F 96 -16.65 -23.34 -14.15
C SER F 96 -16.46 -24.75 -14.73
N TRP F 97 -16.09 -25.66 -13.83
CA TRP F 97 -15.80 -27.05 -14.20
C TRP F 97 -17.08 -27.79 -14.61
N SER F 98 -18.24 -27.33 -14.12
CA SER F 98 -19.53 -27.99 -14.33
C SER F 98 -20.20 -27.38 -15.57
N PHE F 99 -20.73 -28.26 -16.43
CA PHE F 99 -21.57 -27.95 -17.60
C PHE F 99 -23.01 -27.59 -17.27
N GLY F 100 -23.41 -27.63 -16.01
CA GLY F 100 -24.77 -27.31 -15.64
C GLY F 100 -25.70 -28.44 -15.93
N GLY F 101 -26.96 -28.24 -15.57
CA GLY F 101 -27.88 -29.29 -15.86
C GLY F 101 -28.26 -29.25 -17.31
N ALA F 102 -28.74 -30.39 -17.78
CA ALA F 102 -29.17 -30.50 -19.14
C ALA F 102 -30.62 -30.11 -19.15
N THR F 103 -31.01 -29.37 -20.18
CA THR F 103 -32.40 -29.22 -20.55
C THR F 103 -32.67 -30.20 -21.68
N ARG F 104 -33.54 -31.19 -21.42
CA ARG F 104 -33.89 -32.23 -22.40
C ARG F 104 -35.10 -31.71 -23.16
N LEU F 105 -34.90 -31.36 -24.41
CA LEU F 105 -35.93 -30.74 -25.24
C LEU F 105 -36.77 -31.75 -25.99
N THR F 106 -38.06 -31.75 -25.74
CA THR F 106 -38.99 -32.60 -26.46
C THR F 106 -39.81 -31.76 -27.43
N VAL F 107 -39.92 -32.23 -28.66
CA VAL F 107 -40.62 -31.49 -29.69
C VAL F 107 -41.88 -32.29 -30.00
N LEU F 108 -43.02 -31.67 -29.77
CA LEU F 108 -44.28 -32.40 -29.85
C LEU F 108 -44.92 -31.87 -31.12
N GLY F 109 -45.88 -32.62 -31.62
CA GLY F 109 -46.56 -32.14 -32.79
C GLY F 109 -46.00 -32.80 -34.03
N GLN F 110 -45.10 -33.79 -33.89
CA GLN F 110 -44.51 -34.45 -35.06
C GLN F 110 -45.56 -35.36 -35.67
N PRO F 111 -45.49 -35.62 -36.98
CA PRO F 111 -46.54 -36.44 -37.56
C PRO F 111 -46.54 -37.80 -36.91
N LYS F 112 -47.72 -38.25 -36.52
CA LYS F 112 -47.78 -39.64 -36.15
C LYS F 112 -47.31 -40.41 -37.36
N ALA F 113 -46.56 -41.46 -37.14
CA ALA F 113 -46.13 -42.29 -38.23
C ALA F 113 -46.27 -43.71 -37.73
N ALA F 114 -47.01 -44.53 -38.47
CA ALA F 114 -47.17 -45.90 -38.03
C ALA F 114 -45.88 -46.67 -38.29
N PRO F 115 -45.55 -47.64 -37.44
CA PRO F 115 -44.31 -48.41 -37.65
C PRO F 115 -44.36 -49.34 -38.85
N SER F 116 -43.26 -49.40 -39.61
CA SER F 116 -43.02 -50.51 -40.52
C SER F 116 -42.36 -51.63 -39.70
N VAL F 117 -42.89 -52.86 -39.81
CA VAL F 117 -42.41 -53.99 -39.02
C VAL F 117 -42.05 -55.19 -39.88
N THR F 118 -40.86 -55.75 -39.65
CA THR F 118 -40.38 -56.97 -40.30
C THR F 118 -39.95 -57.99 -39.21
N LEU F 119 -40.45 -59.24 -39.27
CA LEU F 119 -40.15 -60.32 -38.30
C LEU F 119 -39.42 -61.49 -38.96
N PHE F 120 -38.22 -61.85 -38.40
CA PHE F 120 -37.38 -62.95 -38.86
C PHE F 120 -37.42 -64.17 -37.93
N PRO F 121 -37.56 -65.35 -38.53
CA PRO F 121 -37.47 -66.62 -37.79
C PRO F 121 -36.03 -66.96 -37.49
N PRO F 122 -35.77 -68.02 -36.72
CA PRO F 122 -34.37 -68.41 -36.49
C PRO F 122 -33.71 -68.71 -37.84
N SER F 123 -32.42 -68.41 -37.91
CA SER F 123 -31.60 -68.65 -39.08
C SER F 123 -31.26 -70.12 -39.20
N SER F 124 -30.97 -70.54 -40.43
CA SER F 124 -30.56 -71.92 -40.63
C SER F 124 -29.30 -72.27 -39.85
N GLU F 125 -28.35 -71.34 -39.71
CA GLU F 125 -27.16 -71.63 -38.91
C GLU F 125 -27.42 -71.76 -37.39
N GLU F 126 -28.24 -70.87 -36.80
CA GLU F 126 -28.56 -70.94 -35.36
C GLU F 126 -29.33 -72.19 -34.96
N LEU F 127 -30.31 -72.61 -35.74
CA LEU F 127 -31.03 -73.80 -35.34
C LEU F 127 -30.04 -74.94 -35.29
N GLN F 128 -29.04 -74.92 -36.16
CA GLN F 128 -28.00 -75.93 -36.13
C GLN F 128 -27.24 -75.86 -34.81
N ALA F 129 -27.11 -74.68 -34.20
CA ALA F 129 -26.45 -74.56 -32.91
C ALA F 129 -27.41 -74.78 -31.72
N ASN F 130 -28.60 -75.31 -31.97
CA ASN F 130 -29.57 -75.69 -30.92
C ASN F 130 -30.12 -74.55 -30.08
N LYS F 131 -30.17 -73.34 -30.62
CA LYS F 131 -30.80 -72.23 -29.92
C LYS F 131 -31.76 -71.56 -30.90
N ALA F 132 -32.90 -71.05 -30.40
CA ALA F 132 -33.85 -70.41 -31.29
C ALA F 132 -34.24 -69.08 -30.66
N THR F 133 -34.05 -68.02 -31.43
CA THR F 133 -34.36 -66.65 -31.05
C THR F 133 -35.18 -65.98 -32.14
N LEU F 134 -36.31 -65.43 -31.76
CA LEU F 134 -37.10 -64.58 -32.63
C LEU F 134 -36.67 -63.12 -32.57
N VAL F 135 -36.58 -62.48 -33.74
CA VAL F 135 -36.07 -61.12 -33.88
C VAL F 135 -37.13 -60.23 -34.51
N CYS F 136 -37.60 -59.25 -33.75
CA CYS F 136 -38.65 -58.34 -34.23
C CYS F 136 -38.13 -56.89 -34.37
N LEU F 137 -38.09 -56.36 -35.62
CA LEU F 137 -37.56 -55.04 -35.95
C LEU F 137 -38.63 -54.04 -36.42
N ILE F 138 -38.63 -52.85 -35.84
CA ILE F 138 -39.67 -51.82 -35.91
C ILE F 138 -39.11 -50.49 -36.36
N SER F 139 -39.65 -49.90 -37.42
CA SER F 139 -39.04 -48.65 -37.87
C SER F 139 -40.12 -47.61 -38.23
N ASP F 140 -39.68 -46.36 -38.42
CA ASP F 140 -40.45 -45.20 -38.92
C ASP F 140 -41.68 -44.79 -38.09
N PHE F 141 -41.70 -44.92 -36.76
CA PHE F 141 -42.89 -44.48 -36.02
C PHE F 141 -42.68 -43.24 -35.14
N TYR F 142 -43.78 -42.53 -34.86
CA TYR F 142 -43.77 -41.39 -33.94
C TYR F 142 -45.18 -41.19 -33.40
N PRO F 143 -45.36 -41.00 -32.06
CA PRO F 143 -44.36 -40.98 -30.99
C PRO F 143 -43.75 -42.35 -30.64
N GLY F 144 -42.95 -42.34 -29.58
CA GLY F 144 -42.11 -43.46 -29.18
C GLY F 144 -42.82 -44.45 -28.32
N ALA F 145 -44.02 -44.12 -27.87
CA ALA F 145 -44.71 -45.07 -27.04
C ALA F 145 -45.16 -46.20 -27.93
N VAL F 146 -44.73 -47.41 -27.59
CA VAL F 146 -45.04 -48.57 -28.39
C VAL F 146 -45.13 -49.75 -27.42
N THR F 147 -45.95 -50.74 -27.78
CA THR F 147 -46.08 -51.95 -26.98
C THR F 147 -45.63 -53.16 -27.78
N VAL F 148 -44.74 -53.95 -27.20
CA VAL F 148 -44.24 -55.15 -27.89
C VAL F 148 -44.61 -56.39 -27.10
N ALA F 149 -45.39 -57.27 -27.71
CA ALA F 149 -45.83 -58.53 -27.12
C ALA F 149 -45.48 -59.73 -28.01
N TRP F 150 -45.23 -60.88 -27.39
CA TRP F 150 -44.94 -62.09 -28.16
C TRP F 150 -46.07 -63.10 -27.91
N LYS F 151 -46.45 -63.84 -28.97
CA LYS F 151 -47.38 -64.97 -28.87
C LYS F 151 -46.80 -66.24 -29.50
N ALA F 152 -47.09 -67.37 -28.85
CA ALA F 152 -46.85 -68.74 -29.36
C ALA F 152 -48.20 -69.34 -29.75
N ASP F 153 -48.38 -69.63 -31.05
CA ASP F 153 -49.69 -69.84 -31.68
C ASP F 153 -50.57 -68.62 -31.44
N SER F 154 -51.29 -68.55 -30.30
CA SER F 154 -52.07 -67.35 -29.98
C SER F 154 -52.11 -67.01 -28.49
N SER F 155 -51.31 -67.66 -27.64
CA SER F 155 -51.10 -67.60 -26.19
C SER F 155 -49.92 -66.70 -25.81
N PRO F 156 -50.05 -65.85 -24.79
CA PRO F 156 -48.94 -64.97 -24.40
C PRO F 156 -47.72 -65.73 -23.87
N VAL F 157 -46.53 -65.19 -24.14
CA VAL F 157 -45.29 -65.79 -23.68
C VAL F 157 -44.51 -64.73 -22.92
N LYS F 158 -43.88 -65.14 -21.82
CA LYS F 158 -43.12 -64.21 -20.99
C LYS F 158 -41.75 -64.75 -20.60
N ALA F 159 -41.34 -65.89 -21.16
CA ALA F 159 -40.04 -66.50 -20.88
C ALA F 159 -39.13 -66.23 -22.08
N GLY F 160 -37.94 -65.68 -21.81
CA GLY F 160 -37.02 -65.46 -22.90
C GLY F 160 -37.21 -64.16 -23.65
N VAL F 161 -38.12 -63.30 -23.21
CA VAL F 161 -38.51 -62.10 -23.96
C VAL F 161 -37.59 -60.96 -23.52
N GLU F 162 -36.81 -60.44 -24.47
CA GLU F 162 -35.89 -59.32 -24.25
C GLU F 162 -36.23 -58.16 -25.18
N THR F 163 -36.52 -56.97 -24.61
CA THR F 163 -36.97 -55.84 -25.43
C THR F 163 -36.16 -54.56 -25.20
N THR F 164 -35.86 -53.86 -26.31
CA THR F 164 -35.09 -52.62 -26.40
C THR F 164 -35.94 -51.40 -26.12
N THR F 165 -35.26 -50.33 -25.80
CA THR F 165 -35.83 -49.00 -25.74
C THR F 165 -35.94 -48.36 -27.13
N PRO F 166 -37.09 -47.74 -27.45
CA PRO F 166 -37.22 -47.09 -28.76
C PRO F 166 -36.22 -45.93 -28.88
N SER F 167 -35.69 -45.69 -30.09
CA SER F 167 -34.75 -44.60 -30.30
C SER F 167 -34.92 -43.92 -31.66
N LYS F 168 -34.53 -42.63 -31.76
CA LYS F 168 -34.71 -41.84 -33.00
C LYS F 168 -33.83 -42.30 -34.16
N GLN F 169 -34.41 -42.31 -35.33
CA GLN F 169 -33.61 -42.51 -36.51
C GLN F 169 -33.13 -41.13 -36.95
N SER F 170 -32.27 -41.10 -37.97
CA SER F 170 -31.82 -39.83 -38.53
C SER F 170 -33.00 -39.04 -39.06
N ASN F 171 -34.07 -39.72 -39.44
CA ASN F 171 -35.25 -39.04 -39.93
C ASN F 171 -36.18 -38.56 -38.80
N ASN F 172 -35.76 -38.69 -37.55
CA ASN F 172 -36.49 -38.18 -36.39
C ASN F 172 -37.78 -38.92 -36.14
N LYS F 173 -37.96 -40.09 -36.71
CA LYS F 173 -38.99 -40.94 -36.16
C LYS F 173 -38.23 -41.92 -35.29
N TYR F 174 -38.92 -42.87 -34.67
CA TYR F 174 -38.32 -43.76 -33.67
C TYR F 174 -38.19 -45.18 -34.22
N ALA F 175 -37.25 -45.96 -33.67
CA ALA F 175 -37.09 -47.38 -33.98
C ALA F 175 -36.85 -48.19 -32.69
N ALA F 176 -37.26 -49.47 -32.68
CA ALA F 176 -37.05 -50.36 -31.54
C ALA F 176 -36.96 -51.80 -32.03
N SER F 177 -36.50 -52.71 -31.19
CA SER F 177 -36.49 -54.13 -31.56
C SER F 177 -36.82 -55.02 -30.35
N SER F 178 -37.28 -56.26 -30.61
CA SER F 178 -37.60 -57.20 -29.53
C SER F 178 -37.12 -58.62 -29.86
N TYR F 179 -36.61 -59.30 -28.84
CA TYR F 179 -36.00 -60.62 -28.97
C TYR F 179 -36.66 -61.60 -28.02
N LEU F 180 -36.99 -62.80 -28.53
CA LEU F 180 -37.53 -63.88 -27.72
C LEU F 180 -36.59 -65.06 -27.77
N SER F 181 -36.01 -65.41 -26.62
CA SER F 181 -35.06 -66.51 -26.57
C SER F 181 -35.83 -67.79 -26.23
N LEU F 182 -35.61 -68.84 -27.02
CA LEU F 182 -36.35 -70.09 -26.91
C LEU F 182 -35.44 -71.31 -26.93
N THR F 183 -36.06 -72.48 -27.13
CA THR F 183 -35.38 -73.70 -27.55
C THR F 183 -35.97 -74.18 -28.87
N PRO F 184 -35.16 -74.86 -29.71
CA PRO F 184 -35.69 -75.49 -30.94
C PRO F 184 -36.91 -76.36 -30.68
N GLU F 185 -36.96 -77.01 -29.51
CA GLU F 185 -38.09 -77.86 -29.17
C GLU F 185 -39.34 -77.02 -29.06
N GLN F 186 -39.20 -75.84 -28.44
CA GLN F 186 -40.31 -74.91 -28.43
C GLN F 186 -40.64 -74.48 -29.86
N TRP F 187 -39.62 -74.14 -30.67
CA TRP F 187 -39.83 -73.77 -32.08
C TRP F 187 -40.60 -74.80 -32.94
N LYS F 188 -40.12 -76.06 -33.04
CA LYS F 188 -40.81 -76.99 -33.93
C LYS F 188 -42.08 -77.56 -33.37
N SER F 189 -42.25 -77.53 -32.05
CA SER F 189 -43.39 -78.20 -31.42
C SER F 189 -44.60 -77.31 -31.43
N HIS F 190 -44.42 -76.04 -31.77
CA HIS F 190 -45.52 -75.11 -31.82
C HIS F 190 -45.89 -74.93 -33.30
N ARG F 191 -47.14 -74.54 -33.55
CA ARG F 191 -47.62 -74.31 -34.92
C ARG F 191 -47.13 -73.02 -35.56
N SER F 192 -46.88 -71.95 -34.77
CA SER F 192 -46.43 -70.65 -35.26
C SER F 192 -46.11 -69.75 -34.07
N TYR F 193 -45.37 -68.66 -34.33
CA TYR F 193 -45.14 -67.57 -33.38
C TYR F 193 -45.47 -66.21 -34.01
N SER F 194 -46.00 -65.26 -33.20
CA SER F 194 -46.33 -63.91 -33.66
C SER F 194 -45.69 -62.82 -32.79
N CYS F 195 -45.32 -61.69 -33.42
CA CYS F 195 -44.84 -60.45 -32.78
C CYS F 195 -45.83 -59.27 -32.92
N GLN F 196 -46.27 -58.68 -31.80
CA GLN F 196 -47.30 -57.63 -31.76
C GLN F 196 -46.81 -56.24 -31.33
N VAL F 197 -46.93 -55.25 -32.23
CA VAL F 197 -46.39 -53.89 -32.01
C VAL F 197 -47.56 -52.91 -31.95
N THR F 198 -47.78 -52.30 -30.79
CA THR F 198 -48.89 -51.37 -30.60
C THR F 198 -48.38 -49.94 -30.49
N HIS F 199 -48.99 -49.01 -31.23
CA HIS F 199 -48.47 -47.64 -31.33
C HIS F 199 -49.67 -46.70 -31.46
N GLU F 200 -49.86 -45.77 -30.50
CA GLU F 200 -50.96 -44.78 -30.58
C GLU F 200 -52.30 -45.44 -30.87
N GLY F 201 -52.59 -46.54 -30.19
CA GLY F 201 -53.91 -47.11 -30.34
C GLY F 201 -54.05 -48.07 -31.51
N SER F 202 -52.97 -48.40 -32.23
CA SER F 202 -53.02 -49.29 -33.39
C SER F 202 -51.91 -50.34 -33.28
N THR F 203 -52.14 -51.47 -33.98
CA THR F 203 -51.33 -52.67 -33.84
C THR F 203 -50.87 -53.19 -35.20
N VAL F 204 -49.58 -53.50 -35.30
CA VAL F 204 -49.00 -54.22 -36.44
C VAL F 204 -48.60 -55.62 -36.01
N GLU F 205 -49.05 -56.64 -36.75
CA GLU F 205 -48.75 -58.04 -36.40
C GLU F 205 -48.26 -58.87 -37.60
N LYS F 206 -47.07 -59.47 -37.46
CA LYS F 206 -46.44 -60.44 -38.38
C LYS F 206 -46.32 -61.82 -37.73
N THR F 207 -46.33 -62.92 -38.54
CA THR F 207 -46.24 -64.32 -38.05
C THR F 207 -45.21 -65.19 -38.81
N VAL F 208 -44.50 -66.08 -38.08
CA VAL F 208 -43.57 -67.08 -38.61
C VAL F 208 -43.93 -68.49 -38.12
N ALA F 209 -43.49 -69.51 -38.89
CA ALA F 209 -43.70 -70.97 -38.70
C ALA F 209 -42.57 -71.92 -39.05
N PRO F 210 -42.36 -73.03 -38.30
CA PRO F 210 -41.23 -73.92 -38.64
C PRO F 210 -41.29 -74.52 -40.04
N THR F 211 -42.48 -74.61 -40.64
CA THR F 211 -42.73 -75.25 -41.94
C THR F 211 -42.82 -74.28 -43.14
N GLU F 212 -42.47 -73.00 -43.01
CA GLU F 212 -42.64 -72.06 -44.10
C GLU F 212 -41.42 -71.81 -44.99
N CYS F 213 -41.73 -71.51 -46.25
CA CYS F 213 -40.74 -71.26 -47.28
C CYS F 213 -40.24 -69.82 -47.21
#